data_2KPQ
#
_entry.id   2KPQ
#
_entity_poly.entity_id   1
_entity_poly.type   'polypeptide(L)'
_entity_poly.pdbx_seq_one_letter_code
;MEVQSMLLNDVKWEKPVTISLQNGAPRIFNGVYEAFDFLQHEWPARGDRAHEQALRLCRASLMGDVAGEIARTAFVAASR
QAHCLMEDKAEAPNTIASGS
;
_entity_poly.pdbx_strand_id   A
#
# COMPACT_ATOMS: atom_id res chain seq x y z
N MET A 1 8.85 -26.14 -3.14
CA MET A 1 8.06 -25.51 -4.21
C MET A 1 8.46 -24.05 -4.37
N GLU A 2 8.77 -23.66 -5.60
CA GLU A 2 9.06 -22.26 -5.89
C GLU A 2 7.77 -21.45 -5.80
N VAL A 3 7.66 -20.65 -4.75
CA VAL A 3 6.46 -19.87 -4.52
C VAL A 3 6.43 -18.64 -5.44
N GLN A 4 5.23 -18.13 -5.67
CA GLN A 4 5.06 -16.94 -6.50
C GLN A 4 5.44 -15.68 -5.74
N SER A 5 5.66 -15.86 -4.45
CA SER A 5 6.18 -14.79 -3.61
C SER A 5 7.71 -14.80 -3.68
N MET A 6 8.35 -13.97 -2.88
CA MET A 6 9.81 -13.89 -2.92
C MET A 6 10.40 -14.24 -1.57
N LEU A 7 11.71 -14.37 -1.51
CA LEU A 7 12.40 -14.61 -0.25
C LEU A 7 12.74 -13.28 0.40
N LEU A 8 13.07 -12.29 -0.44
CA LEU A 8 13.34 -10.95 0.04
C LEU A 8 12.02 -10.21 0.30
N ASN A 9 10.94 -10.73 -0.26
CA ASN A 9 9.62 -10.19 -0.02
C ASN A 9 8.71 -11.28 0.50
N ASP A 10 8.65 -11.40 1.82
CA ASP A 10 7.92 -12.47 2.50
C ASP A 10 6.51 -12.61 1.98
N VAL A 11 5.83 -11.48 1.84
CA VAL A 11 4.47 -11.47 1.32
C VAL A 11 4.39 -10.58 0.08
N LYS A 12 4.16 -11.22 -1.05
CA LYS A 12 4.03 -10.51 -2.31
C LYS A 12 2.59 -10.08 -2.51
N TRP A 13 2.39 -8.92 -3.12
CA TRP A 13 1.06 -8.36 -3.29
C TRP A 13 0.46 -8.82 -4.62
N GLU A 14 -0.73 -8.33 -4.93
CA GLU A 14 -1.38 -8.68 -6.18
C GLU A 14 -0.61 -8.09 -7.36
N LYS A 15 0.08 -6.97 -7.09
CA LYS A 15 0.99 -6.27 -8.02
C LYS A 15 0.45 -4.89 -8.47
N PRO A 16 -0.76 -4.79 -9.06
CA PRO A 16 -1.28 -3.51 -9.54
C PRO A 16 -1.72 -2.56 -8.40
N VAL A 17 -0.80 -2.25 -7.50
CA VAL A 17 -1.07 -1.31 -6.41
C VAL A 17 -0.24 -0.05 -6.60
N THR A 18 -0.90 1.03 -6.97
CA THR A 18 -0.23 2.28 -7.30
C THR A 18 -0.42 3.35 -6.23
N ILE A 19 0.69 3.84 -5.69
CA ILE A 19 0.65 4.97 -4.77
C ILE A 19 1.03 6.25 -5.51
N SER A 20 0.12 7.21 -5.53
CA SER A 20 0.38 8.47 -6.22
C SER A 20 1.15 9.42 -5.31
N LEU A 21 2.43 9.59 -5.60
CA LEU A 21 3.27 10.48 -4.81
C LEU A 21 3.20 11.91 -5.35
N GLN A 22 2.87 12.84 -4.47
CA GLN A 22 2.75 14.24 -4.84
C GLN A 22 4.06 14.79 -5.36
N ASN A 23 5.13 14.53 -4.62
CA ASN A 23 6.45 15.03 -4.96
C ASN A 23 7.25 13.98 -5.71
N GLY A 24 6.57 12.96 -6.19
CA GLY A 24 7.24 11.89 -6.92
C GLY A 24 6.45 11.44 -8.12
N ALA A 25 6.02 10.20 -8.10
CA ALA A 25 5.31 9.60 -9.22
C ALA A 25 4.49 8.41 -8.74
N PRO A 26 3.52 7.96 -9.55
CA PRO A 26 2.75 6.73 -9.27
C PRO A 26 3.67 5.53 -9.07
N ARG A 27 3.88 5.16 -7.82
CA ARG A 27 4.77 4.07 -7.47
C ARG A 27 3.98 2.78 -7.28
N ILE A 28 4.20 1.84 -8.18
CA ILE A 28 3.52 0.56 -8.13
C ILE A 28 4.37 -0.45 -7.37
N PHE A 29 3.82 -0.97 -6.28
CA PHE A 29 4.53 -1.93 -5.44
C PHE A 29 4.24 -3.35 -5.90
N ASN A 30 5.18 -4.26 -5.64
CA ASN A 30 5.03 -5.65 -6.01
C ASN A 30 4.79 -6.50 -4.77
N GLY A 31 5.25 -6.01 -3.64
CA GLY A 31 5.13 -6.76 -2.41
C GLY A 31 4.71 -5.91 -1.24
N VAL A 32 4.09 -6.53 -0.25
CA VAL A 32 3.62 -5.82 0.93
C VAL A 32 4.80 -5.39 1.78
N TYR A 33 5.90 -6.13 1.68
CA TYR A 33 7.11 -5.81 2.42
C TYR A 33 7.67 -4.46 1.98
N GLU A 34 7.53 -4.16 0.69
CA GLU A 34 7.98 -2.89 0.15
C GLU A 34 7.14 -1.76 0.75
N ALA A 35 5.83 -1.98 0.75
CA ALA A 35 4.89 -0.99 1.25
C ALA A 35 5.09 -0.72 2.73
N PHE A 36 5.30 -1.78 3.51
CA PHE A 36 5.53 -1.66 4.94
C PHE A 36 6.79 -0.83 5.21
N ASP A 37 7.84 -1.09 4.43
CA ASP A 37 9.08 -0.34 4.56
C ASP A 37 8.88 1.11 4.12
N PHE A 38 8.15 1.28 3.03
CA PHE A 38 7.84 2.60 2.49
C PHE A 38 7.09 3.45 3.51
N LEU A 39 6.18 2.82 4.25
CA LEU A 39 5.37 3.51 5.26
C LEU A 39 6.24 4.14 6.34
N GLN A 40 7.45 3.61 6.53
CA GLN A 40 8.33 4.11 7.58
C GLN A 40 9.35 5.09 7.02
N HIS A 41 9.67 4.94 5.74
CA HIS A 41 10.68 5.79 5.11
C HIS A 41 10.14 7.19 4.81
N GLU A 42 9.35 7.30 3.76
CA GLU A 42 8.89 8.60 3.31
C GLU A 42 7.41 8.59 2.96
N TRP A 43 6.58 8.45 3.98
CA TRP A 43 5.15 8.58 3.84
C TRP A 43 4.78 10.05 4.08
N PRO A 44 4.23 10.74 3.06
CA PRO A 44 3.99 12.18 3.08
C PRO A 44 3.24 12.67 4.34
N ALA A 45 1.96 12.34 4.43
CA ALA A 45 1.17 12.74 5.59
C ALA A 45 0.83 11.52 6.41
N ARG A 46 1.47 11.39 7.56
CA ARG A 46 1.34 10.21 8.40
C ARG A 46 -0.10 10.05 8.87
N GLY A 47 -0.47 10.81 9.89
CA GLY A 47 -1.85 10.89 10.26
C GLY A 47 -2.10 10.54 11.71
N ASP A 48 -2.51 9.31 11.95
CA ASP A 48 -2.89 8.86 13.28
C ASP A 48 -2.99 7.33 13.29
N ARG A 49 -4.00 6.79 13.97
CA ARG A 49 -4.21 5.35 14.10
C ARG A 49 -4.34 4.68 12.73
N ALA A 50 -4.96 5.37 11.77
CA ALA A 50 -5.11 4.81 10.43
C ALA A 50 -3.75 4.50 9.81
N HIS A 51 -2.77 5.36 10.08
CA HIS A 51 -1.41 5.13 9.63
C HIS A 51 -0.85 3.87 10.30
N GLU A 52 -1.09 3.74 11.60
CA GLU A 52 -0.63 2.58 12.35
C GLU A 52 -1.31 1.31 11.86
N GLN A 53 -2.60 1.43 11.51
CA GLN A 53 -3.36 0.30 10.98
C GLN A 53 -2.72 -0.21 9.70
N ALA A 54 -2.23 0.71 8.88
CA ALA A 54 -1.55 0.34 7.65
C ALA A 54 -0.34 -0.54 7.94
N LEU A 55 0.51 -0.09 8.86
CA LEU A 55 1.68 -0.88 9.26
C LEU A 55 1.27 -2.18 9.92
N ARG A 56 0.22 -2.10 10.74
CA ARG A 56 -0.29 -3.24 11.49
C ARG A 56 -0.70 -4.37 10.54
N LEU A 57 -1.51 -4.03 9.55
CA LEU A 57 -2.02 -5.02 8.61
C LEU A 57 -0.91 -5.56 7.72
N CYS A 58 0.05 -4.72 7.38
CA CYS A 58 1.21 -5.17 6.61
C CYS A 58 2.02 -6.19 7.43
N ARG A 59 2.08 -5.96 8.73
CA ARG A 59 2.74 -6.88 9.64
C ARG A 59 2.01 -8.22 9.68
N ALA A 60 0.68 -8.15 9.70
CA ALA A 60 -0.15 -9.35 9.70
C ALA A 60 -0.06 -10.08 8.36
N SER A 61 0.15 -9.32 7.29
CA SER A 61 0.31 -9.90 5.97
C SER A 61 1.57 -10.76 5.90
N LEU A 62 2.58 -10.39 6.68
CA LEU A 62 3.83 -11.14 6.76
C LEU A 62 3.59 -12.54 7.32
N MET A 63 2.53 -12.66 8.13
CA MET A 63 2.18 -13.95 8.73
C MET A 63 1.36 -14.79 7.75
N GLY A 64 0.80 -14.12 6.75
CA GLY A 64 -0.05 -14.80 5.79
C GLY A 64 -1.48 -14.90 6.26
N ASP A 65 -1.92 -13.91 7.03
CA ASP A 65 -3.28 -13.87 7.52
C ASP A 65 -4.08 -12.76 6.86
N VAL A 66 -3.48 -12.12 5.86
CA VAL A 66 -4.15 -11.07 5.12
C VAL A 66 -3.93 -11.29 3.62
N ALA A 67 -4.98 -11.13 2.83
CA ALA A 67 -4.88 -11.32 1.39
C ALA A 67 -4.57 -10.00 0.69
N GLY A 68 -4.24 -10.08 -0.59
CA GLY A 68 -3.80 -8.92 -1.34
C GLY A 68 -4.79 -7.77 -1.36
N GLU A 69 -5.99 -8.04 -1.87
CA GLU A 69 -6.99 -6.98 -2.02
C GLU A 69 -7.51 -6.52 -0.66
N ILE A 70 -7.45 -7.41 0.34
CA ILE A 70 -7.86 -7.08 1.69
C ILE A 70 -6.98 -5.96 2.26
N ALA A 71 -5.67 -6.20 2.26
CA ALA A 71 -4.71 -5.20 2.72
C ALA A 71 -4.74 -3.98 1.82
N ARG A 72 -4.93 -4.22 0.53
CA ARG A 72 -4.99 -3.17 -0.47
C ARG A 72 -6.09 -2.17 -0.16
N THR A 73 -7.30 -2.69 0.09
CA THR A 73 -8.45 -1.84 0.37
C THR A 73 -8.22 -1.02 1.64
N ALA A 74 -7.64 -1.65 2.66
CA ALA A 74 -7.38 -0.97 3.92
C ALA A 74 -6.24 0.03 3.77
N PHE A 75 -5.30 -0.29 2.88
CA PHE A 75 -4.18 0.60 2.60
C PHE A 75 -4.69 1.89 1.96
N VAL A 76 -5.72 1.75 1.13
CA VAL A 76 -6.37 2.90 0.51
C VAL A 76 -7.06 3.75 1.57
N ALA A 77 -7.64 3.09 2.57
CA ALA A 77 -8.30 3.79 3.68
C ALA A 77 -7.28 4.60 4.48
N ALA A 78 -6.08 4.06 4.63
CA ALA A 78 -5.00 4.76 5.31
C ALA A 78 -4.50 5.92 4.45
N SER A 79 -4.39 5.67 3.15
CA SER A 79 -3.99 6.71 2.21
C SER A 79 -5.04 7.81 2.14
N ARG A 80 -6.28 7.45 2.45
CA ARG A 80 -7.39 8.39 2.51
C ARG A 80 -7.15 9.44 3.59
N GLN A 81 -6.66 9.01 4.74
CA GLN A 81 -6.34 9.91 5.83
C GLN A 81 -5.20 10.85 5.42
N ALA A 82 -4.25 10.29 4.69
CA ALA A 82 -3.11 11.06 4.19
C ALA A 82 -3.51 11.95 3.02
N HIS A 83 -4.70 11.69 2.46
CA HIS A 83 -5.21 12.40 1.29
C HIS A 83 -4.29 12.16 0.09
N CYS A 84 -3.63 11.01 0.10
CA CYS A 84 -2.66 10.66 -0.93
C CYS A 84 -3.27 9.63 -1.88
N LEU A 85 -4.59 9.69 -2.00
CA LEU A 85 -5.35 8.72 -2.78
C LEU A 85 -4.95 8.71 -4.25
N MET A 86 -4.86 7.53 -4.83
CA MET A 86 -4.59 7.37 -6.24
C MET A 86 -5.76 7.86 -7.08
N GLU A 87 -5.50 8.79 -7.98
CA GLU A 87 -6.52 9.26 -8.90
C GLU A 87 -6.83 8.17 -9.91
N ASP A 88 -8.07 7.69 -9.88
CA ASP A 88 -8.49 6.54 -10.69
C ASP A 88 -8.31 6.80 -12.19
N LYS A 89 -7.87 5.78 -12.91
CA LYS A 89 -7.65 5.85 -14.34
C LYS A 89 -8.59 4.93 -15.10
N ALA A 90 -8.66 5.12 -16.40
CA ALA A 90 -9.50 4.28 -17.25
C ALA A 90 -8.65 3.54 -18.26
N GLU A 91 -8.86 2.24 -18.39
CA GLU A 91 -8.13 1.44 -19.37
C GLU A 91 -8.79 1.53 -20.73
N ALA A 92 -7.98 1.78 -21.76
CA ALA A 92 -8.47 2.01 -23.12
C ALA A 92 -9.46 3.17 -23.15
N PRO A 93 -8.97 4.40 -22.98
CA PRO A 93 -9.82 5.58 -22.89
C PRO A 93 -10.14 6.20 -24.25
N ASN A 94 -9.47 5.72 -25.30
CA ASN A 94 -9.68 6.26 -26.64
C ASN A 94 -10.37 5.23 -27.52
N THR A 95 -11.68 5.39 -27.66
CA THR A 95 -12.48 4.47 -28.44
C THR A 95 -13.02 5.15 -29.70
N ILE A 96 -13.84 4.44 -30.44
CA ILE A 96 -14.44 4.99 -31.66
C ILE A 96 -15.95 4.72 -31.63
N ALA A 97 -16.72 5.56 -32.31
CA ALA A 97 -18.18 5.46 -32.28
C ALA A 97 -18.65 4.32 -33.16
N SER A 98 -18.02 4.13 -34.31
CA SER A 98 -18.37 3.05 -35.19
C SER A 98 -17.72 1.74 -34.76
N GLY A 99 -18.50 0.88 -34.13
CA GLY A 99 -17.98 -0.40 -33.67
C GLY A 99 -18.95 -1.53 -33.93
N SER A 100 -19.95 -1.65 -33.09
CA SER A 100 -20.97 -2.68 -33.23
C SER A 100 -22.36 -2.05 -33.12
N MET A 1 17.42 1.99 13.55
CA MET A 1 16.77 0.67 13.40
C MET A 1 17.00 0.13 12.00
N GLU A 2 17.47 -1.10 11.91
CA GLU A 2 17.76 -1.72 10.62
C GLU A 2 16.51 -2.28 9.98
N VAL A 3 15.68 -1.39 9.44
CA VAL A 3 14.52 -1.80 8.68
C VAL A 3 14.88 -1.85 7.19
N GLN A 4 15.64 -2.87 6.83
CA GLN A 4 16.21 -2.99 5.50
C GLN A 4 15.15 -3.39 4.48
N SER A 5 15.27 -2.84 3.29
CA SER A 5 14.40 -3.21 2.18
C SER A 5 14.80 -4.59 1.66
N MET A 6 14.03 -5.59 2.03
CA MET A 6 14.32 -6.96 1.61
C MET A 6 13.54 -7.31 0.36
N LEU A 7 14.23 -7.90 -0.60
CA LEU A 7 13.62 -8.26 -1.88
C LEU A 7 12.84 -9.56 -1.74
N LEU A 8 13.22 -10.37 -0.77
CA LEU A 8 12.55 -11.64 -0.53
C LEU A 8 11.26 -11.42 0.23
N ASN A 9 10.15 -11.37 -0.51
CA ASN A 9 8.84 -11.17 0.09
C ASN A 9 8.06 -12.48 0.10
N ASP A 10 7.61 -12.88 1.29
CA ASP A 10 6.78 -14.07 1.43
C ASP A 10 5.51 -13.93 0.59
N VAL A 11 4.86 -12.79 0.73
CA VAL A 11 3.63 -12.53 0.01
C VAL A 11 3.82 -11.40 -0.99
N LYS A 12 3.76 -11.75 -2.26
CA LYS A 12 3.74 -10.76 -3.33
C LYS A 12 2.30 -10.37 -3.60
N TRP A 13 2.05 -9.10 -3.88
CA TRP A 13 0.70 -8.65 -4.15
C TRP A 13 0.28 -9.01 -5.57
N GLU A 14 -0.88 -9.65 -5.67
CA GLU A 14 -1.43 -9.99 -6.97
C GLU A 14 -2.01 -8.75 -7.61
N LYS A 15 -2.81 -8.03 -6.84
CA LYS A 15 -3.32 -6.74 -7.24
C LYS A 15 -2.44 -5.65 -6.63
N PRO A 16 -1.59 -5.02 -7.45
CA PRO A 16 -0.56 -4.10 -7.00
C PRO A 16 -1.12 -2.87 -6.29
N VAL A 17 -0.35 -2.34 -5.35
CA VAL A 17 -0.75 -1.15 -4.62
C VAL A 17 0.02 0.06 -5.15
N THR A 18 -0.66 0.90 -5.89
CA THR A 18 -0.05 2.11 -6.42
C THR A 18 -0.34 3.29 -5.52
N ILE A 19 0.67 3.75 -4.81
CA ILE A 19 0.52 4.90 -3.93
C ILE A 19 1.08 6.15 -4.61
N SER A 20 0.33 7.22 -4.60
CA SER A 20 0.78 8.45 -5.24
C SER A 20 1.29 9.44 -4.21
N LEU A 21 2.55 9.81 -4.34
CA LEU A 21 3.12 10.85 -3.50
C LEU A 21 2.47 12.19 -3.82
N GLN A 22 2.64 13.17 -2.94
CA GLN A 22 1.90 14.43 -3.03
C GLN A 22 2.28 15.24 -4.27
N ASN A 23 3.41 14.89 -4.88
CA ASN A 23 3.84 15.55 -6.12
C ASN A 23 3.35 14.78 -7.34
N GLY A 24 2.46 13.83 -7.11
CA GLY A 24 1.94 13.01 -8.18
C GLY A 24 2.92 11.94 -8.60
N ALA A 25 3.49 11.25 -7.62
CA ALA A 25 4.46 10.21 -7.90
C ALA A 25 3.90 8.85 -7.53
N PRO A 26 3.38 8.11 -8.52
CA PRO A 26 2.80 6.78 -8.32
C PRO A 26 3.87 5.71 -8.14
N ARG A 27 3.89 5.08 -6.98
CA ARG A 27 4.81 3.99 -6.72
C ARG A 27 4.04 2.69 -6.51
N ILE A 28 4.29 1.74 -7.40
CA ILE A 28 3.58 0.48 -7.38
C ILE A 28 4.32 -0.55 -6.53
N PHE A 29 3.68 -0.99 -5.46
CA PHE A 29 4.28 -1.99 -4.58
C PHE A 29 4.14 -3.38 -5.17
N ASN A 30 5.26 -4.07 -5.27
CA ASN A 30 5.30 -5.42 -5.83
C ASN A 30 4.96 -6.43 -4.74
N GLY A 31 5.52 -6.21 -3.56
CA GLY A 31 5.31 -7.12 -2.46
C GLY A 31 4.82 -6.42 -1.22
N VAL A 32 4.24 -7.17 -0.30
CA VAL A 32 3.69 -6.61 0.93
C VAL A 32 4.78 -5.96 1.77
N TYR A 33 5.95 -6.59 1.81
CA TYR A 33 7.06 -6.08 2.62
C TYR A 33 7.55 -4.75 2.06
N GLU A 34 7.48 -4.61 0.74
CA GLU A 34 7.91 -3.38 0.08
C GLU A 34 7.01 -2.21 0.47
N ALA A 35 5.73 -2.50 0.65
CA ALA A 35 4.77 -1.50 1.10
C ALA A 35 5.08 -1.09 2.54
N PHE A 36 5.42 -2.08 3.35
CA PHE A 36 5.77 -1.85 4.75
C PHE A 36 7.02 -0.97 4.85
N ASP A 37 7.99 -1.24 3.98
CA ASP A 37 9.24 -0.46 3.94
C ASP A 37 8.95 1.00 3.64
N PHE A 38 8.20 1.23 2.55
CA PHE A 38 7.88 2.59 2.11
C PHE A 38 7.24 3.41 3.23
N LEU A 39 6.34 2.78 3.97
CA LEU A 39 5.60 3.47 5.03
C LEU A 39 6.52 4.01 6.12
N GLN A 40 7.67 3.36 6.32
CA GLN A 40 8.60 3.79 7.36
C GLN A 40 9.75 4.60 6.77
N HIS A 41 10.08 4.34 5.51
CA HIS A 41 11.17 5.03 4.85
C HIS A 41 10.73 6.38 4.29
N GLU A 42 9.62 6.38 3.58
CA GLU A 42 9.17 7.59 2.90
C GLU A 42 7.65 7.77 3.02
N TRP A 43 7.20 8.23 4.17
CA TRP A 43 5.81 8.57 4.35
C TRP A 43 5.69 10.08 4.51
N PRO A 44 5.17 10.76 3.47
CA PRO A 44 5.11 12.24 3.42
C PRO A 44 3.91 12.82 4.18
N ALA A 45 3.58 12.22 5.32
CA ALA A 45 2.44 12.66 6.11
C ALA A 45 2.49 12.02 7.49
N ARG A 46 1.43 12.19 8.25
CA ARG A 46 1.30 11.55 9.55
C ARG A 46 0.19 10.50 9.52
N GLY A 47 -0.80 10.63 10.40
CA GLY A 47 -1.89 9.67 10.40
C GLY A 47 -2.09 9.05 11.76
N ASP A 48 -0.96 8.85 12.46
CA ASP A 48 -0.94 8.27 13.81
C ASP A 48 -1.57 6.87 13.81
N ARG A 49 -2.87 6.81 14.06
CA ARG A 49 -3.59 5.54 14.09
C ARG A 49 -3.57 4.88 12.72
N ALA A 50 -3.80 5.68 11.69
CA ALA A 50 -3.84 5.17 10.32
C ALA A 50 -2.46 4.65 9.90
N HIS A 51 -1.42 5.28 10.44
CA HIS A 51 -0.05 4.89 10.12
C HIS A 51 0.27 3.54 10.76
N GLU A 52 -0.05 3.39 12.03
CA GLU A 52 0.18 2.15 12.75
C GLU A 52 -0.68 1.03 12.17
N GLN A 53 -1.91 1.35 11.81
CA GLN A 53 -2.80 0.39 11.17
C GLN A 53 -2.20 -0.12 9.86
N ALA A 54 -1.75 0.81 9.02
CA ALA A 54 -1.15 0.46 7.73
C ALA A 54 0.03 -0.48 7.91
N LEU A 55 0.87 -0.20 8.91
CA LEU A 55 2.02 -1.06 9.21
C LEU A 55 1.54 -2.44 9.64
N ARG A 56 0.53 -2.48 10.49
CA ARG A 56 -0.03 -3.72 10.99
C ARG A 56 -0.64 -4.53 9.87
N LEU A 57 -1.33 -3.86 8.95
CA LEU A 57 -1.93 -4.50 7.80
C LEU A 57 -0.87 -5.27 7.00
N CYS A 58 0.22 -4.59 6.70
CA CYS A 58 1.32 -5.19 5.96
C CYS A 58 1.97 -6.31 6.77
N ARG A 59 2.13 -6.07 8.07
CA ARG A 59 2.76 -7.03 8.96
C ARG A 59 1.95 -8.32 9.02
N ALA A 60 0.64 -8.20 9.19
CA ALA A 60 -0.24 -9.36 9.29
C ALA A 60 -0.36 -10.07 7.94
N SER A 61 -0.21 -9.32 6.86
CA SER A 61 -0.25 -9.91 5.52
C SER A 61 1.00 -10.75 5.27
N LEU A 62 2.13 -10.31 5.81
CA LEU A 62 3.38 -11.07 5.72
C LEU A 62 3.29 -12.33 6.58
N MET A 63 2.47 -12.27 7.62
CA MET A 63 2.22 -13.43 8.47
C MET A 63 1.35 -14.44 7.72
N GLY A 64 0.46 -13.93 6.88
CA GLY A 64 -0.41 -14.79 6.10
C GLY A 64 -1.82 -14.83 6.65
N ASP A 65 -2.18 -13.83 7.43
CA ASP A 65 -3.53 -13.76 7.99
C ASP A 65 -4.42 -12.85 7.17
N VAL A 66 -3.81 -11.92 6.45
CA VAL A 66 -4.56 -11.03 5.57
C VAL A 66 -4.44 -11.50 4.13
N ALA A 67 -5.57 -11.88 3.54
CA ALA A 67 -5.57 -12.45 2.19
C ALA A 67 -5.40 -11.39 1.10
N GLY A 68 -4.24 -10.76 1.07
CA GLY A 68 -3.85 -9.89 -0.03
C GLY A 68 -4.70 -8.63 -0.18
N GLU A 69 -5.83 -8.78 -0.87
CA GLU A 69 -6.63 -7.62 -1.27
C GLU A 69 -7.25 -6.90 -0.07
N ILE A 70 -7.44 -7.63 1.02
CA ILE A 70 -7.98 -7.03 2.23
C ILE A 70 -7.06 -5.90 2.71
N ALA A 71 -5.75 -6.15 2.64
CA ALA A 71 -4.77 -5.15 3.01
C ALA A 71 -4.72 -4.04 1.98
N ARG A 72 -4.88 -4.42 0.71
CA ARG A 72 -4.87 -3.46 -0.40
C ARG A 72 -5.97 -2.41 -0.20
N THR A 73 -7.17 -2.90 0.10
CA THR A 73 -8.33 -2.03 0.27
C THR A 73 -8.16 -1.13 1.50
N ALA A 74 -7.69 -1.71 2.60
CA ALA A 74 -7.51 -0.97 3.84
C ALA A 74 -6.39 0.06 3.71
N PHE A 75 -5.34 -0.30 2.97
CA PHE A 75 -4.22 0.59 2.74
C PHE A 75 -4.70 1.88 2.07
N VAL A 76 -5.48 1.73 1.02
CA VAL A 76 -6.04 2.87 0.30
C VAL A 76 -6.99 3.65 1.21
N ALA A 77 -7.79 2.92 1.98
CA ALA A 77 -8.76 3.53 2.89
C ALA A 77 -8.08 4.46 3.89
N ALA A 78 -6.97 4.00 4.46
CA ALA A 78 -6.21 4.79 5.43
C ALA A 78 -5.55 5.99 4.74
N SER A 79 -5.15 5.80 3.50
CA SER A 79 -4.43 6.83 2.75
C SER A 79 -5.37 7.93 2.25
N ARG A 80 -6.68 7.72 2.38
CA ARG A 80 -7.66 8.70 1.91
C ARG A 80 -7.56 9.99 2.72
N GLN A 81 -7.17 9.86 3.98
CA GLN A 81 -7.04 11.03 4.85
C GLN A 81 -5.89 11.92 4.40
N ALA A 82 -4.92 11.33 3.72
CA ALA A 82 -3.78 12.08 3.20
C ALA A 82 -4.20 12.95 2.03
N HIS A 83 -5.37 12.64 1.46
CA HIS A 83 -5.94 13.39 0.35
C HIS A 83 -5.05 13.30 -0.89
N CYS A 84 -4.45 12.14 -1.09
CA CYS A 84 -3.60 11.91 -2.23
C CYS A 84 -3.66 10.44 -2.63
N LEU A 85 -4.57 10.14 -3.55
CA LEU A 85 -4.74 8.78 -4.03
C LEU A 85 -4.55 8.72 -5.53
N MET A 86 -4.66 7.54 -6.12
CA MET A 86 -4.56 7.38 -7.56
C MET A 86 -5.86 7.82 -8.22
N GLU A 87 -6.94 7.73 -7.48
CA GLU A 87 -8.24 8.19 -7.96
C GLU A 87 -8.27 9.71 -7.95
N ASP A 88 -8.04 10.30 -9.11
CA ASP A 88 -8.07 11.75 -9.24
C ASP A 88 -9.50 12.21 -9.51
N LYS A 89 -9.66 13.43 -10.00
CA LYS A 89 -10.98 13.99 -10.22
C LYS A 89 -11.66 13.35 -11.43
N ALA A 90 -12.13 12.14 -11.23
CA ALA A 90 -12.91 11.41 -12.23
C ALA A 90 -14.03 10.67 -11.54
N GLU A 91 -14.99 11.42 -11.00
CA GLU A 91 -16.06 10.85 -10.22
C GLU A 91 -17.25 10.52 -11.10
N ALA A 92 -17.33 9.27 -11.52
CA ALA A 92 -18.44 8.81 -12.33
C ALA A 92 -19.13 7.64 -11.65
N PRO A 93 -20.24 7.92 -10.94
CA PRO A 93 -21.00 6.88 -10.24
C PRO A 93 -21.61 5.86 -11.19
N ASN A 94 -22.47 6.33 -12.09
CA ASN A 94 -23.12 5.46 -13.05
C ASN A 94 -22.33 5.46 -14.36
N THR A 95 -22.74 4.60 -15.28
CA THR A 95 -22.06 4.49 -16.56
C THR A 95 -22.76 5.26 -17.67
N ILE A 96 -22.02 6.18 -18.28
CA ILE A 96 -22.52 6.93 -19.44
C ILE A 96 -21.75 6.45 -20.67
N ALA A 97 -22.42 6.45 -21.82
CA ALA A 97 -21.84 5.94 -23.07
C ALA A 97 -20.73 6.85 -23.62
N SER A 98 -20.23 7.75 -22.79
CA SER A 98 -19.16 8.65 -23.19
C SER A 98 -17.80 8.01 -22.95
N GLY A 99 -17.82 6.71 -22.67
CA GLY A 99 -16.60 5.97 -22.44
C GLY A 99 -15.63 6.05 -23.60
N SER A 100 -14.53 6.73 -23.38
CA SER A 100 -13.52 6.94 -24.40
C SER A 100 -12.14 6.79 -23.77
N MET A 1 18.18 -13.95 14.29
CA MET A 1 18.85 -15.22 13.94
C MET A 1 18.42 -15.68 12.55
N GLU A 2 19.35 -15.69 11.61
CA GLU A 2 19.05 -16.07 10.24
C GLU A 2 18.83 -17.56 10.12
N VAL A 3 17.58 -17.94 9.87
CA VAL A 3 17.25 -19.32 9.58
C VAL A 3 17.27 -19.53 8.06
N GLN A 4 17.70 -20.71 7.64
CA GLN A 4 17.84 -21.02 6.22
C GLN A 4 16.49 -20.92 5.50
N SER A 5 15.46 -21.46 6.14
CA SER A 5 14.11 -21.37 5.60
C SER A 5 13.21 -20.73 6.65
N MET A 6 12.50 -19.68 6.26
CA MET A 6 11.66 -18.94 7.19
C MET A 6 10.22 -19.40 7.09
N LEU A 7 9.53 -19.39 8.23
CA LEU A 7 8.10 -19.70 8.24
C LEU A 7 7.32 -18.53 7.63
N LEU A 8 7.79 -17.33 7.90
CA LEU A 8 7.22 -16.14 7.28
C LEU A 8 7.87 -15.91 5.92
N ASN A 9 7.06 -15.92 4.89
CA ASN A 9 7.57 -15.86 3.53
C ASN A 9 7.43 -14.46 2.95
N ASP A 10 8.14 -14.20 1.87
CA ASP A 10 8.03 -12.95 1.16
C ASP A 10 6.69 -12.86 0.48
N VAL A 11 5.77 -12.13 1.09
CA VAL A 11 4.42 -12.06 0.59
C VAL A 11 4.29 -10.92 -0.41
N LYS A 12 4.23 -11.28 -1.67
CA LYS A 12 4.03 -10.31 -2.72
C LYS A 12 2.54 -10.13 -2.95
N TRP A 13 2.17 -9.00 -3.53
CA TRP A 13 0.78 -8.72 -3.82
C TRP A 13 0.43 -9.25 -5.20
N GLU A 14 -0.75 -8.88 -5.68
CA GLU A 14 -1.15 -9.22 -7.04
C GLU A 14 -0.21 -8.57 -8.04
N LYS A 15 -0.11 -7.24 -7.97
CA LYS A 15 0.83 -6.49 -8.79
C LYS A 15 0.76 -4.99 -8.48
N PRO A 16 -0.42 -4.34 -8.65
CA PRO A 16 -0.52 -2.90 -8.54
C PRO A 16 -0.85 -2.39 -7.13
N VAL A 17 -0.06 -1.43 -6.66
CA VAL A 17 -0.38 -0.65 -5.49
C VAL A 17 0.06 0.79 -5.76
N THR A 18 -0.84 1.58 -6.33
CA THR A 18 -0.49 2.92 -6.81
C THR A 18 -0.63 3.98 -5.71
N ILE A 19 0.52 4.45 -5.23
CA ILE A 19 0.55 5.56 -4.27
C ILE A 19 1.18 6.78 -4.91
N SER A 20 0.36 7.77 -5.28
CA SER A 20 0.87 8.99 -5.88
C SER A 20 1.39 9.94 -4.81
N LEU A 21 2.71 9.98 -4.65
CA LEU A 21 3.33 10.84 -3.66
C LEU A 21 3.24 12.30 -4.06
N GLN A 22 3.09 13.17 -3.07
CA GLN A 22 3.08 14.62 -3.29
C GLN A 22 4.40 15.07 -3.90
N ASN A 23 5.41 14.22 -3.78
CA ASN A 23 6.73 14.48 -4.35
C ASN A 23 6.66 14.44 -5.89
N GLY A 24 5.55 13.94 -6.41
CA GLY A 24 5.37 13.87 -7.85
C GLY A 24 5.78 12.51 -8.40
N ALA A 25 5.38 11.46 -7.72
CA ALA A 25 5.74 10.10 -8.13
C ALA A 25 4.71 9.08 -7.65
N PRO A 26 3.94 8.51 -8.57
CA PRO A 26 3.04 7.39 -8.27
C PRO A 26 3.81 6.08 -8.17
N ARG A 27 4.15 5.71 -6.93
CA ARG A 27 4.90 4.49 -6.69
C ARG A 27 3.99 3.29 -6.66
N ILE A 28 4.19 2.38 -7.58
CA ILE A 28 3.41 1.16 -7.65
C ILE A 28 4.17 0.02 -6.97
N PHE A 29 3.73 -0.36 -5.79
CA PHE A 29 4.35 -1.44 -5.04
C PHE A 29 3.77 -2.77 -5.52
N ASN A 30 4.60 -3.81 -5.53
CA ASN A 30 4.15 -5.12 -6.00
C ASN A 30 4.23 -6.16 -4.89
N GLY A 31 4.78 -5.75 -3.76
CA GLY A 31 4.87 -6.65 -2.63
C GLY A 31 4.47 -5.98 -1.34
N VAL A 32 4.08 -6.78 -0.36
CA VAL A 32 3.58 -6.25 0.90
C VAL A 32 4.71 -5.66 1.74
N TYR A 33 5.91 -6.25 1.60
CA TYR A 33 7.06 -5.79 2.37
C TYR A 33 7.48 -4.40 1.95
N GLU A 34 7.36 -4.11 0.66
CA GLU A 34 7.71 -2.79 0.14
C GLU A 34 6.82 -1.72 0.75
N ALA A 35 5.54 -2.03 0.88
CA ALA A 35 4.57 -1.09 1.43
C ALA A 35 4.88 -0.81 2.91
N PHE A 36 5.18 -1.86 3.66
CA PHE A 36 5.51 -1.74 5.07
C PHE A 36 6.75 -0.88 5.26
N ASP A 37 7.77 -1.13 4.43
CA ASP A 37 9.02 -0.41 4.51
C ASP A 37 8.83 1.05 4.11
N PHE A 38 8.03 1.26 3.06
CA PHE A 38 7.72 2.59 2.56
C PHE A 38 7.07 3.46 3.64
N LEU A 39 6.18 2.85 4.42
CA LEU A 39 5.43 3.58 5.44
C LEU A 39 6.35 4.22 6.48
N GLN A 40 7.51 3.63 6.68
CA GLN A 40 8.47 4.18 7.65
C GLN A 40 9.44 5.13 6.97
N HIS A 41 9.39 5.17 5.64
CA HIS A 41 10.32 5.98 4.87
C HIS A 41 9.70 7.31 4.46
N GLU A 42 8.97 7.30 3.35
CA GLU A 42 8.55 8.54 2.71
C GLU A 42 7.03 8.69 2.69
N TRP A 43 6.37 8.26 3.76
CA TRP A 43 4.94 8.51 3.89
C TRP A 43 4.72 10.02 4.07
N PRO A 44 4.13 10.68 3.06
CA PRO A 44 4.08 12.14 2.97
C PRO A 44 2.91 12.76 3.73
N ALA A 45 2.49 12.11 4.79
CA ALA A 45 1.40 12.60 5.61
C ALA A 45 1.48 12.00 7.00
N ARG A 46 0.48 12.28 7.83
CA ARG A 46 0.39 11.68 9.14
C ARG A 46 -0.41 10.39 9.07
N GLY A 47 -0.78 9.87 10.23
CA GLY A 47 -1.61 8.68 10.27
C GLY A 47 -1.75 8.17 11.68
N ASP A 48 -0.62 8.07 12.37
CA ASP A 48 -0.56 7.59 13.75
C ASP A 48 -1.19 6.20 13.89
N ARG A 49 -2.49 6.17 14.18
CA ARG A 49 -3.20 4.91 14.37
C ARG A 49 -3.73 4.39 13.04
N ALA A 50 -4.04 5.29 12.12
CA ALA A 50 -4.40 4.90 10.77
C ALA A 50 -3.15 4.41 10.04
N HIS A 51 -2.01 4.98 10.46
CA HIS A 51 -0.72 4.56 9.94
C HIS A 51 -0.38 3.18 10.49
N GLU A 52 -0.68 2.98 11.78
CA GLU A 52 -0.53 1.68 12.42
C GLU A 52 -1.43 0.64 11.75
N GLN A 53 -2.64 1.05 11.40
CA GLN A 53 -3.56 0.18 10.67
C GLN A 53 -2.89 -0.35 9.41
N ALA A 54 -2.30 0.55 8.64
CA ALA A 54 -1.61 0.19 7.40
C ALA A 54 -0.41 -0.71 7.68
N LEU A 55 0.36 -0.36 8.71
CA LEU A 55 1.52 -1.16 9.13
C LEU A 55 1.08 -2.57 9.52
N ARG A 56 -0.03 -2.63 10.25
CA ARG A 56 -0.55 -3.89 10.75
C ARG A 56 -1.02 -4.78 9.60
N LEU A 57 -1.66 -4.15 8.61
CA LEU A 57 -2.11 -4.86 7.42
C LEU A 57 -0.93 -5.56 6.75
N CYS A 58 0.12 -4.80 6.49
CA CYS A 58 1.32 -5.33 5.86
C CYS A 58 1.98 -6.38 6.74
N ARG A 59 1.99 -6.11 8.04
CA ARG A 59 2.60 -6.99 9.02
C ARG A 59 1.89 -8.34 9.06
N ALA A 60 0.56 -8.30 9.19
CA ALA A 60 -0.24 -9.50 9.30
C ALA A 60 -0.24 -10.29 7.99
N SER A 61 -0.13 -9.60 6.87
CA SER A 61 -0.05 -10.26 5.58
C SER A 61 1.26 -11.04 5.46
N LEU A 62 2.35 -10.43 5.94
CA LEU A 62 3.64 -11.10 5.96
C LEU A 62 3.63 -12.26 6.96
N MET A 63 2.78 -12.15 7.97
CA MET A 63 2.59 -13.23 8.93
C MET A 63 1.71 -14.33 8.36
N GLY A 64 1.12 -14.07 7.19
CA GLY A 64 0.30 -15.06 6.53
C GLY A 64 -1.13 -15.08 7.06
N ASP A 65 -1.54 -13.99 7.69
CA ASP A 65 -2.88 -13.89 8.24
C ASP A 65 -3.83 -13.25 7.23
N VAL A 66 -3.47 -12.08 6.74
CA VAL A 66 -4.28 -11.37 5.76
C VAL A 66 -3.98 -11.89 4.36
N ALA A 67 -5.04 -12.18 3.60
CA ALA A 67 -4.91 -12.77 2.27
C ALA A 67 -4.60 -11.73 1.19
N GLY A 68 -3.95 -10.63 1.58
CA GLY A 68 -3.51 -9.65 0.62
C GLY A 68 -4.59 -8.67 0.19
N GLU A 69 -5.72 -9.19 -0.28
CA GLU A 69 -6.82 -8.37 -0.79
C GLU A 69 -7.31 -7.39 0.27
N ILE A 70 -7.63 -7.92 1.45
CA ILE A 70 -8.12 -7.12 2.56
C ILE A 70 -7.13 -6.01 2.90
N ALA A 71 -5.85 -6.31 2.77
CA ALA A 71 -4.80 -5.35 3.08
C ALA A 71 -4.82 -4.17 2.11
N ARG A 72 -5.13 -4.46 0.84
CA ARG A 72 -5.16 -3.41 -0.18
C ARG A 72 -6.27 -2.40 0.11
N THR A 73 -7.48 -2.90 0.27
CA THR A 73 -8.65 -2.06 0.48
C THR A 73 -8.46 -1.15 1.69
N ALA A 74 -8.01 -1.71 2.80
CA ALA A 74 -7.85 -0.95 4.03
C ALA A 74 -6.65 0.00 3.94
N PHE A 75 -5.64 -0.40 3.17
CA PHE A 75 -4.46 0.44 2.96
C PHE A 75 -4.84 1.70 2.20
N VAL A 76 -5.67 1.53 1.17
CA VAL A 76 -6.16 2.65 0.38
C VAL A 76 -7.09 3.53 1.24
N ALA A 77 -7.76 2.92 2.20
CA ALA A 77 -8.61 3.65 3.12
C ALA A 77 -7.79 4.52 4.06
N ALA A 78 -6.63 4.01 4.47
CA ALA A 78 -5.72 4.76 5.32
C ALA A 78 -5.00 5.85 4.51
N SER A 79 -4.81 5.59 3.23
CA SER A 79 -4.11 6.54 2.35
C SER A 79 -4.95 7.78 2.07
N ARG A 80 -6.17 7.81 2.59
CA ARG A 80 -7.05 8.96 2.42
C ARG A 80 -6.47 10.18 3.13
N GLN A 81 -5.78 9.96 4.24
CA GLN A 81 -5.18 11.04 5.00
C GLN A 81 -4.03 11.68 4.23
N ALA A 82 -3.36 10.88 3.41
CA ALA A 82 -2.28 11.38 2.57
C ALA A 82 -2.84 11.99 1.28
N HIS A 83 -4.10 11.65 0.99
CA HIS A 83 -4.80 12.12 -0.20
C HIS A 83 -4.17 11.55 -1.47
N CYS A 84 -3.38 10.51 -1.30
CA CYS A 84 -2.73 9.83 -2.42
C CYS A 84 -3.66 8.78 -3.01
N LEU A 85 -4.95 9.08 -3.01
CA LEU A 85 -5.96 8.14 -3.46
C LEU A 85 -5.93 7.94 -4.95
N MET A 86 -5.64 6.72 -5.34
CA MET A 86 -5.62 6.34 -6.74
C MET A 86 -6.29 4.99 -6.94
N GLU A 87 -7.08 4.89 -7.99
CA GLU A 87 -7.62 3.59 -8.40
C GLU A 87 -6.70 3.01 -9.46
N ASP A 88 -6.31 1.75 -9.28
CA ASP A 88 -5.28 1.14 -10.12
C ASP A 88 -5.73 1.01 -11.57
N LYS A 89 -4.79 0.61 -12.42
CA LYS A 89 -4.99 0.58 -13.85
C LYS A 89 -5.62 -0.73 -14.31
N ALA A 90 -6.25 -1.46 -13.38
CA ALA A 90 -6.93 -2.69 -13.72
C ALA A 90 -8.25 -2.38 -14.43
N GLU A 91 -8.85 -1.26 -14.02
CA GLU A 91 -10.06 -0.76 -14.64
C GLU A 91 -9.88 0.72 -14.97
N ALA A 92 -10.98 1.47 -15.07
CA ALA A 92 -10.96 2.91 -15.33
C ALA A 92 -10.51 3.21 -16.75
N PRO A 93 -11.49 3.36 -17.67
CA PRO A 93 -11.21 3.67 -19.07
C PRO A 93 -10.88 5.15 -19.28
N ASN A 94 -11.54 6.02 -18.52
CA ASN A 94 -11.32 7.44 -18.62
C ASN A 94 -11.18 8.04 -17.24
N THR A 95 -10.43 9.13 -17.13
CA THR A 95 -10.29 9.83 -15.86
C THR A 95 -11.61 10.49 -15.47
N ILE A 96 -12.48 10.65 -16.46
CA ILE A 96 -13.82 11.18 -16.25
C ILE A 96 -14.65 10.18 -15.44
N ALA A 97 -14.25 8.92 -15.51
CA ALA A 97 -14.94 7.85 -14.81
C ALA A 97 -14.15 7.42 -13.58
N SER A 98 -14.75 6.57 -12.77
CA SER A 98 -14.09 6.03 -11.58
C SER A 98 -14.65 4.65 -11.26
N GLY A 99 -14.10 4.00 -10.23
CA GLY A 99 -14.60 2.70 -9.82
C GLY A 99 -16.00 2.78 -9.26
N SER A 100 -16.35 3.94 -8.72
CA SER A 100 -17.69 4.17 -8.20
C SER A 100 -18.55 4.81 -9.27
N MET A 1 24.43 -14.33 25.86
CA MET A 1 24.12 -13.27 24.89
C MET A 1 23.48 -13.88 23.65
N GLU A 2 22.17 -14.01 23.69
CA GLU A 2 21.44 -14.67 22.61
C GLU A 2 20.61 -13.67 21.83
N VAL A 3 20.87 -13.54 20.54
CA VAL A 3 20.08 -12.67 19.69
C VAL A 3 19.27 -13.50 18.69
N GLN A 4 17.99 -13.65 18.98
CA GLN A 4 17.09 -14.39 18.10
C GLN A 4 16.61 -13.48 16.98
N SER A 5 17.07 -13.75 15.78
CA SER A 5 16.69 -12.95 14.63
C SER A 5 15.47 -13.55 13.93
N MET A 6 14.34 -12.86 14.02
CA MET A 6 13.13 -13.31 13.35
C MET A 6 13.28 -13.10 11.85
N LEU A 7 13.31 -14.19 11.11
CA LEU A 7 13.49 -14.14 9.66
C LEU A 7 12.28 -13.49 9.00
N LEU A 8 12.55 -12.64 8.02
CA LEU A 8 11.50 -11.90 7.34
C LEU A 8 10.87 -12.76 6.24
N ASN A 9 9.57 -12.57 6.03
CA ASN A 9 8.86 -13.29 4.99
C ASN A 9 8.50 -12.33 3.87
N ASP A 10 8.15 -12.86 2.70
CA ASP A 10 7.81 -12.04 1.56
C ASP A 10 6.48 -12.46 0.95
N VAL A 11 5.64 -11.47 0.65
CA VAL A 11 4.38 -11.72 -0.02
C VAL A 11 4.08 -10.58 -1.00
N LYS A 12 3.70 -10.95 -2.21
CA LYS A 12 3.45 -9.96 -3.24
C LYS A 12 1.96 -9.67 -3.36
N TRP A 13 1.63 -8.60 -4.08
CA TRP A 13 0.25 -8.21 -4.28
C TRP A 13 -0.26 -8.66 -5.63
N GLU A 14 -1.48 -9.16 -5.65
CA GLU A 14 -2.10 -9.65 -6.87
C GLU A 14 -2.55 -8.46 -7.73
N LYS A 15 -2.93 -7.39 -7.07
CA LYS A 15 -3.29 -6.15 -7.74
C LYS A 15 -2.46 -5.01 -7.16
N PRO A 16 -1.44 -4.57 -7.90
CA PRO A 16 -0.48 -3.54 -7.44
C PRO A 16 -1.15 -2.32 -6.84
N VAL A 17 -0.57 -1.80 -5.77
CA VAL A 17 -1.12 -0.64 -5.09
C VAL A 17 -0.30 0.60 -5.39
N THR A 18 -0.93 1.57 -6.02
CA THR A 18 -0.27 2.81 -6.40
C THR A 18 -0.49 3.88 -5.33
N ILE A 19 0.57 4.27 -4.63
CA ILE A 19 0.47 5.34 -3.66
C ILE A 19 0.86 6.65 -4.32
N SER A 20 -0.02 7.63 -4.28
CA SER A 20 0.22 8.90 -4.92
C SER A 20 0.85 9.88 -3.94
N LEU A 21 2.16 10.04 -4.05
CA LEU A 21 2.88 10.96 -3.19
C LEU A 21 2.69 12.39 -3.69
N GLN A 22 2.60 13.32 -2.75
CA GLN A 22 2.27 14.71 -3.06
C GLN A 22 3.26 15.34 -4.04
N ASN A 23 4.48 14.84 -4.04
CA ASN A 23 5.52 15.37 -4.92
C ASN A 23 5.31 14.90 -6.36
N GLY A 24 4.27 14.10 -6.56
CA GLY A 24 3.94 13.64 -7.89
C GLY A 24 4.62 12.33 -8.21
N ALA A 25 4.75 11.47 -7.22
CA ALA A 25 5.41 10.20 -7.38
C ALA A 25 4.46 9.05 -7.09
N PRO A 26 3.90 8.42 -8.12
CA PRO A 26 3.05 7.23 -7.97
C PRO A 26 3.90 5.98 -7.75
N ARG A 27 4.06 5.60 -6.50
CA ARG A 27 4.87 4.45 -6.17
C ARG A 27 4.02 3.19 -6.20
N ILE A 28 4.29 2.33 -7.16
CA ILE A 28 3.53 1.10 -7.34
C ILE A 28 4.11 -0.02 -6.50
N PHE A 29 3.40 -0.41 -5.47
CA PHE A 29 3.83 -1.50 -4.60
C PHE A 29 3.50 -2.85 -5.22
N ASN A 30 4.52 -3.63 -5.50
CA ASN A 30 4.34 -4.95 -6.06
C ASN A 30 4.21 -5.97 -4.95
N GLY A 31 4.68 -5.59 -3.76
CA GLY A 31 4.63 -6.48 -2.63
C GLY A 31 4.24 -5.76 -1.37
N VAL A 32 3.69 -6.50 -0.42
CA VAL A 32 3.21 -5.92 0.82
C VAL A 32 4.37 -5.42 1.67
N TYR A 33 5.53 -6.09 1.54
CA TYR A 33 6.71 -5.70 2.29
C TYR A 33 7.19 -4.32 1.87
N GLU A 34 7.10 -4.02 0.57
CA GLU A 34 7.53 -2.73 0.04
C GLU A 34 6.71 -1.61 0.65
N ALA A 35 5.42 -1.86 0.83
CA ALA A 35 4.53 -0.91 1.44
C ALA A 35 4.92 -0.67 2.89
N PHE A 36 5.14 -1.76 3.61
CA PHE A 36 5.58 -1.70 5.00
C PHE A 36 6.90 -0.93 5.11
N ASP A 37 7.85 -1.31 4.26
CA ASP A 37 9.17 -0.68 4.22
C ASP A 37 9.06 0.83 3.99
N PHE A 38 8.30 1.20 2.97
CA PHE A 38 8.14 2.60 2.60
C PHE A 38 7.57 3.43 3.75
N LEU A 39 6.56 2.88 4.40
CA LEU A 39 5.87 3.58 5.48
C LEU A 39 6.82 3.96 6.60
N GLN A 40 7.78 3.10 6.89
CA GLN A 40 8.74 3.37 7.96
C GLN A 40 10.00 4.03 7.43
N HIS A 41 10.16 4.04 6.11
CA HIS A 41 11.31 4.70 5.49
C HIS A 41 11.04 6.19 5.40
N GLU A 42 10.00 6.55 4.66
CA GLU A 42 9.59 7.93 4.55
C GLU A 42 8.13 8.00 4.14
N TRP A 43 7.29 8.22 5.12
CA TRP A 43 5.87 8.46 4.89
C TRP A 43 5.62 9.97 4.93
N PRO A 44 5.59 10.61 3.75
CA PRO A 44 5.47 12.07 3.66
C PRO A 44 4.05 12.56 3.91
N ALA A 45 3.09 11.66 3.80
CA ALA A 45 1.70 11.98 4.00
C ALA A 45 1.33 11.89 5.48
N ARG A 46 0.04 11.88 5.77
CA ARG A 46 -0.42 11.82 7.15
C ARG A 46 -1.52 10.79 7.30
N GLY A 47 -1.95 10.53 8.52
CA GLY A 47 -2.95 9.51 8.77
C GLY A 47 -2.98 9.08 10.21
N ASP A 48 -1.81 9.12 10.86
CA ASP A 48 -1.68 8.86 12.29
C ASP A 48 -1.89 7.38 12.58
N ARG A 49 -3.07 7.01 13.07
CA ARG A 49 -3.36 5.61 13.33
C ARG A 49 -3.68 4.88 12.02
N ALA A 50 -4.08 5.64 11.01
CA ALA A 50 -4.28 5.08 9.68
C ALA A 50 -2.93 4.63 9.12
N HIS A 51 -1.89 5.37 9.49
CA HIS A 51 -0.53 5.01 9.14
C HIS A 51 -0.13 3.72 9.86
N GLU A 52 -0.48 3.64 11.13
CA GLU A 52 -0.18 2.45 11.92
C GLU A 52 -0.95 1.23 11.41
N GLN A 53 -2.22 1.43 11.10
CA GLN A 53 -3.05 0.35 10.56
C GLN A 53 -2.43 -0.25 9.31
N ALA A 54 -1.94 0.62 8.43
CA ALA A 54 -1.27 0.18 7.21
C ALA A 54 -0.08 -0.70 7.55
N LEU A 55 0.78 -0.23 8.45
CA LEU A 55 1.94 -0.99 8.89
C LEU A 55 1.54 -2.33 9.50
N ARG A 56 0.60 -2.28 10.44
CA ARG A 56 0.14 -3.47 11.14
C ARG A 56 -0.35 -4.52 10.17
N LEU A 57 -1.18 -4.11 9.22
CA LEU A 57 -1.75 -5.03 8.24
C LEU A 57 -0.69 -5.55 7.29
N CYS A 58 0.25 -4.69 6.91
CA CYS A 58 1.35 -5.10 6.04
C CYS A 58 2.17 -6.20 6.70
N ARG A 59 2.50 -6.02 7.98
CA ARG A 59 3.27 -7.01 8.70
C ARG A 59 2.46 -8.28 8.94
N ALA A 60 1.16 -8.11 9.17
CA ALA A 60 0.26 -9.24 9.37
C ALA A 60 0.10 -10.04 8.08
N SER A 61 0.23 -9.36 6.94
CA SER A 61 0.21 -10.03 5.65
C SER A 61 1.47 -10.85 5.47
N LEU A 62 2.59 -10.33 5.98
CA LEU A 62 3.85 -11.05 5.95
C LEU A 62 3.78 -12.29 6.83
N MET A 63 2.96 -12.20 7.88
CA MET A 63 2.71 -13.33 8.77
C MET A 63 1.83 -14.36 8.08
N GLY A 64 1.22 -13.97 6.98
CA GLY A 64 0.38 -14.88 6.22
C GLY A 64 -1.05 -14.87 6.71
N ASP A 65 -1.39 -13.88 7.53
CA ASP A 65 -2.74 -13.78 8.08
C ASP A 65 -3.65 -12.94 7.21
N VAL A 66 -3.19 -11.76 6.85
CA VAL A 66 -4.00 -10.84 6.06
C VAL A 66 -3.88 -11.17 4.58
N ALA A 67 -5.03 -11.32 3.93
CA ALA A 67 -5.07 -11.60 2.51
C ALA A 67 -4.75 -10.34 1.70
N GLY A 68 -4.28 -10.55 0.47
CA GLY A 68 -3.85 -9.45 -0.36
C GLY A 68 -4.91 -8.38 -0.54
N GLU A 69 -6.16 -8.81 -0.76
CA GLU A 69 -7.26 -7.88 -0.98
C GLU A 69 -7.51 -7.02 0.24
N ILE A 70 -7.60 -7.67 1.40
CA ILE A 70 -7.87 -6.97 2.66
C ILE A 70 -6.82 -5.88 2.90
N ALA A 71 -5.55 -6.25 2.75
CA ALA A 71 -4.45 -5.32 2.96
C ALA A 71 -4.54 -4.16 1.97
N ARG A 72 -4.87 -4.47 0.72
CA ARG A 72 -4.95 -3.45 -0.32
C ARG A 72 -6.11 -2.49 -0.06
N THR A 73 -7.31 -3.03 0.14
CA THR A 73 -8.50 -2.22 0.35
C THR A 73 -8.34 -1.30 1.57
N ALA A 74 -7.72 -1.82 2.62
CA ALA A 74 -7.49 -1.03 3.83
C ALA A 74 -6.44 0.05 3.57
N PHE A 75 -5.49 -0.23 2.69
CA PHE A 75 -4.46 0.73 2.34
C PHE A 75 -5.07 1.84 1.47
N VAL A 76 -6.08 1.48 0.70
CA VAL A 76 -6.83 2.45 -0.09
C VAL A 76 -7.51 3.46 0.82
N ALA A 77 -8.08 2.97 1.91
CA ALA A 77 -8.70 3.84 2.90
C ALA A 77 -7.65 4.70 3.60
N ALA A 78 -6.49 4.12 3.83
CA ALA A 78 -5.39 4.83 4.47
C ALA A 78 -4.86 5.94 3.58
N SER A 79 -4.63 5.62 2.30
CA SER A 79 -4.12 6.60 1.34
C SER A 79 -5.18 7.64 1.02
N ARG A 80 -6.45 7.29 1.24
CA ARG A 80 -7.56 8.23 1.09
C ARG A 80 -7.41 9.36 2.11
N GLN A 81 -7.08 9.01 3.34
CA GLN A 81 -6.89 9.99 4.39
C GLN A 81 -5.53 10.66 4.25
N ALA A 82 -4.60 9.95 3.61
CA ALA A 82 -3.25 10.45 3.39
C ALA A 82 -3.25 11.68 2.49
N HIS A 83 -3.78 11.53 1.28
CA HIS A 83 -3.82 12.63 0.32
C HIS A 83 -4.63 12.25 -0.91
N CYS A 84 -4.25 11.16 -1.55
CA CYS A 84 -4.85 10.75 -2.80
C CYS A 84 -4.71 9.25 -3.02
N LEU A 85 -5.77 8.53 -2.70
CA LEU A 85 -5.87 7.11 -3.00
C LEU A 85 -5.85 6.89 -4.50
N MET A 86 -5.21 5.83 -4.94
CA MET A 86 -5.12 5.53 -6.37
C MET A 86 -5.53 4.09 -6.65
N GLU A 87 -5.66 3.78 -7.93
CA GLU A 87 -6.10 2.46 -8.35
C GLU A 87 -4.96 1.72 -9.04
N ASP A 88 -5.28 0.57 -9.60
CA ASP A 88 -4.35 -0.17 -10.41
C ASP A 88 -4.70 0.05 -11.88
N LYS A 89 -3.69 0.36 -12.68
CA LYS A 89 -3.91 0.73 -14.07
C LYS A 89 -4.19 -0.50 -14.92
N ALA A 90 -5.23 -0.41 -15.75
CA ALA A 90 -5.58 -1.51 -16.64
C ALA A 90 -4.50 -1.72 -17.69
N GLU A 91 -3.68 -0.69 -17.90
CA GLU A 91 -2.55 -0.77 -18.80
C GLU A 91 -1.39 -1.45 -18.10
N ALA A 92 -1.46 -2.77 -18.02
CA ALA A 92 -0.43 -3.57 -17.39
C ALA A 92 0.04 -4.70 -18.33
N PRO A 93 -0.89 -5.53 -18.88
CA PRO A 93 -0.53 -6.54 -19.86
C PRO A 93 0.02 -5.91 -21.14
N ASN A 94 0.73 -6.69 -21.94
CA ASN A 94 1.36 -6.19 -23.15
C ASN A 94 0.29 -5.78 -24.16
N THR A 95 -0.75 -6.59 -24.26
CA THR A 95 -1.88 -6.26 -25.12
C THR A 95 -3.15 -6.15 -24.28
N ILE A 96 -4.08 -5.32 -24.73
CA ILE A 96 -5.35 -5.16 -24.06
C ILE A 96 -6.41 -6.00 -24.77
N ALA A 97 -6.99 -6.96 -24.06
CA ALA A 97 -7.96 -7.88 -24.63
C ALA A 97 -9.20 -7.15 -25.12
N SER A 98 -9.75 -6.31 -24.27
CA SER A 98 -10.93 -5.54 -24.62
C SER A 98 -10.53 -4.21 -25.26
N GLY A 99 -10.40 -4.23 -26.57
CA GLY A 99 -9.97 -3.04 -27.28
C GLY A 99 -9.03 -3.39 -28.41
N SER A 100 -8.18 -2.44 -28.79
CA SER A 100 -7.20 -2.67 -29.82
C SER A 100 -5.95 -1.83 -29.55
N MET A 1 14.23 -18.59 -10.41
CA MET A 1 13.11 -19.01 -9.53
C MET A 1 13.42 -18.62 -8.10
N GLU A 2 12.54 -17.81 -7.51
CA GLU A 2 12.75 -17.31 -6.15
C GLU A 2 12.51 -18.39 -5.11
N VAL A 3 13.59 -19.01 -4.67
CA VAL A 3 13.53 -20.00 -3.59
C VAL A 3 14.32 -19.49 -2.38
N GLN A 4 13.95 -19.99 -1.19
CA GLN A 4 14.60 -19.57 0.06
C GLN A 4 14.30 -18.11 0.36
N SER A 5 13.32 -17.88 1.21
CA SER A 5 12.83 -16.55 1.52
C SER A 5 13.90 -15.66 2.15
N MET A 6 13.95 -14.41 1.71
CA MET A 6 14.82 -13.42 2.32
C MET A 6 14.20 -12.93 3.62
N LEU A 7 12.87 -12.99 3.67
CA LEU A 7 12.13 -12.68 4.88
C LEU A 7 11.77 -13.99 5.58
N LEU A 8 10.74 -13.96 6.41
CA LEU A 8 10.26 -15.17 7.04
C LEU A 8 9.20 -15.81 6.15
N ASN A 9 8.15 -15.05 5.89
CA ASN A 9 7.10 -15.48 4.97
C ASN A 9 6.90 -14.39 3.93
N ASP A 10 6.87 -14.78 2.66
CA ASP A 10 6.78 -13.82 1.56
C ASP A 10 5.32 -13.58 1.19
N VAL A 11 4.92 -12.33 1.22
CA VAL A 11 3.59 -11.95 0.77
C VAL A 11 3.68 -10.84 -0.27
N LYS A 12 3.18 -11.14 -1.46
CA LYS A 12 3.21 -10.19 -2.57
C LYS A 12 1.80 -9.99 -3.09
N TRP A 13 1.60 -8.95 -3.88
CA TRP A 13 0.26 -8.58 -4.30
C TRP A 13 -0.10 -9.13 -5.67
N GLU A 14 -1.36 -9.51 -5.79
CA GLU A 14 -1.92 -9.91 -7.07
C GLU A 14 -2.28 -8.67 -7.87
N LYS A 15 -2.53 -7.59 -7.14
CA LYS A 15 -2.82 -6.30 -7.74
C LYS A 15 -1.86 -5.26 -7.15
N PRO A 16 -0.87 -4.83 -7.93
CA PRO A 16 0.15 -3.87 -7.48
C PRO A 16 -0.47 -2.57 -6.96
N VAL A 17 0.08 -2.05 -5.88
CA VAL A 17 -0.46 -0.86 -5.25
C VAL A 17 0.29 0.40 -5.72
N THR A 18 -0.45 1.31 -6.34
CA THR A 18 0.12 2.54 -6.85
C THR A 18 -0.11 3.69 -5.88
N ILE A 19 0.95 4.12 -5.22
CA ILE A 19 0.88 5.24 -4.29
C ILE A 19 1.33 6.51 -4.97
N SER A 20 0.42 7.45 -5.14
CA SER A 20 0.74 8.74 -5.72
C SER A 20 1.35 9.65 -4.66
N LEU A 21 2.65 9.86 -4.77
CA LEU A 21 3.36 10.71 -3.81
C LEU A 21 2.97 12.16 -3.98
N GLN A 22 3.33 13.00 -3.01
CA GLN A 22 3.01 14.42 -3.05
C GLN A 22 3.72 15.12 -4.21
N ASN A 23 4.69 14.44 -4.80
CA ASN A 23 5.41 14.97 -5.96
C ASN A 23 4.66 14.69 -7.24
N GLY A 24 3.45 14.15 -7.11
CA GLY A 24 2.66 13.79 -8.28
C GLY A 24 3.24 12.60 -9.00
N ALA A 25 3.85 11.70 -8.25
CA ALA A 25 4.51 10.54 -8.82
C ALA A 25 3.89 9.24 -8.34
N PRO A 26 3.34 8.44 -9.26
CA PRO A 26 2.78 7.13 -8.94
C PRO A 26 3.86 6.08 -8.68
N ARG A 27 4.00 5.69 -7.42
CA ARG A 27 4.99 4.70 -7.04
C ARG A 27 4.31 3.36 -6.81
N ILE A 28 4.59 2.41 -7.68
CA ILE A 28 3.89 1.13 -7.67
C ILE A 28 4.67 0.07 -6.87
N PHE A 29 3.98 -0.56 -5.94
CA PHE A 29 4.56 -1.64 -5.16
C PHE A 29 3.98 -2.97 -5.61
N ASN A 30 4.83 -4.00 -5.65
CA ASN A 30 4.41 -5.32 -6.12
C ASN A 30 4.27 -6.29 -4.96
N GLY A 31 4.93 -5.96 -3.86
CA GLY A 31 4.88 -6.81 -2.69
C GLY A 31 4.50 -6.04 -1.46
N VAL A 32 3.98 -6.73 -0.45
CA VAL A 32 3.51 -6.07 0.75
C VAL A 32 4.68 -5.50 1.55
N TYR A 33 5.84 -6.14 1.45
CA TYR A 33 7.03 -5.64 2.15
C TYR A 33 7.42 -4.26 1.63
N GLU A 34 7.34 -4.06 0.32
CA GLU A 34 7.67 -2.76 -0.28
C GLU A 34 6.78 -1.67 0.29
N ALA A 35 5.51 -2.00 0.44
CA ALA A 35 4.54 -1.07 0.99
C ALA A 35 4.84 -0.76 2.45
N PHE A 36 5.09 -1.82 3.23
CA PHE A 36 5.43 -1.68 4.64
C PHE A 36 6.71 -0.87 4.82
N ASP A 37 7.74 -1.22 4.06
CA ASP A 37 9.03 -0.53 4.12
C ASP A 37 8.84 0.95 3.81
N PHE A 38 8.10 1.22 2.74
CA PHE A 38 7.80 2.59 2.33
C PHE A 38 7.15 3.38 3.46
N LEU A 39 6.14 2.78 4.10
CA LEU A 39 5.41 3.42 5.18
C LEU A 39 6.33 3.77 6.35
N GLN A 40 7.24 2.86 6.67
CA GLN A 40 8.12 3.04 7.81
C GLN A 40 9.28 3.97 7.47
N HIS A 41 9.65 4.02 6.19
CA HIS A 41 10.74 4.89 5.76
C HIS A 41 10.28 6.32 5.62
N GLU A 42 9.36 6.57 4.70
CA GLU A 42 8.90 7.92 4.43
C GLU A 42 7.47 7.94 3.93
N TRP A 43 6.53 7.84 4.87
CA TRP A 43 5.12 8.01 4.56
C TRP A 43 4.73 9.47 4.81
N PRO A 44 4.39 10.22 3.73
CA PRO A 44 4.10 11.67 3.80
C PRO A 44 2.79 12.02 4.52
N ALA A 45 2.33 11.13 5.40
CA ALA A 45 1.15 11.39 6.21
C ALA A 45 1.42 10.97 7.65
N ARG A 46 1.43 11.93 8.56
CA ARG A 46 1.79 11.65 9.93
C ARG A 46 0.58 11.67 10.85
N GLY A 47 0.73 10.99 11.98
CA GLY A 47 -0.28 10.99 13.01
C GLY A 47 0.05 9.96 14.06
N ASP A 48 -0.60 8.80 13.95
CA ASP A 48 -0.31 7.64 14.80
C ASP A 48 -1.29 6.52 14.51
N ARG A 49 -2.58 6.85 14.49
CA ARG A 49 -3.62 5.86 14.24
C ARG A 49 -3.49 5.23 12.86
N ALA A 50 -3.69 6.02 11.81
CA ALA A 50 -3.64 5.50 10.44
C ALA A 50 -2.26 4.92 10.13
N HIS A 51 -1.23 5.55 10.70
CA HIS A 51 0.14 5.11 10.47
C HIS A 51 0.35 3.70 11.06
N GLU A 52 -0.16 3.50 12.27
CA GLU A 52 -0.06 2.22 12.95
C GLU A 52 -0.90 1.16 12.23
N GLN A 53 -2.14 1.53 11.90
CA GLN A 53 -3.06 0.61 11.23
C GLN A 53 -2.43 0.06 9.96
N ALA A 54 -1.94 0.95 9.11
CA ALA A 54 -1.33 0.56 7.85
C ALA A 54 -0.14 -0.38 8.06
N LEU A 55 0.67 -0.08 9.06
CA LEU A 55 1.84 -0.91 9.37
C LEU A 55 1.42 -2.28 9.86
N ARG A 56 0.44 -2.33 10.75
CA ARG A 56 0.00 -3.60 11.33
C ARG A 56 -0.64 -4.48 10.26
N LEU A 57 -1.35 -3.85 9.33
CA LEU A 57 -1.97 -4.58 8.22
C LEU A 57 -0.92 -5.30 7.38
N CYS A 58 0.12 -4.57 7.01
CA CYS A 58 1.20 -5.13 6.21
C CYS A 58 1.98 -6.19 7.00
N ARG A 59 2.03 -6.00 8.30
CA ARG A 59 2.68 -6.97 9.19
C ARG A 59 1.84 -8.24 9.29
N ALA A 60 0.53 -8.08 9.33
CA ALA A 60 -0.38 -9.22 9.43
C ALA A 60 -0.32 -10.07 8.17
N SER A 61 -0.19 -9.43 7.02
CA SER A 61 -0.05 -10.15 5.76
C SER A 61 1.25 -10.96 5.72
N LEU A 62 2.31 -10.41 6.34
CA LEU A 62 3.58 -11.12 6.43
C LEU A 62 3.46 -12.34 7.35
N MET A 63 2.43 -12.33 8.18
CA MET A 63 2.16 -13.45 9.08
C MET A 63 1.15 -14.40 8.45
N GLY A 64 0.75 -14.11 7.22
CA GLY A 64 -0.21 -14.95 6.52
C GLY A 64 -1.61 -14.77 7.05
N ASP A 65 -1.90 -13.59 7.58
CA ASP A 65 -3.23 -13.30 8.12
C ASP A 65 -4.07 -12.55 7.09
N VAL A 66 -3.55 -11.40 6.68
CA VAL A 66 -4.22 -10.57 5.68
C VAL A 66 -3.81 -11.01 4.27
N ALA A 67 -4.80 -11.23 3.41
CA ALA A 67 -4.53 -11.76 2.08
C ALA A 67 -4.90 -10.78 0.97
N GLY A 68 -3.88 -10.37 0.22
CA GLY A 68 -4.08 -9.64 -1.04
C GLY A 68 -5.05 -8.48 -0.97
N GLU A 69 -6.26 -8.70 -1.49
CA GLU A 69 -7.27 -7.67 -1.63
C GLU A 69 -7.62 -7.01 -0.30
N ILE A 70 -7.55 -7.78 0.78
CA ILE A 70 -7.83 -7.24 2.11
C ILE A 70 -6.86 -6.11 2.43
N ALA A 71 -5.57 -6.36 2.19
CA ALA A 71 -4.54 -5.37 2.44
C ALA A 71 -4.64 -4.24 1.42
N ARG A 72 -4.98 -4.59 0.19
CA ARG A 72 -5.13 -3.61 -0.88
C ARG A 72 -6.21 -2.57 -0.53
N THR A 73 -7.39 -3.05 -0.20
CA THR A 73 -8.51 -2.16 0.09
C THR A 73 -8.28 -1.37 1.38
N ALA A 74 -7.64 -2.01 2.35
CA ALA A 74 -7.36 -1.36 3.62
C ALA A 74 -6.24 -0.33 3.49
N PHE A 75 -5.28 -0.60 2.63
CA PHE A 75 -4.17 0.32 2.39
C PHE A 75 -4.70 1.64 1.82
N VAL A 76 -5.67 1.53 0.91
CA VAL A 76 -6.30 2.71 0.33
C VAL A 76 -7.08 3.48 1.40
N ALA A 77 -7.72 2.73 2.30
CA ALA A 77 -8.47 3.33 3.41
C ALA A 77 -7.56 4.12 4.33
N ALA A 78 -6.35 3.61 4.56
CA ALA A 78 -5.38 4.30 5.40
C ALA A 78 -4.82 5.53 4.70
N SER A 79 -4.57 5.40 3.40
CA SER A 79 -4.02 6.49 2.62
C SER A 79 -5.07 7.55 2.32
N ARG A 80 -6.33 7.22 2.62
CA ARG A 80 -7.45 8.11 2.37
C ARG A 80 -7.34 9.38 3.21
N GLN A 81 -6.64 9.29 4.35
CA GLN A 81 -6.46 10.43 5.23
C GLN A 81 -5.63 11.51 4.54
N ALA A 82 -4.78 11.10 3.61
CA ALA A 82 -3.92 12.04 2.88
C ALA A 82 -4.65 12.60 1.66
N HIS A 83 -5.65 11.86 1.19
CA HIS A 83 -6.48 12.27 0.05
C HIS A 83 -5.67 12.38 -1.24
N CYS A 84 -4.56 11.67 -1.30
CA CYS A 84 -3.72 11.65 -2.48
C CYS A 84 -3.64 10.23 -3.03
N LEU A 85 -4.73 9.81 -3.66
CA LEU A 85 -4.86 8.44 -4.14
C LEU A 85 -4.77 8.36 -5.66
N MET A 86 -4.56 7.16 -6.16
CA MET A 86 -4.51 6.92 -7.60
C MET A 86 -5.37 5.73 -7.96
N GLU A 87 -5.66 5.58 -9.25
CA GLU A 87 -6.49 4.50 -9.73
C GLU A 87 -5.66 3.28 -10.16
N ASP A 88 -6.16 2.12 -9.81
CA ASP A 88 -5.62 0.85 -10.31
C ASP A 88 -6.09 0.65 -11.75
N LYS A 89 -7.22 1.30 -12.04
CA LYS A 89 -7.90 1.21 -13.32
C LYS A 89 -7.04 1.75 -14.47
N ALA A 90 -6.47 2.93 -14.29
CA ALA A 90 -5.83 3.63 -15.40
C ALA A 90 -4.36 3.90 -15.16
N GLU A 91 -3.54 3.45 -16.09
CA GLU A 91 -2.12 3.78 -16.12
C GLU A 91 -1.92 5.00 -17.00
N ALA A 92 -1.09 5.95 -16.57
CA ALA A 92 -0.95 7.19 -17.34
C ALA A 92 0.50 7.65 -17.47
N PRO A 93 1.32 6.92 -18.25
CA PRO A 93 2.62 7.39 -18.68
C PRO A 93 2.53 8.02 -20.06
N ASN A 94 2.42 7.18 -21.07
CA ASN A 94 2.13 7.60 -22.44
C ASN A 94 1.64 6.39 -23.22
N THR A 95 2.40 5.30 -23.11
CA THR A 95 2.00 4.02 -23.67
C THR A 95 1.57 3.12 -22.51
N ILE A 96 0.61 2.24 -22.78
CA ILE A 96 0.01 1.43 -21.72
C ILE A 96 0.68 0.07 -21.64
N ALA A 97 1.00 -0.35 -20.42
CA ALA A 97 1.56 -1.68 -20.19
C ALA A 97 0.44 -2.73 -20.18
N SER A 98 0.12 -3.23 -21.36
CA SER A 98 -0.94 -4.22 -21.51
C SER A 98 -0.40 -5.63 -21.27
N GLY A 99 -0.87 -6.26 -20.21
CA GLY A 99 -0.43 -7.60 -19.88
C GLY A 99 -1.25 -8.23 -18.79
N SER A 100 -2.32 -8.90 -19.16
CA SER A 100 -3.20 -9.55 -18.19
C SER A 100 -3.29 -11.03 -18.47
N MET A 1 13.63 -19.81 -1.24
CA MET A 1 14.27 -21.14 -1.18
C MET A 1 15.69 -21.01 -0.67
N GLU A 2 15.87 -21.26 0.63
CA GLU A 2 17.17 -21.14 1.25
C GLU A 2 17.58 -22.50 1.81
N VAL A 3 18.77 -22.59 2.37
CA VAL A 3 19.18 -23.79 3.08
C VAL A 3 18.33 -23.93 4.34
N GLN A 4 18.21 -22.83 5.07
CA GLN A 4 17.31 -22.75 6.19
C GLN A 4 16.01 -22.09 5.73
N SER A 5 15.16 -21.70 6.66
CA SER A 5 13.90 -21.07 6.29
C SER A 5 13.75 -19.71 6.96
N MET A 6 13.62 -18.66 6.15
CA MET A 6 13.37 -17.33 6.67
C MET A 6 11.91 -17.21 7.11
N LEU A 7 11.65 -16.33 8.07
CA LEU A 7 10.31 -16.13 8.57
C LEU A 7 9.60 -15.04 7.77
N LEU A 8 10.38 -14.21 7.11
CA LEU A 8 9.83 -13.14 6.29
C LEU A 8 9.29 -13.71 4.98
N ASN A 9 7.97 -13.80 4.88
CA ASN A 9 7.33 -14.32 3.68
C ASN A 9 7.21 -13.24 2.61
N ASP A 10 7.72 -13.54 1.43
CA ASP A 10 7.61 -12.61 0.30
C ASP A 10 6.18 -12.61 -0.23
N VAL A 11 5.38 -11.69 0.28
CA VAL A 11 4.02 -11.53 -0.18
C VAL A 11 3.93 -10.40 -1.19
N LYS A 12 4.03 -10.75 -2.47
CA LYS A 12 3.94 -9.77 -3.53
C LYS A 12 2.47 -9.49 -3.86
N TRP A 13 2.23 -8.35 -4.49
CA TRP A 13 0.88 -7.93 -4.79
C TRP A 13 0.52 -8.22 -6.23
N GLU A 14 -0.58 -8.93 -6.40
CA GLU A 14 -1.08 -9.24 -7.72
C GLU A 14 -2.02 -8.13 -8.18
N LYS A 15 -2.50 -7.37 -7.20
CA LYS A 15 -3.30 -6.18 -7.45
C LYS A 15 -2.68 -5.02 -6.67
N PRO A 16 -1.73 -4.31 -7.29
CA PRO A 16 -0.93 -3.28 -6.63
C PRO A 16 -1.73 -2.04 -6.22
N VAL A 17 -1.09 -1.17 -5.46
CA VAL A 17 -1.70 0.09 -5.04
C VAL A 17 -0.84 1.25 -5.51
N THR A 18 -1.47 2.29 -6.04
CA THR A 18 -0.76 3.45 -6.56
C THR A 18 -0.71 4.57 -5.52
N ILE A 19 0.46 4.75 -4.92
CA ILE A 19 0.67 5.86 -3.99
C ILE A 19 1.43 6.98 -4.68
N SER A 20 0.78 8.14 -4.79
CA SER A 20 1.41 9.28 -5.43
C SER A 20 2.18 10.09 -4.39
N LEU A 21 3.47 10.27 -4.61
CA LEU A 21 4.32 10.99 -3.67
C LEU A 21 4.30 12.48 -3.94
N GLN A 22 4.85 13.25 -3.01
CA GLN A 22 4.76 14.71 -3.02
C GLN A 22 5.30 15.32 -4.32
N ASN A 23 6.39 14.76 -4.84
CA ASN A 23 7.00 15.26 -6.06
C ASN A 23 6.12 14.98 -7.29
N GLY A 24 5.18 14.07 -7.15
CA GLY A 24 4.34 13.68 -8.27
C GLY A 24 4.79 12.38 -8.88
N ALA A 25 5.21 11.45 -8.04
CA ALA A 25 5.69 10.16 -8.49
C ALA A 25 4.79 9.04 -7.99
N PRO A 26 4.10 8.35 -8.91
CA PRO A 26 3.24 7.21 -8.57
C PRO A 26 4.05 5.97 -8.24
N ARG A 27 4.14 5.64 -6.96
CA ARG A 27 4.85 4.47 -6.51
C ARG A 27 3.92 3.26 -6.51
N ILE A 28 4.09 2.40 -7.50
CA ILE A 28 3.31 1.19 -7.60
C ILE A 28 3.94 0.09 -6.78
N PHE A 29 3.27 -0.35 -5.73
CA PHE A 29 3.82 -1.37 -4.86
C PHE A 29 3.57 -2.76 -5.41
N ASN A 30 4.66 -3.45 -5.70
CA ASN A 30 4.62 -4.77 -6.33
C ASN A 30 4.48 -5.84 -5.27
N GLY A 31 4.53 -5.43 -4.02
CA GLY A 31 4.41 -6.36 -2.92
C GLY A 31 4.09 -5.65 -1.63
N VAL A 32 3.53 -6.39 -0.68
CA VAL A 32 3.18 -5.83 0.63
C VAL A 32 4.44 -5.45 1.38
N TYR A 33 5.52 -6.17 1.09
CA TYR A 33 6.81 -5.91 1.71
C TYR A 33 7.27 -4.48 1.41
N GLU A 34 7.05 -4.05 0.17
CA GLU A 34 7.44 -2.69 -0.23
C GLU A 34 6.62 -1.66 0.52
N ALA A 35 5.34 -1.95 0.71
CA ALA A 35 4.45 -1.03 1.40
C ALA A 35 4.86 -0.88 2.86
N PHE A 36 5.09 -2.00 3.53
CA PHE A 36 5.49 -2.00 4.94
C PHE A 36 6.80 -1.23 5.10
N ASP A 37 7.72 -1.43 4.17
CA ASP A 37 8.97 -0.69 4.15
C ASP A 37 8.70 0.80 3.98
N PHE A 38 7.98 1.14 2.91
CA PHE A 38 7.70 2.53 2.54
C PHE A 38 7.12 3.31 3.71
N LEU A 39 6.09 2.76 4.34
CA LEU A 39 5.35 3.44 5.39
C LEU A 39 6.26 3.87 6.55
N GLN A 40 7.36 3.18 6.73
CA GLN A 40 8.25 3.47 7.85
C GLN A 40 9.19 4.63 7.57
N HIS A 41 9.99 4.51 6.50
CA HIS A 41 11.01 5.52 6.23
C HIS A 41 10.42 6.79 5.65
N GLU A 42 9.41 6.67 4.80
CA GLU A 42 8.87 7.85 4.16
C GLU A 42 7.37 7.74 3.92
N TRP A 43 6.60 7.91 4.97
CA TRP A 43 5.18 8.14 4.83
C TRP A 43 4.92 9.64 4.93
N PRO A 44 4.78 10.32 3.78
CA PRO A 44 4.68 11.79 3.71
C PRO A 44 3.40 12.34 4.35
N ALA A 45 2.43 11.47 4.54
CA ALA A 45 1.15 11.89 5.09
C ALA A 45 1.15 11.78 6.61
N ARG A 46 0.07 12.25 7.22
CA ARG A 46 -0.09 12.18 8.67
C ARG A 46 -1.44 11.57 9.02
N GLY A 47 -1.79 11.57 10.30
CA GLY A 47 -3.05 11.01 10.71
C GLY A 47 -2.90 10.10 11.92
N ASP A 48 -1.65 9.66 12.16
CA ASP A 48 -1.30 8.86 13.33
C ASP A 48 -1.91 7.46 13.23
N ARG A 49 -3.20 7.36 13.48
CA ARG A 49 -3.92 6.09 13.42
C ARG A 49 -3.91 5.54 12.00
N ALA A 50 -3.86 6.45 11.02
CA ALA A 50 -3.77 6.06 9.61
C ALA A 50 -2.45 5.35 9.35
N HIS A 51 -1.38 5.85 9.96
CA HIS A 51 -0.06 5.26 9.83
C HIS A 51 0.00 3.98 10.67
N GLU A 52 -0.65 4.03 11.82
CA GLU A 52 -0.78 2.87 12.71
C GLU A 52 -1.41 1.69 11.98
N GLN A 53 -2.61 1.91 11.45
CA GLN A 53 -3.36 0.87 10.76
C GLN A 53 -2.59 0.36 9.54
N ALA A 54 -1.97 1.29 8.81
CA ALA A 54 -1.20 0.95 7.62
C ALA A 54 -0.11 -0.07 7.94
N LEU A 55 0.66 0.20 8.99
CA LEU A 55 1.73 -0.69 9.40
C LEU A 55 1.17 -2.03 9.87
N ARG A 56 0.12 -1.96 10.68
CA ARG A 56 -0.51 -3.14 11.25
C ARG A 56 -0.94 -4.11 10.15
N LEU A 57 -1.60 -3.58 9.13
CA LEU A 57 -2.11 -4.38 8.02
C LEU A 57 -0.97 -5.05 7.26
N CYS A 58 0.03 -4.26 6.88
CA CYS A 58 1.17 -4.76 6.12
C CYS A 58 1.96 -5.79 6.92
N ARG A 59 2.06 -5.55 8.23
CA ARG A 59 2.77 -6.46 9.12
C ARG A 59 2.10 -7.83 9.14
N ALA A 60 0.79 -7.85 9.38
CA ALA A 60 0.05 -9.09 9.47
C ALA A 60 0.09 -9.85 8.15
N SER A 61 0.10 -9.12 7.05
CA SER A 61 0.10 -9.73 5.72
C SER A 61 1.38 -10.54 5.51
N LEU A 62 2.48 -10.09 6.08
CA LEU A 62 3.76 -10.74 5.89
C LEU A 62 4.07 -11.71 7.02
N MET A 63 3.16 -11.86 7.96
CA MET A 63 3.42 -12.65 9.15
C MET A 63 2.32 -13.68 9.44
N GLY A 64 1.08 -13.22 9.44
CA GLY A 64 0.03 -14.06 9.98
C GLY A 64 -1.33 -13.83 9.35
N ASP A 65 -1.44 -14.27 8.11
CA ASP A 65 -2.73 -14.45 7.44
C ASP A 65 -3.40 -13.14 7.06
N VAL A 66 -3.04 -12.65 5.88
CA VAL A 66 -3.78 -11.59 5.22
C VAL A 66 -3.86 -11.88 3.72
N ALA A 67 -5.08 -11.89 3.20
CA ALA A 67 -5.29 -12.10 1.77
C ALA A 67 -4.79 -10.91 0.98
N GLY A 68 -4.11 -11.18 -0.13
CA GLY A 68 -3.49 -10.15 -0.93
C GLY A 68 -4.47 -9.07 -1.36
N GLU A 69 -5.64 -9.47 -1.84
CA GLU A 69 -6.63 -8.51 -2.31
C GLU A 69 -7.24 -7.74 -1.14
N ILE A 70 -7.38 -8.40 0.00
CA ILE A 70 -7.92 -7.75 1.19
C ILE A 70 -6.96 -6.68 1.69
N ALA A 71 -5.68 -7.03 1.75
CA ALA A 71 -4.62 -6.07 2.10
C ALA A 71 -4.70 -4.82 1.22
N ARG A 72 -4.98 -5.02 -0.06
CA ARG A 72 -5.14 -3.92 -1.00
C ARG A 72 -6.23 -2.95 -0.55
N THR A 73 -7.43 -3.50 -0.32
CA THR A 73 -8.57 -2.69 0.10
C THR A 73 -8.29 -2.01 1.44
N ALA A 74 -7.68 -2.76 2.35
CA ALA A 74 -7.36 -2.26 3.68
C ALA A 74 -6.32 -1.15 3.61
N PHE A 75 -5.35 -1.29 2.71
CA PHE A 75 -4.30 -0.29 2.54
C PHE A 75 -4.90 1.02 2.03
N VAL A 76 -5.89 0.91 1.14
CA VAL A 76 -6.59 2.09 0.63
C VAL A 76 -7.37 2.77 1.74
N ALA A 77 -7.87 1.97 2.68
CA ALA A 77 -8.59 2.51 3.83
C ALA A 77 -7.64 3.22 4.78
N ALA A 78 -6.37 2.83 4.76
CA ALA A 78 -5.35 3.45 5.58
C ALA A 78 -4.82 4.72 4.92
N SER A 79 -4.56 4.63 3.62
CA SER A 79 -4.08 5.77 2.85
C SER A 79 -5.22 6.74 2.53
N ARG A 80 -6.42 6.36 2.95
CA ARG A 80 -7.62 7.16 2.77
C ARG A 80 -7.45 8.54 3.40
N GLN A 81 -6.62 8.60 4.44
CA GLN A 81 -6.38 9.85 5.16
C GLN A 81 -5.21 10.62 4.57
N ALA A 82 -4.61 10.09 3.52
CA ALA A 82 -3.48 10.74 2.88
C ALA A 82 -3.95 11.75 1.85
N HIS A 83 -5.21 11.62 1.43
CA HIS A 83 -5.84 12.52 0.45
C HIS A 83 -5.30 12.28 -0.95
N CYS A 84 -4.44 11.27 -1.10
CA CYS A 84 -3.85 10.94 -2.39
C CYS A 84 -4.16 9.50 -2.75
N LEU A 85 -5.40 9.27 -3.20
CA LEU A 85 -5.83 7.95 -3.61
C LEU A 85 -5.93 7.88 -5.13
N MET A 86 -5.29 6.89 -5.71
CA MET A 86 -5.24 6.76 -7.15
C MET A 86 -5.67 5.37 -7.60
N GLU A 87 -6.16 5.28 -8.82
CA GLU A 87 -6.50 3.99 -9.42
C GLU A 87 -5.22 3.21 -9.72
N ASP A 88 -5.29 1.90 -9.65
CA ASP A 88 -4.12 1.07 -9.90
C ASP A 88 -3.99 0.78 -11.39
N LYS A 89 -5.10 0.87 -12.11
CA LYS A 89 -5.08 0.69 -13.54
C LYS A 89 -4.80 2.02 -14.25
N ALA A 90 -4.51 3.04 -13.47
CA ALA A 90 -4.22 4.37 -14.02
C ALA A 90 -2.83 4.39 -14.65
N GLU A 91 -1.93 3.61 -14.09
CA GLU A 91 -0.56 3.54 -14.59
C GLU A 91 -0.36 2.28 -15.42
N ALA A 92 -0.03 2.47 -16.69
CA ALA A 92 0.21 1.35 -17.59
C ALA A 92 1.66 1.37 -18.09
N PRO A 93 2.53 0.55 -17.48
CA PRO A 93 3.93 0.46 -17.86
C PRO A 93 4.17 -0.48 -19.03
N ASN A 94 5.42 -0.63 -19.43
CA ASN A 94 5.79 -1.51 -20.54
C ASN A 94 5.63 -2.96 -20.12
N THR A 95 6.26 -3.32 -19.01
CA THR A 95 6.17 -4.65 -18.45
C THR A 95 5.76 -4.56 -16.97
N ILE A 96 5.48 -5.70 -16.35
CA ILE A 96 5.09 -5.74 -14.96
C ILE A 96 6.27 -5.40 -14.05
N ALA A 97 7.45 -5.86 -14.46
CA ALA A 97 8.67 -5.66 -13.67
C ALA A 97 9.26 -4.27 -13.90
N SER A 98 8.51 -3.40 -14.55
CA SER A 98 8.97 -2.04 -14.82
C SER A 98 7.99 -1.02 -14.27
N GLY A 99 8.52 0.06 -13.71
CA GLY A 99 7.68 1.11 -13.20
C GLY A 99 8.28 1.79 -11.98
N SER A 100 8.45 1.03 -10.91
CA SER A 100 9.03 1.56 -9.69
C SER A 100 10.26 0.76 -9.29
N MET A 1 17.12 -20.54 2.23
CA MET A 1 16.75 -21.21 0.96
C MET A 1 15.34 -21.79 1.03
N GLU A 2 14.54 -21.29 1.97
CA GLU A 2 13.14 -21.68 2.08
C GLU A 2 12.38 -21.23 0.85
N VAL A 3 11.21 -21.81 0.62
CA VAL A 3 10.36 -21.41 -0.51
C VAL A 3 9.97 -19.95 -0.37
N GLN A 4 9.81 -19.52 0.87
CA GLN A 4 9.47 -18.13 1.19
C GLN A 4 10.59 -17.18 0.77
N SER A 5 11.83 -17.68 0.76
CA SER A 5 12.97 -16.85 0.40
C SER A 5 13.35 -17.03 -1.06
N MET A 6 12.46 -17.63 -1.84
CA MET A 6 12.70 -17.81 -3.26
C MET A 6 12.03 -16.69 -4.06
N LEU A 7 11.49 -15.73 -3.33
CA LEU A 7 10.83 -14.58 -3.94
C LEU A 7 11.55 -13.29 -3.56
N LEU A 8 11.06 -12.17 -4.07
CA LEU A 8 11.61 -10.87 -3.73
C LEU A 8 10.78 -10.23 -2.61
N ASN A 9 9.64 -10.86 -2.35
CA ASN A 9 8.74 -10.43 -1.29
C ASN A 9 8.24 -11.65 -0.55
N ASP A 10 8.17 -11.57 0.78
CA ASP A 10 7.61 -12.66 1.59
C ASP A 10 6.21 -13.00 1.12
N VAL A 11 5.42 -11.95 0.89
CA VAL A 11 4.08 -12.10 0.38
C VAL A 11 3.92 -11.27 -0.88
N LYS A 12 3.80 -11.97 -2.00
CA LYS A 12 3.62 -11.33 -3.29
C LYS A 12 2.18 -10.87 -3.47
N TRP A 13 1.99 -9.58 -3.68
CA TRP A 13 0.66 -9.01 -3.80
C TRP A 13 0.15 -9.21 -5.21
N GLU A 14 -1.02 -9.84 -5.33
CA GLU A 14 -1.60 -10.09 -6.65
C GLU A 14 -2.36 -8.88 -7.15
N LYS A 15 -2.72 -8.00 -6.22
CA LYS A 15 -3.35 -6.75 -6.57
C LYS A 15 -2.32 -5.63 -6.52
N PRO A 16 -1.98 -5.07 -7.68
CA PRO A 16 -1.01 -3.97 -7.78
C PRO A 16 -1.39 -2.80 -6.89
N VAL A 17 -0.38 -2.10 -6.40
CA VAL A 17 -0.61 -0.96 -5.53
C VAL A 17 -0.03 0.30 -6.16
N THR A 18 -0.83 0.98 -6.97
CA THR A 18 -0.43 2.27 -7.51
C THR A 18 -0.61 3.35 -6.45
N ILE A 19 0.46 3.63 -5.72
CA ILE A 19 0.41 4.59 -4.63
C ILE A 19 0.99 5.94 -5.06
N SER A 20 0.15 6.96 -5.03
CA SER A 20 0.56 8.29 -5.41
C SER A 20 0.90 9.12 -4.17
N LEU A 21 2.12 9.63 -4.13
CA LEU A 21 2.54 10.50 -3.04
C LEU A 21 2.33 11.96 -3.40
N GLN A 22 2.15 12.79 -2.39
CA GLN A 22 1.98 14.23 -2.57
C GLN A 22 3.22 14.83 -3.24
N ASN A 23 4.32 14.10 -3.16
CA ASN A 23 5.59 14.52 -3.76
C ASN A 23 5.52 14.46 -5.28
N GLY A 24 4.55 13.72 -5.81
CA GLY A 24 4.43 13.56 -7.25
C GLY A 24 5.14 12.33 -7.74
N ALA A 25 4.66 11.16 -7.33
CA ALA A 25 5.29 9.90 -7.69
C ALA A 25 4.35 8.73 -7.40
N PRO A 26 3.80 8.11 -8.46
CA PRO A 26 2.98 6.91 -8.35
C PRO A 26 3.81 5.64 -8.45
N ARG A 27 4.01 4.97 -7.32
CA ARG A 27 4.74 3.71 -7.29
C ARG A 27 3.80 2.53 -7.41
N ILE A 28 4.34 1.38 -7.80
CA ILE A 28 3.58 0.15 -7.87
C ILE A 28 4.28 -0.93 -7.06
N PHE A 29 3.74 -1.25 -5.89
CA PHE A 29 4.33 -2.27 -5.03
C PHE A 29 4.10 -3.66 -5.60
N ASN A 30 5.15 -4.48 -5.58
CA ASN A 30 5.08 -5.84 -6.08
C ASN A 30 4.68 -6.80 -4.97
N GLY A 31 4.79 -6.32 -3.74
CA GLY A 31 4.47 -7.15 -2.60
C GLY A 31 4.29 -6.34 -1.34
N VAL A 32 3.84 -7.01 -0.29
CA VAL A 32 3.56 -6.35 0.98
C VAL A 32 4.85 -5.86 1.62
N TYR A 33 5.95 -6.54 1.32
CA TYR A 33 7.24 -6.23 1.91
C TYR A 33 7.65 -4.78 1.59
N GLU A 34 7.46 -4.39 0.34
CA GLU A 34 7.75 -3.02 -0.07
C GLU A 34 6.90 -2.03 0.71
N ALA A 35 5.61 -2.30 0.78
CA ALA A 35 4.64 -1.40 1.42
C ALA A 35 4.97 -1.18 2.89
N PHE A 36 5.25 -2.27 3.60
CA PHE A 36 5.54 -2.20 5.03
C PHE A 36 6.75 -1.32 5.30
N ASP A 37 7.80 -1.53 4.52
CA ASP A 37 9.03 -0.76 4.68
C ASP A 37 8.80 0.70 4.24
N PHE A 38 8.11 0.87 3.13
CA PHE A 38 7.88 2.20 2.56
C PHE A 38 7.14 3.09 3.55
N LEU A 39 6.13 2.54 4.22
CA LEU A 39 5.35 3.28 5.21
C LEU A 39 6.22 3.78 6.34
N GLN A 40 7.23 2.99 6.71
CA GLN A 40 8.11 3.34 7.81
C GLN A 40 9.12 4.41 7.36
N HIS A 41 9.44 4.41 6.07
CA HIS A 41 10.39 5.37 5.53
C HIS A 41 9.81 6.77 5.53
N GLU A 42 8.82 7.01 4.69
CA GLU A 42 8.17 8.32 4.64
C GLU A 42 6.83 8.25 3.93
N TRP A 43 5.83 7.81 4.69
CA TRP A 43 4.45 7.82 4.23
C TRP A 43 3.79 9.13 4.66
N PRO A 44 3.38 9.96 3.67
CA PRO A 44 2.82 11.30 3.89
C PRO A 44 1.86 11.40 5.07
N ALA A 45 0.94 10.45 5.19
CA ALA A 45 -0.01 10.44 6.30
C ALA A 45 0.65 9.88 7.55
N ARG A 46 1.01 10.76 8.47
CA ARG A 46 1.74 10.37 9.67
C ARG A 46 0.98 10.78 10.91
N GLY A 47 1.20 10.07 12.01
CA GLY A 47 0.71 10.54 13.28
C GLY A 47 -0.15 9.54 14.01
N ASP A 48 -1.30 9.23 13.41
CA ASP A 48 -2.35 8.55 14.13
C ASP A 48 -2.44 7.07 13.75
N ARG A 49 -3.54 6.45 14.15
CA ARG A 49 -3.76 5.02 14.02
C ARG A 49 -3.89 4.61 12.56
N ALA A 50 -4.11 5.57 11.68
CA ALA A 50 -4.20 5.28 10.25
C ALA A 50 -2.85 4.81 9.73
N HIS A 51 -1.78 5.49 10.14
CA HIS A 51 -0.43 5.11 9.77
C HIS A 51 -0.05 3.81 10.48
N GLU A 52 -0.45 3.73 11.75
CA GLU A 52 -0.16 2.56 12.57
C GLU A 52 -0.85 1.31 12.02
N GLN A 53 -2.13 1.44 11.72
CA GLN A 53 -2.93 0.32 11.22
C GLN A 53 -2.39 -0.14 9.87
N ALA A 54 -1.94 0.81 9.06
CA ALA A 54 -1.32 0.48 7.77
C ALA A 54 -0.11 -0.41 7.98
N LEU A 55 0.71 -0.07 8.98
CA LEU A 55 1.87 -0.88 9.34
C LEU A 55 1.44 -2.24 9.84
N ARG A 56 0.47 -2.25 10.77
CA ARG A 56 -0.03 -3.48 11.36
C ARG A 56 -0.57 -4.43 10.29
N LEU A 57 -1.34 -3.88 9.35
CA LEU A 57 -1.91 -4.68 8.27
C LEU A 57 -0.81 -5.33 7.44
N CYS A 58 0.15 -4.54 7.02
CA CYS A 58 1.26 -5.04 6.22
C CYS A 58 2.09 -6.06 7.01
N ARG A 59 2.27 -5.79 8.29
CA ARG A 59 3.01 -6.68 9.18
C ARG A 59 2.32 -8.03 9.28
N ALA A 60 1.01 -8.01 9.54
CA ALA A 60 0.23 -9.23 9.67
C ALA A 60 0.14 -9.96 8.34
N SER A 61 0.11 -9.20 7.25
CA SER A 61 0.06 -9.79 5.91
C SER A 61 1.34 -10.56 5.62
N LEU A 62 2.48 -10.05 6.10
CA LEU A 62 3.76 -10.72 5.92
C LEU A 62 3.83 -12.02 6.72
N MET A 63 2.85 -12.20 7.60
CA MET A 63 2.73 -13.44 8.39
C MET A 63 1.59 -14.29 7.85
N GLY A 64 1.03 -13.88 6.72
CA GLY A 64 -0.06 -14.62 6.10
C GLY A 64 -1.35 -14.54 6.90
N ASP A 65 -1.47 -13.51 7.72
CA ASP A 65 -2.64 -13.35 8.58
C ASP A 65 -3.74 -12.59 7.84
N VAL A 66 -3.36 -11.49 7.23
CA VAL A 66 -4.30 -10.66 6.48
C VAL A 66 -4.34 -11.09 5.02
N ALA A 67 -5.55 -11.20 4.49
CA ALA A 67 -5.73 -11.53 3.08
C ALA A 67 -5.24 -10.37 2.21
N GLY A 68 -4.74 -10.70 1.02
CA GLY A 68 -4.12 -9.71 0.16
C GLY A 68 -5.03 -8.54 -0.18
N GLU A 69 -6.28 -8.84 -0.52
CA GLU A 69 -7.23 -7.80 -0.91
C GLU A 69 -7.58 -6.91 0.28
N ILE A 70 -7.79 -7.53 1.43
CA ILE A 70 -8.14 -6.81 2.65
C ILE A 70 -7.13 -5.72 2.96
N ALA A 71 -5.86 -6.10 2.95
CA ALA A 71 -4.79 -5.17 3.28
C ALA A 71 -4.68 -4.03 2.27
N ARG A 72 -4.76 -4.35 0.99
CA ARG A 72 -4.52 -3.35 -0.05
C ARG A 72 -5.66 -2.34 -0.13
N THR A 73 -6.89 -2.79 0.08
CA THR A 73 -8.03 -1.89 0.03
C THR A 73 -8.00 -0.93 1.24
N ALA A 74 -7.70 -1.48 2.41
CA ALA A 74 -7.61 -0.67 3.62
C ALA A 74 -6.42 0.29 3.54
N PHE A 75 -5.39 -0.14 2.81
CA PHE A 75 -4.22 0.69 2.55
C PHE A 75 -4.64 1.97 1.83
N VAL A 76 -5.48 1.82 0.81
CA VAL A 76 -5.98 2.96 0.05
C VAL A 76 -6.84 3.86 0.93
N ALA A 77 -7.55 3.26 1.88
CA ALA A 77 -8.36 4.00 2.83
C ALA A 77 -7.48 4.91 3.69
N ALA A 78 -6.33 4.40 4.11
CA ALA A 78 -5.37 5.16 4.89
C ALA A 78 -4.67 6.20 4.02
N SER A 79 -4.63 5.93 2.73
CA SER A 79 -4.00 6.84 1.77
C SER A 79 -4.83 8.11 1.59
N ARG A 80 -6.09 8.05 2.00
CA ARG A 80 -7.01 9.16 1.83
C ARG A 80 -6.61 10.35 2.69
N GLN A 81 -5.86 10.10 3.76
CA GLN A 81 -5.41 11.17 4.64
C GLN A 81 -4.32 11.99 3.96
N ALA A 82 -3.62 11.36 3.01
CA ALA A 82 -2.60 12.06 2.24
C ALA A 82 -3.25 12.87 1.12
N HIS A 83 -4.53 12.57 0.88
CA HIS A 83 -5.34 13.26 -0.12
C HIS A 83 -4.76 13.09 -1.52
N CYS A 84 -4.04 12.00 -1.71
CA CYS A 84 -3.45 11.67 -3.00
C CYS A 84 -3.87 10.26 -3.38
N LEU A 85 -5.08 10.15 -3.89
CA LEU A 85 -5.64 8.85 -4.23
C LEU A 85 -5.55 8.55 -5.71
N MET A 86 -5.15 7.34 -6.04
CA MET A 86 -5.20 6.84 -7.40
C MET A 86 -5.74 5.42 -7.40
N GLU A 87 -6.98 5.26 -7.82
CA GLU A 87 -7.59 3.95 -7.90
C GLU A 87 -6.83 3.12 -8.93
N ASP A 88 -6.48 1.90 -8.56
CA ASP A 88 -5.54 1.11 -9.34
C ASP A 88 -6.13 0.68 -10.68
N LYS A 89 -5.24 0.36 -11.60
CA LYS A 89 -5.61 0.04 -12.97
C LYS A 89 -5.91 -1.44 -13.14
N ALA A 90 -5.64 -2.23 -12.11
CA ALA A 90 -5.96 -3.65 -12.13
C ALA A 90 -7.34 -3.89 -11.54
N GLU A 91 -8.08 -2.81 -11.34
CA GLU A 91 -9.43 -2.88 -10.84
C GLU A 91 -10.37 -2.18 -11.81
N ALA A 92 -11.57 -2.74 -11.99
CA ALA A 92 -12.52 -2.26 -12.98
C ALA A 92 -11.95 -2.40 -14.39
N PRO A 93 -12.17 -3.56 -15.02
CA PRO A 93 -11.56 -3.92 -16.31
C PRO A 93 -11.83 -2.91 -17.43
N ASN A 94 -12.93 -2.16 -17.33
CA ASN A 94 -13.32 -1.24 -18.38
C ASN A 94 -12.59 0.09 -18.26
N THR A 95 -11.80 0.23 -17.21
CA THR A 95 -11.00 1.44 -17.01
C THR A 95 -9.87 1.51 -18.04
N ILE A 96 -9.14 0.41 -18.17
CA ILE A 96 -7.99 0.36 -19.06
C ILE A 96 -8.37 -0.14 -20.44
N ALA A 97 -7.75 0.45 -21.45
CA ALA A 97 -7.99 0.05 -22.83
C ALA A 97 -7.22 -1.22 -23.16
N SER A 98 -7.85 -2.12 -23.89
CA SER A 98 -7.23 -3.37 -24.25
C SER A 98 -7.55 -3.72 -25.70
N GLY A 99 -6.53 -3.64 -26.56
CA GLY A 99 -6.73 -3.94 -27.97
C GLY A 99 -7.46 -2.81 -28.69
N SER A 100 -8.47 -3.16 -29.45
CA SER A 100 -9.25 -2.17 -30.18
C SER A 100 -10.41 -1.67 -29.31
N MET A 1 16.83 -16.70 15.30
CA MET A 1 18.08 -17.25 15.87
C MET A 1 19.26 -16.96 14.94
N GLU A 2 20.46 -17.31 15.39
CA GLU A 2 21.67 -17.05 14.62
C GLU A 2 21.95 -18.17 13.63
N VAL A 3 22.06 -19.39 14.14
CA VAL A 3 22.35 -20.54 13.30
C VAL A 3 21.13 -20.91 12.46
N GLN A 4 20.03 -21.19 13.13
CA GLN A 4 18.79 -21.51 12.45
C GLN A 4 18.07 -20.23 12.05
N SER A 5 17.91 -20.04 10.74
CA SER A 5 17.35 -18.83 10.19
C SER A 5 15.86 -18.70 10.52
N MET A 6 15.44 -17.47 10.74
CA MET A 6 14.02 -17.17 10.95
C MET A 6 13.42 -16.60 9.67
N LEU A 7 12.68 -17.43 8.96
CA LEU A 7 12.06 -17.01 7.71
C LEU A 7 10.70 -16.39 7.98
N LEU A 8 10.24 -15.56 7.05
CA LEU A 8 8.97 -14.88 7.18
C LEU A 8 8.09 -15.20 5.98
N ASN A 9 6.77 -15.07 6.14
CA ASN A 9 5.85 -15.32 5.05
C ASN A 9 5.67 -14.05 4.22
N ASP A 10 6.75 -13.61 3.59
CA ASP A 10 6.71 -12.41 2.77
C ASP A 10 5.90 -12.68 1.50
N VAL A 11 4.73 -12.08 1.43
CA VAL A 11 3.80 -12.32 0.35
C VAL A 11 3.97 -11.24 -0.70
N LYS A 12 3.92 -11.63 -1.96
CA LYS A 12 4.13 -10.71 -3.06
C LYS A 12 2.81 -10.11 -3.49
N TRP A 13 1.81 -10.21 -2.60
CA TRP A 13 0.47 -9.69 -2.85
C TRP A 13 -0.19 -10.42 -4.01
N GLU A 14 -1.35 -9.92 -4.39
CA GLU A 14 -2.04 -10.38 -5.59
C GLU A 14 -1.99 -9.28 -6.63
N LYS A 15 -2.60 -8.17 -6.27
CA LYS A 15 -2.62 -6.99 -7.10
C LYS A 15 -1.72 -5.92 -6.48
N PRO A 16 -0.72 -5.44 -7.23
CA PRO A 16 0.23 -4.42 -6.76
C PRO A 16 -0.47 -3.12 -6.38
N VAL A 17 0.16 -2.35 -5.49
CA VAL A 17 -0.41 -1.10 -5.01
C VAL A 17 0.28 0.09 -5.66
N THR A 18 -0.51 0.98 -6.22
CA THR A 18 -0.01 2.22 -6.80
C THR A 18 -0.37 3.39 -5.87
N ILE A 19 0.59 3.84 -5.10
CA ILE A 19 0.36 4.89 -4.12
C ILE A 19 0.79 6.24 -4.67
N SER A 20 -0.16 7.13 -4.83
CA SER A 20 0.11 8.46 -5.33
C SER A 20 0.59 9.35 -4.19
N LEU A 21 1.80 9.86 -4.31
CA LEU A 21 2.39 10.68 -3.26
C LEU A 21 2.05 12.15 -3.44
N GLN A 22 2.59 12.99 -2.57
CA GLN A 22 2.23 14.40 -2.52
C GLN A 22 2.54 15.12 -3.82
N ASN A 23 3.60 14.70 -4.50
CA ASN A 23 4.00 15.34 -5.75
C ASN A 23 3.24 14.76 -6.94
N GLY A 24 2.29 13.87 -6.66
CA GLY A 24 1.53 13.24 -7.73
C GLY A 24 2.25 12.04 -8.31
N ALA A 25 3.34 11.64 -7.66
CA ALA A 25 4.13 10.51 -8.12
C ALA A 25 3.59 9.21 -7.52
N PRO A 26 3.11 8.30 -8.37
CA PRO A 26 2.57 7.01 -7.95
C PRO A 26 3.64 5.92 -7.90
N ARG A 27 3.92 5.42 -6.70
CA ARG A 27 4.87 4.33 -6.53
C ARG A 27 4.13 3.00 -6.49
N ILE A 28 4.57 2.07 -7.32
CA ILE A 28 3.96 0.75 -7.39
C ILE A 28 4.80 -0.27 -6.63
N PHE A 29 4.19 -0.92 -5.66
CA PHE A 29 4.87 -1.93 -4.87
C PHE A 29 4.65 -3.31 -5.44
N ASN A 30 5.70 -4.13 -5.47
CA ASN A 30 5.63 -5.46 -6.05
C ASN A 30 5.12 -6.47 -5.04
N GLY A 31 5.31 -6.16 -3.76
CA GLY A 31 4.86 -7.02 -2.69
C GLY A 31 4.50 -6.23 -1.46
N VAL A 32 4.08 -6.94 -0.40
CA VAL A 32 3.63 -6.29 0.82
C VAL A 32 4.81 -5.69 1.59
N TYR A 33 5.98 -6.29 1.45
CA TYR A 33 7.15 -5.84 2.17
C TYR A 33 7.52 -4.41 1.78
N GLU A 34 7.54 -4.15 0.48
CA GLU A 34 7.88 -2.83 -0.04
C GLU A 34 6.90 -1.77 0.47
N ALA A 35 5.63 -2.16 0.61
CA ALA A 35 4.61 -1.24 1.12
C ALA A 35 4.86 -0.92 2.58
N PHE A 36 5.08 -1.95 3.39
CA PHE A 36 5.37 -1.78 4.81
C PHE A 36 6.68 -1.02 5.00
N ASP A 37 7.65 -1.31 4.15
CA ASP A 37 8.95 -0.67 4.20
C ASP A 37 8.83 0.82 3.88
N PHE A 38 8.03 1.13 2.85
CA PHE A 38 7.78 2.51 2.46
C PHE A 38 7.15 3.30 3.60
N LEU A 39 6.22 2.65 4.29
CA LEU A 39 5.52 3.28 5.41
C LEU A 39 6.51 3.67 6.52
N GLN A 40 7.58 2.90 6.64
CA GLN A 40 8.57 3.15 7.69
C GLN A 40 9.61 4.15 7.26
N HIS A 41 9.94 4.15 5.98
CA HIS A 41 10.98 5.03 5.47
C HIS A 41 10.42 6.34 4.94
N GLU A 42 9.89 6.31 3.73
CA GLU A 42 9.58 7.53 3.02
C GLU A 42 8.09 7.82 2.95
N TRP A 43 7.33 7.45 3.98
CA TRP A 43 5.94 7.88 4.07
C TRP A 43 5.89 9.41 4.21
N PRO A 44 5.46 10.12 3.15
CA PRO A 44 5.61 11.57 3.04
C PRO A 44 4.39 12.35 3.51
N ALA A 45 3.66 11.81 4.48
CA ALA A 45 2.48 12.48 5.00
C ALA A 45 2.27 12.10 6.45
N ARG A 46 1.18 12.60 7.04
CA ARG A 46 0.82 12.20 8.39
C ARG A 46 -0.14 11.01 8.34
N GLY A 47 -1.15 11.01 9.19
CA GLY A 47 -2.05 9.88 9.29
C GLY A 47 -2.10 9.40 10.71
N ASP A 48 -0.90 9.20 11.27
CA ASP A 48 -0.70 8.90 12.68
C ASP A 48 -1.41 7.61 13.08
N ARG A 49 -2.67 7.73 13.47
CA ARG A 49 -3.45 6.59 13.92
C ARG A 49 -3.67 5.61 12.78
N ALA A 50 -4.09 6.14 11.62
CA ALA A 50 -4.32 5.32 10.44
C ALA A 50 -3.01 4.75 9.91
N HIS A 51 -1.93 5.48 10.14
CA HIS A 51 -0.61 5.05 9.73
C HIS A 51 -0.21 3.78 10.47
N GLU A 52 -0.53 3.74 11.76
CA GLU A 52 -0.24 2.57 12.58
C GLU A 52 -1.08 1.38 12.14
N GLN A 53 -2.34 1.64 11.80
CA GLN A 53 -3.24 0.59 11.34
C GLN A 53 -2.71 -0.05 10.07
N ALA A 54 -2.25 0.79 9.14
CA ALA A 54 -1.67 0.31 7.90
C ALA A 54 -0.45 -0.57 8.16
N LEU A 55 0.36 -0.16 9.14
CA LEU A 55 1.54 -0.94 9.54
C LEU A 55 1.13 -2.32 10.04
N ARG A 56 0.12 -2.34 10.89
CA ARG A 56 -0.38 -3.58 11.47
C ARG A 56 -0.87 -4.52 10.36
N LEU A 57 -1.59 -3.96 9.41
CA LEU A 57 -2.16 -4.74 8.31
C LEU A 57 -1.07 -5.33 7.42
N CYS A 58 -0.12 -4.49 7.02
CA CYS A 58 0.98 -4.95 6.17
C CYS A 58 1.81 -6.00 6.89
N ARG A 59 2.04 -5.80 8.18
CA ARG A 59 2.80 -6.76 8.98
C ARG A 59 2.04 -8.07 9.11
N ALA A 60 0.73 -7.99 9.30
CA ALA A 60 -0.11 -9.17 9.42
C ALA A 60 -0.17 -9.93 8.10
N SER A 61 -0.11 -9.20 7.00
CA SER A 61 -0.08 -9.80 5.68
C SER A 61 1.24 -10.52 5.46
N LEU A 62 2.32 -9.99 6.06
CA LEU A 62 3.64 -10.61 5.98
C LEU A 62 3.69 -11.85 6.87
N MET A 63 2.62 -12.11 7.61
CA MET A 63 2.51 -13.32 8.40
C MET A 63 1.65 -14.35 7.68
N GLY A 64 0.93 -13.89 6.66
CA GLY A 64 0.09 -14.77 5.89
C GLY A 64 -1.35 -14.78 6.36
N ASP A 65 -1.65 -14.01 7.40
CA ASP A 65 -3.00 -13.98 7.96
C ASP A 65 -3.90 -13.02 7.20
N VAL A 66 -3.30 -12.18 6.37
CA VAL A 66 -4.04 -11.27 5.53
C VAL A 66 -3.85 -11.64 4.06
N ALA A 67 -4.91 -12.12 3.44
CA ALA A 67 -4.85 -12.61 2.07
C ALA A 67 -4.95 -11.48 1.05
N GLY A 68 -3.79 -10.92 0.69
CA GLY A 68 -3.67 -10.01 -0.44
C GLY A 68 -4.67 -8.87 -0.47
N GLU A 69 -5.81 -9.11 -1.11
CA GLU A 69 -6.85 -8.11 -1.35
C GLU A 69 -7.13 -7.26 -0.12
N ILE A 70 -7.25 -7.90 1.04
CA ILE A 70 -7.59 -7.22 2.28
C ILE A 70 -6.60 -6.09 2.57
N ALA A 71 -5.31 -6.38 2.41
CA ALA A 71 -4.28 -5.40 2.71
C ALA A 71 -4.26 -4.28 1.68
N ARG A 72 -4.58 -4.61 0.44
CA ARG A 72 -4.56 -3.64 -0.65
C ARG A 72 -5.68 -2.61 -0.48
N THR A 73 -6.89 -3.12 -0.25
CA THR A 73 -8.05 -2.26 -0.10
C THR A 73 -7.93 -1.38 1.14
N ALA A 74 -7.45 -1.97 2.24
CA ALA A 74 -7.28 -1.25 3.49
C ALA A 74 -6.19 -0.19 3.38
N PHE A 75 -5.14 -0.50 2.63
CA PHE A 75 -4.02 0.42 2.44
C PHE A 75 -4.48 1.69 1.75
N VAL A 76 -5.32 1.52 0.72
CA VAL A 76 -5.85 2.65 -0.02
C VAL A 76 -6.76 3.49 0.88
N ALA A 77 -7.47 2.82 1.79
CA ALA A 77 -8.34 3.50 2.73
C ALA A 77 -7.53 4.35 3.71
N ALA A 78 -6.29 3.94 3.96
CA ALA A 78 -5.41 4.70 4.83
C ALA A 78 -4.86 5.92 4.10
N SER A 79 -4.60 5.78 2.80
CA SER A 79 -4.09 6.87 1.98
C SER A 79 -5.18 7.92 1.77
N ARG A 80 -6.40 7.58 2.17
CA ARG A 80 -7.53 8.50 2.10
C ARG A 80 -7.25 9.76 2.93
N GLN A 81 -6.69 9.56 4.12
CA GLN A 81 -6.44 10.68 5.02
C GLN A 81 -5.21 11.47 4.60
N ALA A 82 -4.47 10.93 3.63
CA ALA A 82 -3.32 11.62 3.07
C ALA A 82 -3.76 12.61 2.01
N HIS A 83 -5.06 12.61 1.72
CA HIS A 83 -5.68 13.52 0.75
C HIS A 83 -5.17 13.23 -0.64
N CYS A 84 -4.77 12.00 -0.89
CA CYS A 84 -4.20 11.64 -2.17
C CYS A 84 -4.40 10.15 -2.43
N LEU A 85 -5.40 9.86 -3.23
CA LEU A 85 -5.67 8.49 -3.67
C LEU A 85 -5.21 8.31 -5.10
N MET A 86 -5.17 7.07 -5.56
CA MET A 86 -4.80 6.76 -6.95
C MET A 86 -5.83 7.34 -7.90
N GLU A 87 -7.05 7.50 -7.40
CA GLU A 87 -8.15 8.06 -8.18
C GLU A 87 -8.07 9.59 -8.23
N ASP A 88 -7.28 10.16 -7.32
CA ASP A 88 -7.21 11.62 -7.18
C ASP A 88 -6.09 12.18 -8.05
N LYS A 89 -6.48 12.93 -9.08
CA LYS A 89 -5.50 13.55 -9.96
C LYS A 89 -4.96 14.84 -9.36
N ALA A 90 -3.76 14.75 -8.80
CA ALA A 90 -3.11 15.89 -8.19
C ALA A 90 -2.58 16.85 -9.26
N GLU A 91 -2.29 16.30 -10.43
CA GLU A 91 -1.80 17.12 -11.54
C GLU A 91 -2.84 17.16 -12.65
N ALA A 92 -2.83 18.25 -13.41
CA ALA A 92 -3.71 18.39 -14.56
C ALA A 92 -2.93 19.00 -15.72
N PRO A 93 -2.36 18.14 -16.60
CA PRO A 93 -1.60 18.61 -17.75
C PRO A 93 -2.48 19.24 -18.82
N ASN A 94 -2.02 20.36 -19.37
CA ASN A 94 -2.77 21.06 -20.40
C ASN A 94 -2.25 20.68 -21.78
N THR A 95 -1.23 19.83 -21.81
CA THR A 95 -0.62 19.40 -23.06
C THR A 95 -1.38 18.21 -23.64
N ILE A 96 -2.28 17.62 -22.85
CA ILE A 96 -3.01 16.46 -23.27
C ILE A 96 -4.37 16.84 -23.85
N ALA A 97 -4.61 16.45 -25.09
CA ALA A 97 -5.90 16.64 -25.71
C ALA A 97 -6.85 15.53 -25.26
N SER A 98 -7.82 15.89 -24.43
CA SER A 98 -8.72 14.93 -23.85
C SER A 98 -9.63 14.27 -24.90
N GLY A 99 -10.19 15.09 -25.77
CA GLY A 99 -11.12 14.59 -26.75
C GLY A 99 -12.54 15.01 -26.42
N SER A 100 -12.75 16.31 -26.33
CA SER A 100 -14.06 16.85 -26.02
C SER A 100 -14.38 18.02 -26.94
N MET A 1 15.42 -25.88 19.25
CA MET A 1 14.74 -25.37 20.47
C MET A 1 13.33 -25.94 20.54
N GLU A 2 12.61 -25.63 21.62
CA GLU A 2 11.23 -26.03 21.75
C GLU A 2 10.34 -25.17 20.85
N VAL A 3 10.70 -23.89 20.75
CA VAL A 3 10.01 -22.98 19.85
C VAL A 3 10.77 -22.90 18.52
N GLN A 4 10.04 -22.96 17.42
CA GLN A 4 10.66 -22.95 16.11
C GLN A 4 10.82 -21.52 15.61
N SER A 5 11.94 -21.26 14.94
CA SER A 5 12.24 -19.94 14.43
C SER A 5 11.89 -19.84 12.95
N MET A 6 10.75 -19.20 12.65
CA MET A 6 10.33 -19.00 11.27
C MET A 6 10.53 -17.55 10.86
N LEU A 7 10.61 -17.32 9.56
CA LEU A 7 10.81 -15.98 9.03
C LEU A 7 9.63 -15.54 8.19
N LEU A 8 9.41 -14.24 8.12
CA LEU A 8 8.35 -13.70 7.29
C LEU A 8 8.90 -13.44 5.89
N ASN A 9 8.26 -14.04 4.90
CA ASN A 9 8.76 -14.00 3.53
C ASN A 9 8.14 -12.86 2.75
N ASP A 10 8.68 -12.60 1.57
CA ASP A 10 8.19 -11.53 0.70
C ASP A 10 6.86 -11.93 0.09
N VAL A 11 5.78 -11.47 0.68
CA VAL A 11 4.46 -11.73 0.17
C VAL A 11 4.10 -10.71 -0.90
N LYS A 12 4.03 -11.16 -2.13
CA LYS A 12 3.74 -10.27 -3.24
C LYS A 12 2.24 -10.05 -3.35
N TRP A 13 1.86 -8.90 -3.88
CA TRP A 13 0.45 -8.58 -4.00
C TRP A 13 -0.13 -9.24 -5.24
N GLU A 14 -1.36 -9.73 -5.12
CA GLU A 14 -2.08 -10.29 -6.25
C GLU A 14 -2.42 -9.17 -7.22
N LYS A 15 -2.65 -8.00 -6.65
CA LYS A 15 -2.95 -6.81 -7.43
C LYS A 15 -2.11 -5.65 -6.93
N PRO A 16 -1.11 -5.23 -7.72
CA PRO A 16 -0.19 -4.13 -7.37
C PRO A 16 -0.93 -2.87 -6.93
N VAL A 17 -0.31 -2.11 -6.04
CA VAL A 17 -0.92 -0.91 -5.51
C VAL A 17 -0.15 0.33 -5.95
N THR A 18 -0.89 1.31 -6.48
CA THR A 18 -0.30 2.58 -6.88
C THR A 18 -0.53 3.64 -5.80
N ILE A 19 0.46 3.85 -4.95
CA ILE A 19 0.29 4.77 -3.84
C ILE A 19 0.67 6.18 -4.26
N SER A 20 -0.34 7.01 -4.43
CA SER A 20 -0.15 8.36 -4.91
C SER A 20 0.35 9.24 -3.78
N LEU A 21 1.60 9.65 -3.87
CA LEU A 21 2.16 10.56 -2.88
C LEU A 21 1.86 12.00 -3.27
N GLN A 22 1.83 12.89 -2.29
CA GLN A 22 1.55 14.30 -2.53
C GLN A 22 2.59 14.92 -3.46
N ASN A 23 3.71 14.23 -3.61
CA ASN A 23 4.78 14.66 -4.51
C ASN A 23 4.29 14.63 -5.97
N GLY A 24 3.23 13.88 -6.21
CA GLY A 24 2.62 13.86 -7.53
C GLY A 24 2.95 12.61 -8.32
N ALA A 25 3.11 11.49 -7.63
CA ALA A 25 3.43 10.23 -8.30
C ALA A 25 3.02 9.04 -7.45
N PRO A 26 2.17 8.15 -8.01
CA PRO A 26 1.82 6.89 -7.37
C PRO A 26 2.83 5.80 -7.68
N ARG A 27 3.53 5.34 -6.65
CA ARG A 27 4.48 4.26 -6.82
C ARG A 27 3.76 2.92 -6.76
N ILE A 28 4.17 2.00 -7.63
CA ILE A 28 3.54 0.71 -7.72
C ILE A 28 4.31 -0.32 -6.89
N PHE A 29 3.70 -0.80 -5.83
CA PHE A 29 4.33 -1.82 -4.99
C PHE A 29 4.09 -3.21 -5.59
N ASN A 30 5.08 -4.07 -5.46
CA ASN A 30 4.99 -5.43 -5.98
C ASN A 30 4.59 -6.38 -4.88
N GLY A 31 4.97 -6.04 -3.66
CA GLY A 31 4.65 -6.86 -2.53
C GLY A 31 4.40 -6.04 -1.28
N VAL A 32 3.76 -6.65 -0.30
CA VAL A 32 3.43 -5.95 0.94
C VAL A 32 4.70 -5.63 1.71
N TYR A 33 5.75 -6.38 1.41
CA TYR A 33 7.05 -6.18 2.03
C TYR A 33 7.57 -4.77 1.74
N GLU A 34 7.43 -4.34 0.48
CA GLU A 34 7.87 -3.01 0.06
C GLU A 34 7.03 -1.94 0.74
N ALA A 35 5.72 -2.18 0.79
CA ALA A 35 4.79 -1.24 1.38
C ALA A 35 5.11 -1.03 2.87
N PHE A 36 5.26 -2.12 3.60
CA PHE A 36 5.60 -2.06 5.02
C PHE A 36 6.87 -1.24 5.24
N ASP A 37 7.89 -1.52 4.44
CA ASP A 37 9.17 -0.85 4.57
C ASP A 37 9.05 0.63 4.22
N PHE A 38 8.37 0.95 3.12
CA PHE A 38 8.21 2.33 2.68
C PHE A 38 7.50 3.16 3.75
N LEU A 39 6.49 2.57 4.38
CA LEU A 39 5.71 3.25 5.41
C LEU A 39 6.58 3.66 6.59
N GLN A 40 7.68 2.96 6.76
CA GLN A 40 8.61 3.25 7.85
C GLN A 40 9.66 4.27 7.40
N HIS A 41 9.94 4.30 6.12
CA HIS A 41 10.97 5.18 5.59
C HIS A 41 10.51 6.64 5.57
N GLU A 42 9.47 6.94 4.81
CA GLU A 42 8.97 8.30 4.72
C GLU A 42 7.54 8.36 4.21
N TRP A 43 6.60 8.08 5.10
CA TRP A 43 5.19 8.26 4.81
C TRP A 43 4.81 9.71 5.07
N PRO A 44 4.56 10.49 4.00
CA PRO A 44 4.37 11.93 4.07
C PRO A 44 2.93 12.36 4.34
N ALA A 45 2.21 11.56 5.12
CA ALA A 45 0.84 11.89 5.47
C ALA A 45 0.63 11.79 6.97
N ARG A 46 0.38 12.91 7.61
CA ARG A 46 0.16 12.94 9.04
C ARG A 46 -1.25 12.45 9.36
N GLY A 47 -1.34 11.53 10.31
CA GLY A 47 -2.63 10.95 10.65
C GLY A 47 -2.53 10.01 11.84
N ASP A 48 -1.35 9.40 12.00
CA ASP A 48 -1.05 8.53 13.13
C ASP A 48 -1.78 7.19 13.07
N ARG A 49 -3.08 7.21 13.34
CA ARG A 49 -3.85 5.97 13.51
C ARG A 49 -3.93 5.18 12.20
N ALA A 50 -4.19 5.87 11.09
CA ALA A 50 -4.25 5.21 9.79
C ALA A 50 -2.88 4.65 9.42
N HIS A 51 -1.83 5.38 9.78
CA HIS A 51 -0.46 4.93 9.54
C HIS A 51 -0.15 3.74 10.44
N GLU A 52 -0.63 3.80 11.68
CA GLU A 52 -0.45 2.72 12.64
C GLU A 52 -1.11 1.45 12.13
N GLN A 53 -2.33 1.61 11.60
CA GLN A 53 -3.08 0.51 11.02
C GLN A 53 -2.33 -0.07 9.83
N ALA A 54 -1.85 0.82 8.96
CA ALA A 54 -1.14 0.42 7.75
C ALA A 54 0.05 -0.49 8.07
N LEU A 55 0.82 -0.13 9.08
CA LEU A 55 1.96 -0.95 9.49
C LEU A 55 1.51 -2.31 9.98
N ARG A 56 0.46 -2.33 10.79
CA ARG A 56 -0.08 -3.58 11.31
C ARG A 56 -0.58 -4.47 10.17
N LEU A 57 -1.31 -3.87 9.24
CA LEU A 57 -1.84 -4.59 8.08
C LEU A 57 -0.71 -5.23 7.28
N CYS A 58 0.30 -4.44 6.97
CA CYS A 58 1.39 -4.90 6.15
C CYS A 58 2.20 -5.99 6.85
N ARG A 59 2.42 -5.84 8.16
CA ARG A 59 3.16 -6.83 8.91
C ARG A 59 2.36 -8.12 9.01
N ALA A 60 1.06 -8.00 9.22
CA ALA A 60 0.18 -9.16 9.31
C ALA A 60 0.13 -9.90 7.98
N SER A 61 0.26 -9.16 6.88
CA SER A 61 0.31 -9.75 5.56
C SER A 61 1.59 -10.56 5.39
N LEU A 62 2.69 -10.03 5.95
CA LEU A 62 3.97 -10.74 5.95
C LEU A 62 3.87 -12.02 6.78
N MET A 63 2.99 -11.98 7.77
CA MET A 63 2.74 -13.13 8.63
C MET A 63 1.76 -14.10 7.96
N GLY A 64 1.35 -13.75 6.75
CA GLY A 64 0.44 -14.60 5.99
C GLY A 64 -0.98 -14.56 6.53
N ASP A 65 -1.26 -13.58 7.38
CA ASP A 65 -2.56 -13.49 8.03
C ASP A 65 -3.55 -12.74 7.14
N VAL A 66 -3.08 -11.65 6.56
CA VAL A 66 -3.89 -10.85 5.64
C VAL A 66 -3.53 -11.17 4.20
N ALA A 67 -4.48 -11.73 3.47
CA ALA A 67 -4.23 -12.17 2.10
C ALA A 67 -4.48 -11.08 1.07
N GLY A 68 -3.44 -10.32 0.78
CA GLY A 68 -3.44 -9.44 -0.38
C GLY A 68 -4.48 -8.33 -0.35
N GLU A 69 -5.64 -8.59 -0.93
CA GLU A 69 -6.63 -7.55 -1.21
C GLU A 69 -7.23 -6.94 0.05
N ILE A 70 -7.31 -7.72 1.13
CA ILE A 70 -7.78 -7.20 2.40
C ILE A 70 -6.89 -6.02 2.83
N ALA A 71 -5.58 -6.24 2.78
CA ALA A 71 -4.62 -5.19 3.11
C ALA A 71 -4.64 -4.10 2.04
N ARG A 72 -4.82 -4.51 0.79
CA ARG A 72 -4.85 -3.58 -0.34
C ARG A 72 -5.93 -2.53 -0.14
N THR A 73 -7.15 -2.98 0.09
CA THR A 73 -8.29 -2.10 0.24
C THR A 73 -8.14 -1.19 1.46
N ALA A 74 -7.63 -1.74 2.55
CA ALA A 74 -7.42 -0.97 3.77
C ALA A 74 -6.29 0.04 3.58
N PHE A 75 -5.30 -0.33 2.78
CA PHE A 75 -4.17 0.55 2.48
C PHE A 75 -4.65 1.75 1.65
N VAL A 76 -5.59 1.51 0.74
CA VAL A 76 -6.17 2.56 -0.06
C VAL A 76 -6.91 3.57 0.83
N ALA A 77 -7.63 3.05 1.82
CA ALA A 77 -8.34 3.90 2.77
C ALA A 77 -7.37 4.76 3.57
N ALA A 78 -6.22 4.18 3.90
CA ALA A 78 -5.17 4.92 4.60
C ALA A 78 -4.53 5.95 3.68
N SER A 79 -4.37 5.58 2.41
CA SER A 79 -3.80 6.47 1.41
C SER A 79 -4.72 7.67 1.16
N ARG A 80 -6.00 7.51 1.49
CA ARG A 80 -6.96 8.58 1.32
C ARG A 80 -6.67 9.73 2.29
N GLN A 81 -5.96 9.41 3.37
CA GLN A 81 -5.61 10.42 4.36
C GLN A 81 -4.54 11.36 3.78
N ALA A 82 -3.78 10.84 2.83
CA ALA A 82 -2.77 11.63 2.12
C ALA A 82 -3.45 12.50 1.06
N HIS A 83 -4.75 12.25 0.87
CA HIS A 83 -5.59 13.02 -0.06
C HIS A 83 -5.15 12.79 -1.51
N CYS A 84 -4.45 11.69 -1.72
CA CYS A 84 -3.96 11.34 -3.05
C CYS A 84 -4.21 9.87 -3.29
N LEU A 85 -5.39 9.55 -3.77
CA LEU A 85 -5.76 8.17 -4.08
C LEU A 85 -5.14 7.73 -5.40
N MET A 86 -5.17 6.42 -5.65
CA MET A 86 -4.74 5.86 -6.94
C MET A 86 -5.36 6.63 -8.09
N GLU A 87 -4.54 6.95 -9.08
CA GLU A 87 -4.98 7.71 -10.24
C GLU A 87 -5.95 6.88 -11.06
N ASP A 88 -5.53 5.66 -11.39
CA ASP A 88 -6.33 4.71 -12.17
C ASP A 88 -6.77 5.32 -13.50
N LYS A 89 -5.91 6.19 -14.04
CA LYS A 89 -6.18 6.90 -15.29
C LYS A 89 -7.30 7.91 -15.11
N ALA A 90 -6.92 9.17 -14.96
CA ALA A 90 -7.87 10.25 -14.80
C ALA A 90 -7.38 11.50 -15.53
N GLU A 91 -8.30 12.25 -16.09
CA GLU A 91 -7.95 13.46 -16.83
C GLU A 91 -7.84 14.66 -15.90
N ALA A 92 -6.78 15.43 -16.06
CA ALA A 92 -6.58 16.62 -15.24
C ALA A 92 -6.08 17.78 -16.09
N PRO A 93 -6.94 18.79 -16.32
CA PRO A 93 -6.58 19.98 -17.08
C PRO A 93 -5.66 20.91 -16.29
N ASN A 94 -5.26 20.45 -15.11
CA ASN A 94 -4.32 21.19 -14.27
C ASN A 94 -2.90 20.79 -14.62
N THR A 95 -2.74 19.57 -15.11
CA THR A 95 -1.43 19.06 -15.46
C THR A 95 -0.95 19.64 -16.79
N ILE A 96 -1.87 19.75 -17.73
CA ILE A 96 -1.56 20.26 -19.05
C ILE A 96 -2.24 21.60 -19.27
N ALA A 97 -1.45 22.65 -19.49
CA ALA A 97 -1.98 23.99 -19.71
C ALA A 97 -2.88 24.01 -20.94
N SER A 98 -4.05 24.60 -20.79
CA SER A 98 -5.03 24.65 -21.86
C SER A 98 -5.51 26.08 -22.10
N GLY A 99 -4.97 26.70 -23.15
CA GLY A 99 -5.36 28.06 -23.47
C GLY A 99 -6.59 28.09 -24.35
N SER A 100 -7.75 28.30 -23.73
CA SER A 100 -9.00 28.36 -24.46
C SER A 100 -9.65 29.73 -24.29
N MET A 1 19.91 -9.58 14.25
CA MET A 1 19.55 -8.49 13.32
C MET A 1 20.56 -8.36 12.18
N GLU A 2 21.71 -9.01 12.33
CA GLU A 2 22.77 -8.94 11.34
C GLU A 2 22.60 -10.03 10.29
N VAL A 3 22.44 -11.26 10.77
CA VAL A 3 22.29 -12.40 9.88
C VAL A 3 20.83 -12.54 9.46
N GLN A 4 20.59 -12.55 8.16
CA GLN A 4 19.23 -12.68 7.64
C GLN A 4 18.89 -14.14 7.41
N SER A 5 17.61 -14.46 7.45
CA SER A 5 17.16 -15.82 7.22
C SER A 5 17.07 -16.12 5.73
N MET A 6 17.28 -17.38 5.37
CA MET A 6 17.20 -17.82 3.98
C MET A 6 15.76 -17.72 3.48
N LEU A 7 14.81 -17.99 4.37
CA LEU A 7 13.41 -17.90 4.04
C LEU A 7 12.94 -16.45 4.10
N LEU A 8 12.64 -15.89 2.94
CA LEU A 8 12.17 -14.51 2.86
C LEU A 8 10.65 -14.46 2.81
N ASN A 9 10.06 -13.56 3.58
CA ASN A 9 8.62 -13.40 3.60
C ASN A 9 8.18 -12.32 2.62
N ASP A 10 8.74 -12.36 1.41
CA ASP A 10 8.27 -11.49 0.34
C ASP A 10 6.87 -11.90 -0.05
N VAL A 11 5.90 -11.28 0.58
CA VAL A 11 4.50 -11.59 0.32
C VAL A 11 3.99 -10.71 -0.80
N LYS A 12 3.82 -11.30 -1.98
CA LYS A 12 3.40 -10.56 -3.15
C LYS A 12 1.98 -10.02 -2.96
N TRP A 13 1.74 -8.84 -3.50
CA TRP A 13 0.41 -8.29 -3.55
C TRP A 13 -0.29 -8.80 -4.79
N GLU A 14 -1.37 -9.55 -4.59
CA GLU A 14 -2.07 -10.19 -5.70
C GLU A 14 -2.58 -9.15 -6.70
N LYS A 15 -2.97 -7.98 -6.19
CA LYS A 15 -3.25 -6.85 -7.05
C LYS A 15 -2.40 -5.67 -6.59
N PRO A 16 -1.28 -5.42 -7.28
CA PRO A 16 -0.29 -4.40 -6.89
C PRO A 16 -0.91 -3.05 -6.53
N VAL A 17 -0.35 -2.43 -5.50
CA VAL A 17 -0.85 -1.15 -5.02
C VAL A 17 0.02 -0.01 -5.52
N THR A 18 -0.63 0.96 -6.16
CA THR A 18 0.06 2.14 -6.66
C THR A 18 -0.24 3.32 -5.74
N ILE A 19 0.81 3.85 -5.12
CA ILE A 19 0.65 4.95 -4.18
C ILE A 19 1.16 6.25 -4.78
N SER A 20 0.57 7.37 -4.41
CA SER A 20 0.94 8.67 -4.95
C SER A 20 1.78 9.44 -3.95
N LEU A 21 3.09 9.51 -4.21
CA LEU A 21 4.01 10.21 -3.34
C LEU A 21 3.81 11.72 -3.45
N GLN A 22 4.40 12.47 -2.52
CA GLN A 22 4.34 13.92 -2.55
C GLN A 22 5.06 14.45 -3.80
N ASN A 23 5.88 13.59 -4.37
CA ASN A 23 6.59 13.89 -5.61
C ASN A 23 5.60 14.08 -6.76
N GLY A 24 4.41 13.53 -6.60
CA GLY A 24 3.45 13.52 -7.69
C GLY A 24 3.72 12.35 -8.61
N ALA A 25 4.19 11.25 -8.03
CA ALA A 25 4.57 10.08 -8.79
C ALA A 25 3.92 8.82 -8.21
N PRO A 26 3.38 7.95 -9.08
CA PRO A 26 2.78 6.69 -8.68
C PRO A 26 3.84 5.59 -8.57
N ARG A 27 3.99 5.04 -7.37
CA ARG A 27 4.91 3.94 -7.16
C ARG A 27 4.11 2.65 -6.96
N ILE A 28 4.44 1.63 -7.76
CA ILE A 28 3.71 0.38 -7.73
C ILE A 28 4.43 -0.65 -6.86
N PHE A 29 3.77 -1.07 -5.80
CA PHE A 29 4.30 -2.11 -4.94
C PHE A 29 3.83 -3.47 -5.41
N ASN A 30 4.76 -4.36 -5.68
CA ASN A 30 4.44 -5.70 -6.15
C ASN A 30 4.31 -6.64 -4.97
N GLY A 31 4.91 -6.25 -3.86
CA GLY A 31 4.85 -7.05 -2.66
C GLY A 31 4.62 -6.18 -1.44
N VAL A 32 4.06 -6.78 -0.40
CA VAL A 32 3.74 -6.06 0.83
C VAL A 32 5.01 -5.51 1.47
N TYR A 33 6.11 -6.24 1.31
CA TYR A 33 7.38 -5.84 1.91
C TYR A 33 7.83 -4.48 1.39
N GLU A 34 7.69 -4.26 0.08
CA GLU A 34 8.08 -3.00 -0.53
C GLU A 34 7.31 -1.84 0.08
N ALA A 35 6.03 -2.05 0.31
CA ALA A 35 5.16 -1.03 0.87
C ALA A 35 5.45 -0.82 2.35
N PHE A 36 5.62 -1.92 3.08
CA PHE A 36 5.88 -1.87 4.51
C PHE A 36 7.16 -1.09 4.81
N ASP A 37 8.14 -1.22 3.93
CA ASP A 37 9.39 -0.49 4.08
C ASP A 37 9.15 1.00 3.83
N PHE A 38 8.42 1.31 2.76
CA PHE A 38 8.11 2.68 2.38
C PHE A 38 7.36 3.42 3.49
N LEU A 39 6.41 2.74 4.11
CA LEU A 39 5.56 3.34 5.13
C LEU A 39 6.35 3.71 6.38
N GLN A 40 7.53 3.14 6.54
CA GLN A 40 8.38 3.44 7.67
C GLN A 40 9.47 4.42 7.27
N HIS A 41 9.46 4.79 6.01
CA HIS A 41 10.48 5.68 5.47
C HIS A 41 9.90 7.05 5.17
N GLU A 42 8.94 7.08 4.26
CA GLU A 42 8.45 8.35 3.75
C GLU A 42 6.93 8.35 3.56
N TRP A 43 6.20 8.14 4.65
CA TRP A 43 4.76 8.36 4.63
C TRP A 43 4.48 9.85 4.80
N PRO A 44 4.13 10.54 3.70
CA PRO A 44 4.13 12.01 3.63
C PRO A 44 3.11 12.69 4.53
N ALA A 45 1.92 12.11 4.64
CA ALA A 45 0.84 12.73 5.37
C ALA A 45 0.78 12.22 6.81
N ARG A 46 0.35 13.08 7.71
CA ARG A 46 0.18 12.72 9.10
C ARG A 46 -1.15 11.99 9.32
N GLY A 47 -1.53 11.81 10.57
CA GLY A 47 -2.74 11.09 10.88
C GLY A 47 -2.60 10.23 12.12
N ASP A 48 -1.34 9.96 12.48
CA ASP A 48 -1.00 9.17 13.66
C ASP A 48 -1.52 7.73 13.54
N ARG A 49 -2.80 7.52 13.83
CA ARG A 49 -3.39 6.20 13.70
C ARG A 49 -3.61 5.86 12.23
N ALA A 50 -3.65 6.88 11.38
CA ALA A 50 -3.68 6.66 9.94
C ALA A 50 -2.36 6.05 9.48
N HIS A 51 -1.27 6.56 10.06
CA HIS A 51 0.06 6.03 9.79
C HIS A 51 0.19 4.65 10.40
N GLU A 52 -0.29 4.51 11.63
CA GLU A 52 -0.23 3.25 12.36
C GLU A 52 -1.00 2.15 11.64
N GLN A 53 -2.20 2.48 11.15
CA GLN A 53 -3.04 1.51 10.46
C GLN A 53 -2.34 0.97 9.22
N ALA A 54 -1.66 1.85 8.50
CA ALA A 54 -0.93 1.46 7.30
C ALA A 54 0.11 0.38 7.63
N LEU A 55 0.88 0.61 8.68
CA LEU A 55 1.89 -0.35 9.11
C LEU A 55 1.22 -1.59 9.72
N ARG A 56 0.12 -1.36 10.44
CA ARG A 56 -0.66 -2.43 11.05
C ARG A 56 -1.05 -3.48 10.00
N LEU A 57 -1.64 -3.01 8.92
CA LEU A 57 -2.13 -3.90 7.87
C LEU A 57 -1.00 -4.63 7.18
N CYS A 58 0.03 -3.91 6.79
CA CYS A 58 1.16 -4.50 6.06
C CYS A 58 1.91 -5.50 6.94
N ARG A 59 1.99 -5.23 8.23
CA ARG A 59 2.64 -6.13 9.18
C ARG A 59 1.91 -7.46 9.23
N ALA A 60 0.59 -7.42 9.24
CA ALA A 60 -0.23 -8.63 9.28
C ALA A 60 -0.26 -9.32 7.93
N SER A 61 -0.07 -8.54 6.87
CA SER A 61 -0.08 -9.08 5.52
C SER A 61 1.22 -9.84 5.24
N LEU A 62 2.33 -9.38 5.82
CA LEU A 62 3.61 -10.06 5.69
C LEU A 62 3.62 -11.37 6.47
N MET A 63 2.61 -11.55 7.33
CA MET A 63 2.45 -12.79 8.06
C MET A 63 1.76 -13.83 7.19
N GLY A 64 1.16 -13.36 6.10
CA GLY A 64 0.46 -14.25 5.19
C GLY A 64 -0.99 -14.46 5.60
N ASP A 65 -1.43 -13.73 6.63
CA ASP A 65 -2.80 -13.86 7.11
C ASP A 65 -3.76 -13.04 6.26
N VAL A 66 -3.33 -11.85 5.87
CA VAL A 66 -4.13 -10.99 5.02
C VAL A 66 -3.82 -11.28 3.55
N ALA A 67 -4.86 -11.61 2.79
CA ALA A 67 -4.67 -12.08 1.43
C ALA A 67 -4.85 -10.96 0.40
N GLY A 68 -3.73 -10.41 -0.05
CA GLY A 68 -3.70 -9.53 -1.22
C GLY A 68 -4.70 -8.38 -1.19
N GLU A 69 -5.80 -8.57 -1.90
CA GLU A 69 -6.78 -7.49 -2.11
C GLU A 69 -7.41 -7.04 -0.80
N ILE A 70 -7.49 -7.94 0.17
CA ILE A 70 -7.99 -7.59 1.49
C ILE A 70 -7.13 -6.47 2.09
N ALA A 71 -5.81 -6.64 1.96
CA ALA A 71 -4.87 -5.64 2.44
C ALA A 71 -4.94 -4.38 1.58
N ARG A 72 -5.15 -4.57 0.29
CA ARG A 72 -5.23 -3.45 -0.65
C ARG A 72 -6.36 -2.50 -0.27
N THR A 73 -7.58 -3.02 -0.20
CA THR A 73 -8.75 -2.20 0.07
C THR A 73 -8.66 -1.56 1.46
N ALA A 74 -8.12 -2.31 2.43
CA ALA A 74 -7.93 -1.79 3.78
C ALA A 74 -6.90 -0.67 3.78
N PHE A 75 -5.82 -0.86 3.03
CA PHE A 75 -4.77 0.15 2.91
C PHE A 75 -5.33 1.41 2.26
N VAL A 76 -6.20 1.22 1.28
CA VAL A 76 -6.86 2.32 0.61
C VAL A 76 -7.67 3.14 1.59
N ALA A 77 -8.32 2.47 2.53
CA ALA A 77 -9.12 3.14 3.56
C ALA A 77 -8.23 4.02 4.44
N ALA A 78 -7.04 3.52 4.75
CA ALA A 78 -6.09 4.26 5.58
C ALA A 78 -5.48 5.42 4.81
N SER A 79 -5.03 5.15 3.58
CA SER A 79 -4.42 6.17 2.74
C SER A 79 -5.46 7.20 2.31
N ARG A 80 -6.73 6.80 2.31
CA ARG A 80 -7.85 7.71 2.05
C ARG A 80 -7.87 8.84 3.07
N GLN A 81 -7.68 8.48 4.34
CA GLN A 81 -7.71 9.44 5.44
C GLN A 81 -6.58 10.45 5.29
N ALA A 82 -5.46 9.99 4.78
CA ALA A 82 -4.28 10.84 4.58
C ALA A 82 -4.32 11.52 3.21
N HIS A 83 -5.33 11.17 2.41
CA HIS A 83 -5.49 11.70 1.06
C HIS A 83 -4.29 11.36 0.18
N CYS A 84 -4.02 10.07 0.08
CA CYS A 84 -2.95 9.58 -0.77
C CYS A 84 -3.44 8.34 -1.53
N LEU A 85 -4.17 8.57 -2.60
CA LEU A 85 -4.83 7.50 -3.34
C LEU A 85 -4.55 7.60 -4.83
N MET A 86 -4.24 6.45 -5.42
CA MET A 86 -4.18 6.32 -6.87
C MET A 86 -5.27 5.39 -7.33
N GLU A 87 -6.28 5.95 -7.99
CA GLU A 87 -7.43 5.18 -8.42
C GLU A 87 -7.11 4.32 -9.63
N ASP A 88 -7.68 3.12 -9.65
CA ASP A 88 -7.46 2.18 -10.74
C ASP A 88 -8.06 2.74 -12.02
N LYS A 89 -7.44 2.43 -13.16
CA LYS A 89 -7.91 2.96 -14.44
C LYS A 89 -9.13 2.20 -14.94
N ALA A 90 -9.71 1.39 -14.07
CA ALA A 90 -10.96 0.70 -14.37
C ALA A 90 -12.13 1.62 -14.07
N GLU A 91 -11.85 2.71 -13.36
CA GLU A 91 -12.88 3.67 -12.99
C GLU A 91 -12.86 4.88 -13.93
N ALA A 92 -13.84 4.92 -14.82
CA ALA A 92 -13.96 6.01 -15.80
C ALA A 92 -12.67 6.27 -16.56
N PRO A 93 -12.26 5.34 -17.44
CA PRO A 93 -11.01 5.44 -18.18
C PRO A 93 -11.17 6.23 -19.48
N ASN A 94 -10.10 6.28 -20.26
CA ASN A 94 -10.13 6.89 -21.57
C ASN A 94 -9.83 5.85 -22.64
N THR A 95 -10.73 5.69 -23.59
CA THR A 95 -10.56 4.73 -24.66
C THR A 95 -9.37 5.11 -25.53
N ILE A 96 -9.27 6.39 -25.84
CA ILE A 96 -8.15 6.90 -26.62
C ILE A 96 -7.05 7.38 -25.68
N ALA A 97 -5.83 6.91 -25.91
CA ALA A 97 -4.69 7.24 -25.06
C ALA A 97 -4.30 8.71 -25.20
N SER A 98 -4.72 9.31 -26.30
CA SER A 98 -4.45 10.73 -26.54
C SER A 98 -5.66 11.56 -26.11
N GLY A 99 -6.55 10.94 -25.34
CA GLY A 99 -7.75 11.61 -24.90
C GLY A 99 -7.48 12.62 -23.80
N SER A 100 -7.48 13.90 -24.17
CA SER A 100 -7.26 14.98 -23.24
C SER A 100 -7.91 16.25 -23.80
N MET A 1 8.39 -12.22 6.93
CA MET A 1 9.75 -12.69 7.30
C MET A 1 10.79 -11.72 6.77
N GLU A 2 12.06 -12.10 6.88
CA GLU A 2 13.15 -11.30 6.35
C GLU A 2 13.68 -11.96 5.07
N VAL A 3 13.94 -11.15 4.06
CA VAL A 3 14.29 -11.68 2.76
C VAL A 3 15.79 -11.54 2.48
N GLN A 4 16.40 -12.61 2.00
CA GLN A 4 17.81 -12.62 1.63
C GLN A 4 18.02 -11.81 0.36
N SER A 5 17.42 -12.26 -0.73
CA SER A 5 17.48 -11.54 -1.99
C SER A 5 16.15 -10.81 -2.22
N MET A 6 16.19 -9.49 -2.18
CA MET A 6 14.98 -8.67 -2.20
C MET A 6 14.30 -8.68 -3.57
N LEU A 7 14.84 -9.45 -4.50
CA LEU A 7 14.17 -9.70 -5.77
C LEU A 7 12.89 -10.48 -5.53
N LEU A 8 12.90 -11.28 -4.48
CA LEU A 8 11.72 -12.02 -4.06
C LEU A 8 11.02 -11.25 -2.95
N ASN A 9 9.72 -11.07 -3.06
CA ASN A 9 8.98 -10.34 -2.04
C ASN A 9 8.48 -11.31 -0.98
N ASP A 10 8.63 -10.92 0.28
CA ASP A 10 8.21 -11.75 1.41
C ASP A 10 6.78 -12.22 1.24
N VAL A 11 5.89 -11.26 1.06
CA VAL A 11 4.51 -11.55 0.72
C VAL A 11 4.10 -10.70 -0.48
N LYS A 12 4.23 -11.29 -1.66
CA LYS A 12 4.00 -10.59 -2.90
C LYS A 12 2.50 -10.42 -3.15
N TRP A 13 2.13 -9.27 -3.68
CA TRP A 13 0.73 -8.92 -3.82
C TRP A 13 0.10 -9.63 -5.00
N GLU A 14 -1.09 -10.15 -4.79
CA GLU A 14 -1.88 -10.74 -5.86
C GLU A 14 -2.23 -9.66 -6.88
N LYS A 15 -2.56 -8.49 -6.35
CA LYS A 15 -2.90 -7.35 -7.17
C LYS A 15 -2.06 -6.15 -6.73
N PRO A 16 -0.99 -5.86 -7.49
CA PRO A 16 -0.05 -4.76 -7.20
C PRO A 16 -0.74 -3.43 -6.88
N VAL A 17 -0.05 -2.58 -6.13
CA VAL A 17 -0.63 -1.34 -5.63
C VAL A 17 0.22 -0.13 -5.99
N THR A 18 -0.40 0.87 -6.59
CA THR A 18 0.28 2.11 -6.94
C THR A 18 -0.19 3.24 -6.03
N ILE A 19 0.75 3.91 -5.38
CA ILE A 19 0.43 5.01 -4.48
C ILE A 19 1.06 6.31 -4.98
N SER A 20 0.37 7.41 -4.79
CA SER A 20 0.90 8.72 -5.16
C SER A 20 1.35 9.49 -3.92
N LEU A 21 2.53 10.09 -4.01
CA LEU A 21 2.99 10.99 -2.95
C LEU A 21 2.43 12.40 -3.17
N GLN A 22 2.72 13.30 -2.24
CA GLN A 22 2.17 14.66 -2.26
C GLN A 22 2.54 15.42 -3.53
N ASN A 23 3.69 15.09 -4.10
CA ASN A 23 4.20 15.82 -5.26
C ASN A 23 3.77 15.13 -6.56
N GLY A 24 3.02 14.05 -6.42
CA GLY A 24 2.56 13.31 -7.58
C GLY A 24 3.61 12.34 -8.09
N ALA A 25 3.82 11.28 -7.35
CA ALA A 25 4.80 10.28 -7.71
C ALA A 25 4.23 8.88 -7.47
N PRO A 26 3.95 8.14 -8.55
CA PRO A 26 3.40 6.79 -8.46
C PRO A 26 4.43 5.75 -8.04
N ARG A 27 4.30 5.26 -6.82
CA ARG A 27 5.11 4.16 -6.34
C ARG A 27 4.32 2.87 -6.43
N ILE A 28 4.84 1.91 -7.18
CA ILE A 28 4.15 0.65 -7.38
C ILE A 28 4.85 -0.45 -6.59
N PHE A 29 4.10 -1.12 -5.75
CA PHE A 29 4.64 -2.17 -4.91
C PHE A 29 4.28 -3.52 -5.48
N ASN A 30 5.24 -4.42 -5.51
CA ASN A 30 5.01 -5.77 -6.00
C ASN A 30 4.43 -6.62 -4.89
N GLY A 31 4.61 -6.17 -3.66
CA GLY A 31 4.13 -6.90 -2.52
C GLY A 31 3.95 -6.03 -1.31
N VAL A 32 3.46 -6.64 -0.24
CA VAL A 32 3.14 -5.95 0.99
C VAL A 32 4.39 -5.33 1.62
N TYR A 33 5.50 -6.07 1.56
CA TYR A 33 6.71 -5.68 2.24
C TYR A 33 7.22 -4.32 1.75
N GLU A 34 7.16 -4.08 0.46
CA GLU A 34 7.58 -2.79 -0.09
C GLU A 34 6.69 -1.66 0.44
N ALA A 35 5.40 -1.96 0.59
CA ALA A 35 4.44 -1.00 1.13
C ALA A 35 4.77 -0.71 2.59
N PHE A 36 5.11 -1.76 3.33
CA PHE A 36 5.46 -1.65 4.74
C PHE A 36 6.72 -0.81 4.91
N ASP A 37 7.69 -1.07 4.04
CA ASP A 37 8.95 -0.34 4.07
C ASP A 37 8.73 1.13 3.71
N PHE A 38 7.87 1.38 2.72
CA PHE A 38 7.49 2.74 2.35
C PHE A 38 6.84 3.46 3.53
N LEU A 39 5.93 2.76 4.21
CA LEU A 39 5.23 3.30 5.37
C LEU A 39 6.22 3.80 6.44
N GLN A 40 7.36 3.15 6.52
CA GLN A 40 8.39 3.54 7.48
C GLN A 40 9.30 4.62 6.89
N HIS A 41 9.52 4.55 5.59
CA HIS A 41 10.47 5.42 4.93
C HIS A 41 9.84 6.75 4.52
N GLU A 42 9.32 6.80 3.30
CA GLU A 42 8.89 8.06 2.70
C GLU A 42 7.39 8.27 2.84
N TRP A 43 6.77 7.64 3.82
CA TRP A 43 5.35 7.88 4.10
C TRP A 43 5.19 9.25 4.78
N PRO A 44 4.62 10.24 4.07
CA PRO A 44 4.55 11.61 4.55
C PRO A 44 3.23 11.93 5.26
N ALA A 45 2.34 10.95 5.35
CA ALA A 45 1.04 11.16 5.95
C ALA A 45 1.10 11.06 7.47
N ARG A 46 1.02 12.22 8.12
CA ARG A 46 1.04 12.29 9.56
C ARG A 46 -0.34 11.96 10.13
N GLY A 47 -0.36 11.45 11.35
CA GLY A 47 -1.61 11.05 11.96
C GLY A 47 -1.40 10.02 13.05
N ASP A 48 -0.30 9.27 12.92
CA ASP A 48 0.14 8.31 13.93
C ASP A 48 -0.73 7.06 13.95
N ARG A 49 -1.96 7.18 14.44
CA ARG A 49 -2.86 6.02 14.54
C ARG A 49 -3.15 5.43 13.16
N ALA A 50 -3.56 6.29 12.23
CA ALA A 50 -3.81 5.86 10.86
C ALA A 50 -2.56 5.24 10.25
N HIS A 51 -1.41 5.74 10.67
CA HIS A 51 -0.13 5.20 10.22
C HIS A 51 0.09 3.81 10.78
N GLU A 52 -0.16 3.65 12.09
CA GLU A 52 0.02 2.36 12.75
C GLU A 52 -0.93 1.31 12.16
N GLN A 53 -2.15 1.72 11.82
CA GLN A 53 -3.12 0.81 11.23
C GLN A 53 -2.56 0.19 9.95
N ALA A 54 -1.95 1.03 9.11
CA ALA A 54 -1.37 0.56 7.86
C ALA A 54 -0.26 -0.46 8.12
N LEU A 55 0.55 -0.20 9.15
CA LEU A 55 1.62 -1.11 9.53
C LEU A 55 1.05 -2.42 10.06
N ARG A 56 0.01 -2.34 10.86
CA ARG A 56 -0.66 -3.52 11.40
C ARG A 56 -1.17 -4.42 10.28
N LEU A 57 -1.74 -3.81 9.26
CA LEU A 57 -2.26 -4.53 8.11
C LEU A 57 -1.13 -5.23 7.36
N CYS A 58 -0.03 -4.51 7.17
CA CYS A 58 1.12 -5.07 6.49
C CYS A 58 1.78 -6.16 7.32
N ARG A 59 1.90 -5.92 8.61
CA ARG A 59 2.49 -6.89 9.53
C ARG A 59 1.67 -8.17 9.56
N ALA A 60 0.35 -8.02 9.50
CA ALA A 60 -0.57 -9.16 9.48
C ALA A 60 -0.35 -9.98 8.21
N SER A 61 -0.06 -9.28 7.12
CA SER A 61 0.20 -9.93 5.84
C SER A 61 1.55 -10.63 5.87
N LEU A 62 2.50 -10.02 6.57
CA LEU A 62 3.83 -10.60 6.74
C LEU A 62 3.76 -11.87 7.58
N MET A 63 2.74 -11.93 8.45
CA MET A 63 2.47 -13.15 9.21
C MET A 63 1.96 -14.24 8.27
N GLY A 64 1.36 -13.82 7.18
CA GLY A 64 0.91 -14.74 6.16
C GLY A 64 -0.55 -15.09 6.27
N ASP A 65 -1.28 -14.44 7.16
CA ASP A 65 -2.68 -14.79 7.40
C ASP A 65 -3.62 -13.73 6.80
N VAL A 66 -3.12 -13.02 5.79
CA VAL A 66 -3.91 -12.02 5.08
C VAL A 66 -3.79 -12.20 3.57
N ALA A 67 -4.92 -12.15 2.89
CA ALA A 67 -4.93 -12.18 1.44
C ALA A 67 -4.54 -10.80 0.89
N GLY A 68 -3.91 -10.80 -0.27
CA GLY A 68 -3.34 -9.57 -0.82
C GLY A 68 -4.36 -8.46 -0.98
N GLU A 69 -5.48 -8.75 -1.61
CA GLU A 69 -6.48 -7.73 -1.91
C GLU A 69 -7.10 -7.15 -0.64
N ILE A 70 -7.11 -7.94 0.44
CA ILE A 70 -7.61 -7.45 1.72
C ILE A 70 -6.75 -6.27 2.17
N ALA A 71 -5.44 -6.50 2.21
CA ALA A 71 -4.49 -5.45 2.53
C ALA A 71 -4.55 -4.32 1.50
N ARG A 72 -4.76 -4.67 0.22
CA ARG A 72 -4.81 -3.68 -0.85
C ARG A 72 -5.94 -2.68 -0.60
N THR A 73 -7.12 -3.19 -0.31
CA THR A 73 -8.30 -2.36 -0.10
C THR A 73 -8.09 -1.42 1.10
N ALA A 74 -7.56 -1.96 2.18
CA ALA A 74 -7.34 -1.19 3.39
C ALA A 74 -6.22 -0.17 3.21
N PHE A 75 -5.29 -0.46 2.31
CA PHE A 75 -4.20 0.45 2.03
C PHE A 75 -4.72 1.69 1.30
N VAL A 76 -5.74 1.49 0.47
CA VAL A 76 -6.39 2.59 -0.22
C VAL A 76 -7.13 3.46 0.79
N ALA A 77 -7.70 2.82 1.81
CA ALA A 77 -8.37 3.54 2.88
C ALA A 77 -7.37 4.39 3.67
N ALA A 78 -6.17 3.86 3.87
CA ALA A 78 -5.11 4.57 4.60
C ALA A 78 -4.63 5.78 3.81
N SER A 79 -4.46 5.61 2.50
CA SER A 79 -3.96 6.68 1.65
C SER A 79 -5.03 7.77 1.46
N ARG A 80 -6.28 7.43 1.77
CA ARG A 80 -7.37 8.38 1.73
C ARG A 80 -7.19 9.44 2.83
N GLN A 81 -6.62 9.02 3.95
CA GLN A 81 -6.33 9.92 5.05
C GLN A 81 -5.30 10.96 4.61
N ALA A 82 -4.35 10.52 3.80
CA ALA A 82 -3.33 11.40 3.24
C ALA A 82 -3.91 12.20 2.08
N HIS A 83 -5.13 11.85 1.68
CA HIS A 83 -5.82 12.48 0.55
C HIS A 83 -5.04 12.28 -0.74
N CYS A 84 -4.21 11.24 -0.77
CA CYS A 84 -3.37 10.96 -1.91
C CYS A 84 -3.73 9.61 -2.52
N LEU A 85 -4.84 9.59 -3.23
CA LEU A 85 -5.31 8.38 -3.89
C LEU A 85 -4.82 8.34 -5.33
N MET A 86 -4.58 7.14 -5.85
CA MET A 86 -4.17 6.99 -7.23
C MET A 86 -5.40 6.95 -8.13
N GLU A 87 -6.57 7.00 -7.50
CA GLU A 87 -7.83 7.08 -8.22
C GLU A 87 -8.15 8.53 -8.53
N ASP A 88 -8.79 8.78 -9.66
CA ASP A 88 -9.12 10.15 -10.04
C ASP A 88 -10.57 10.48 -9.72
N LYS A 89 -10.78 11.58 -9.03
CA LYS A 89 -12.11 12.02 -8.65
C LYS A 89 -12.16 13.55 -8.62
N ALA A 90 -12.65 14.14 -9.71
CA ALA A 90 -12.71 15.59 -9.84
C ALA A 90 -13.90 16.17 -9.09
N GLU A 91 -14.04 15.76 -7.84
CA GLU A 91 -15.16 16.20 -7.01
C GLU A 91 -14.67 16.71 -5.66
N ALA A 92 -13.44 17.18 -5.66
CA ALA A 92 -12.82 17.71 -4.45
C ALA A 92 -13.36 19.10 -4.14
N PRO A 93 -13.51 19.44 -2.85
CA PRO A 93 -14.01 20.76 -2.40
C PRO A 93 -13.01 21.90 -2.68
N ASN A 94 -12.22 21.75 -3.72
CA ASN A 94 -11.25 22.76 -4.12
C ASN A 94 -11.88 23.72 -5.11
N THR A 95 -12.88 23.24 -5.82
CA THR A 95 -13.56 24.04 -6.83
C THR A 95 -15.07 23.98 -6.64
N ILE A 96 -15.80 24.70 -7.47
CA ILE A 96 -17.26 24.68 -7.41
C ILE A 96 -17.82 23.60 -8.32
N ALA A 97 -16.93 22.79 -8.88
CA ALA A 97 -17.32 21.75 -9.84
C ALA A 97 -18.20 20.70 -9.18
N SER A 98 -17.89 20.36 -7.94
CA SER A 98 -18.66 19.38 -7.20
C SER A 98 -19.97 19.98 -6.71
N GLY A 99 -21.07 19.59 -7.34
CA GLY A 99 -22.37 20.12 -7.00
C GLY A 99 -23.06 20.74 -8.19
N SER A 100 -22.69 20.27 -9.37
CA SER A 100 -23.28 20.77 -10.61
C SER A 100 -24.31 19.77 -11.13
N MET A 1 22.40 -13.95 -5.95
CA MET A 1 22.51 -13.32 -7.28
C MET A 1 21.82 -14.18 -8.34
N GLU A 2 22.27 -15.44 -8.45
CA GLU A 2 21.58 -16.41 -9.30
C GLU A 2 20.16 -16.58 -8.81
N VAL A 3 20.01 -16.72 -7.50
CA VAL A 3 18.70 -16.76 -6.88
C VAL A 3 18.62 -15.67 -5.82
N GLN A 4 17.46 -15.54 -5.21
CA GLN A 4 17.26 -14.53 -4.18
C GLN A 4 17.08 -15.19 -2.82
N SER A 5 17.55 -14.51 -1.79
CA SER A 5 17.50 -15.04 -0.43
C SER A 5 16.06 -15.12 0.08
N MET A 6 15.22 -14.17 -0.36
CA MET A 6 13.79 -14.17 -0.02
C MET A 6 13.59 -14.00 1.48
N LEU A 7 14.49 -13.27 2.12
CA LEU A 7 14.45 -13.08 3.57
C LEU A 7 13.46 -11.97 3.93
N LEU A 8 12.90 -11.35 2.91
CA LEU A 8 11.97 -10.24 3.09
C LEU A 8 10.58 -10.75 3.49
N ASN A 9 10.34 -12.06 3.27
CA ASN A 9 9.02 -12.65 3.51
C ASN A 9 7.99 -11.97 2.63
N ASP A 10 8.41 -11.63 1.42
CA ASP A 10 7.61 -10.82 0.52
C ASP A 10 6.38 -11.56 0.02
N VAL A 11 5.22 -11.10 0.47
CA VAL A 11 3.97 -11.55 -0.10
C VAL A 11 3.67 -10.70 -1.32
N LYS A 12 3.75 -11.32 -2.48
CA LYS A 12 3.66 -10.61 -3.75
C LYS A 12 2.23 -10.20 -4.04
N TRP A 13 2.05 -8.92 -4.37
CA TRP A 13 0.74 -8.39 -4.68
C TRP A 13 0.34 -8.76 -6.09
N GLU A 14 -0.93 -9.08 -6.26
CA GLU A 14 -1.48 -9.37 -7.58
C GLU A 14 -1.73 -8.05 -8.30
N LYS A 15 -2.65 -7.26 -7.76
CA LYS A 15 -2.84 -5.89 -8.21
C LYS A 15 -2.13 -4.96 -7.23
N PRO A 16 -1.02 -4.36 -7.68
CA PRO A 16 -0.17 -3.49 -6.86
C PRO A 16 -0.82 -2.16 -6.53
N VAL A 17 -0.24 -1.44 -5.57
CA VAL A 17 -0.76 -0.15 -5.14
C VAL A 17 0.10 0.98 -5.69
N THR A 18 -0.54 2.00 -6.25
CA THR A 18 0.15 3.15 -6.80
C THR A 18 0.07 4.35 -5.85
N ILE A 19 1.20 4.69 -5.26
CA ILE A 19 1.28 5.84 -4.36
C ILE A 19 2.12 6.95 -5.00
N SER A 20 1.48 8.07 -5.30
CA SER A 20 2.17 9.19 -5.91
C SER A 20 2.72 10.13 -4.85
N LEU A 21 4.02 10.38 -4.89
CA LEU A 21 4.66 11.28 -3.93
C LEU A 21 4.51 12.73 -4.37
N GLN A 22 4.98 13.66 -3.54
CA GLN A 22 4.86 15.10 -3.80
C GLN A 22 5.51 15.48 -5.13
N ASN A 23 6.53 14.73 -5.52
CA ASN A 23 7.27 15.02 -6.74
C ASN A 23 6.48 14.61 -7.99
N GLY A 24 5.30 14.03 -7.77
CA GLY A 24 4.50 13.55 -8.88
C GLY A 24 5.00 12.21 -9.38
N ALA A 25 5.65 11.47 -8.48
CA ALA A 25 6.20 10.16 -8.83
C ALA A 25 5.34 9.04 -8.24
N PRO A 26 4.65 8.29 -9.09
CA PRO A 26 3.83 7.16 -8.68
C PRO A 26 4.66 5.91 -8.40
N ARG A 27 4.78 5.56 -7.13
CA ARG A 27 5.45 4.33 -6.75
C ARG A 27 4.43 3.20 -6.72
N ILE A 28 4.72 2.17 -7.49
CA ILE A 28 3.83 1.03 -7.62
C ILE A 28 4.40 -0.14 -6.83
N PHE A 29 3.76 -0.47 -5.72
CA PHE A 29 4.24 -1.52 -4.82
C PHE A 29 3.66 -2.87 -5.21
N ASN A 30 4.52 -3.75 -5.70
CA ASN A 30 4.09 -5.06 -6.17
C ASN A 30 4.26 -6.11 -5.07
N GLY A 31 4.58 -5.64 -3.88
CA GLY A 31 4.69 -6.52 -2.74
C GLY A 31 4.28 -5.82 -1.47
N VAL A 32 3.58 -6.53 -0.58
CA VAL A 32 3.09 -5.93 0.65
C VAL A 32 4.24 -5.43 1.52
N TYR A 33 5.34 -6.17 1.53
CA TYR A 33 6.53 -5.76 2.27
C TYR A 33 7.05 -4.42 1.76
N GLU A 34 6.96 -4.21 0.46
CA GLU A 34 7.44 -2.98 -0.16
C GLU A 34 6.65 -1.78 0.35
N ALA A 35 5.34 -1.96 0.49
CA ALA A 35 4.48 -0.92 1.05
C ALA A 35 4.82 -0.68 2.51
N PHE A 36 4.98 -1.77 3.25
CA PHE A 36 5.35 -1.71 4.66
C PHE A 36 6.67 -0.96 4.85
N ASP A 37 7.64 -1.30 4.01
CA ASP A 37 8.95 -0.64 4.03
C ASP A 37 8.79 0.85 3.72
N PHE A 38 8.03 1.15 2.68
CA PHE A 38 7.75 2.52 2.28
C PHE A 38 7.14 3.34 3.42
N LEU A 39 6.16 2.74 4.10
CA LEU A 39 5.45 3.42 5.19
C LEU A 39 6.40 3.84 6.32
N GLN A 40 7.45 3.06 6.52
CA GLN A 40 8.41 3.35 7.58
C GLN A 40 9.61 4.13 7.06
N HIS A 41 9.70 4.25 5.74
CA HIS A 41 10.79 4.99 5.13
C HIS A 41 10.41 6.44 4.89
N GLU A 42 9.50 6.67 3.96
CA GLU A 42 9.09 8.03 3.62
C GLU A 42 7.60 8.09 3.27
N TRP A 43 6.77 8.08 4.31
CA TRP A 43 5.36 8.35 4.12
C TRP A 43 5.14 9.87 4.10
N PRO A 44 4.56 10.41 3.00
CA PRO A 44 4.34 11.86 2.84
C PRO A 44 3.26 12.43 3.78
N ALA A 45 3.23 11.92 4.99
CA ALA A 45 2.27 12.35 6.00
C ALA A 45 2.67 11.76 7.35
N ARG A 46 1.99 12.17 8.41
CA ARG A 46 2.19 11.54 9.70
C ARG A 46 1.49 10.19 9.71
N GLY A 47 0.20 10.21 9.97
CA GLY A 47 -0.59 9.01 9.84
C GLY A 47 -1.35 8.66 11.09
N ASP A 48 -0.63 8.66 12.22
CA ASP A 48 -1.19 8.29 13.51
C ASP A 48 -1.89 6.94 13.43
N ARG A 49 -3.18 6.92 13.74
CA ARG A 49 -3.96 5.68 13.72
C ARG A 49 -3.90 5.02 12.35
N ALA A 50 -4.07 5.82 11.30
CA ALA A 50 -4.09 5.31 9.93
C ALA A 50 -2.75 4.71 9.55
N HIS A 51 -1.67 5.32 10.03
CA HIS A 51 -0.33 4.85 9.72
C HIS A 51 -0.05 3.55 10.45
N GLU A 52 -0.42 3.50 11.73
CA GLU A 52 -0.15 2.34 12.54
C GLU A 52 -0.99 1.15 12.09
N GLN A 53 -2.28 1.39 11.84
CA GLN A 53 -3.15 0.34 11.34
C GLN A 53 -2.60 -0.25 10.03
N ALA A 54 -2.15 0.63 9.14
CA ALA A 54 -1.57 0.21 7.88
C ALA A 54 -0.38 -0.72 8.10
N LEU A 55 0.49 -0.35 9.03
CA LEU A 55 1.65 -1.18 9.36
C LEU A 55 1.20 -2.53 9.90
N ARG A 56 0.20 -2.52 10.77
CA ARG A 56 -0.31 -3.73 11.38
C ARG A 56 -0.91 -4.65 10.32
N LEU A 57 -1.62 -4.06 9.37
CA LEU A 57 -2.23 -4.81 8.27
C LEU A 57 -1.15 -5.45 7.39
N CYS A 58 -0.10 -4.68 7.11
CA CYS A 58 1.01 -5.19 6.32
C CYS A 58 1.72 -6.33 7.05
N ARG A 59 1.86 -6.19 8.37
CA ARG A 59 2.49 -7.22 9.17
C ARG A 59 1.65 -8.48 9.21
N ALA A 60 0.33 -8.32 9.28
CA ALA A 60 -0.59 -9.45 9.24
C ALA A 60 -0.45 -10.20 7.93
N SER A 61 -0.18 -9.47 6.86
CA SER A 61 0.03 -10.06 5.55
C SER A 61 1.33 -10.87 5.53
N LEU A 62 2.35 -10.35 6.21
CA LEU A 62 3.65 -11.01 6.28
C LEU A 62 3.60 -12.24 7.18
N MET A 63 2.46 -12.44 7.84
CA MET A 63 2.26 -13.59 8.71
C MET A 63 1.46 -14.68 7.98
N GLY A 64 0.75 -14.28 6.94
CA GLY A 64 -0.12 -15.21 6.24
C GLY A 64 -1.57 -15.06 6.67
N ASP A 65 -1.83 -14.06 7.51
CA ASP A 65 -3.19 -13.78 7.94
C ASP A 65 -3.93 -13.03 6.85
N VAL A 66 -3.20 -12.23 6.11
CA VAL A 66 -3.74 -11.52 4.96
C VAL A 66 -2.90 -11.84 3.73
N ALA A 67 -3.56 -12.18 2.63
CA ALA A 67 -2.86 -12.49 1.39
C ALA A 67 -2.36 -11.21 0.74
N GLY A 68 -3.10 -10.13 0.95
CA GLY A 68 -2.70 -8.84 0.43
C GLY A 68 -3.86 -8.11 -0.20
N GLU A 69 -4.86 -8.86 -0.63
CA GLU A 69 -6.04 -8.31 -1.26
C GLU A 69 -6.83 -7.45 -0.27
N ILE A 70 -7.06 -7.98 0.92
CA ILE A 70 -7.75 -7.25 1.96
C ILE A 70 -6.91 -6.05 2.41
N ALA A 71 -5.61 -6.29 2.53
CA ALA A 71 -4.67 -5.26 2.96
C ALA A 71 -4.64 -4.10 1.97
N ARG A 72 -4.71 -4.42 0.68
CA ARG A 72 -4.72 -3.39 -0.36
C ARG A 72 -5.93 -2.49 -0.21
N THR A 73 -7.10 -3.11 -0.08
CA THR A 73 -8.34 -2.38 0.06
C THR A 73 -8.34 -1.51 1.32
N ALA A 74 -7.82 -2.08 2.41
CA ALA A 74 -7.74 -1.36 3.67
C ALA A 74 -6.70 -0.24 3.60
N PHE A 75 -5.62 -0.49 2.85
CA PHE A 75 -4.56 0.50 2.66
C PHE A 75 -5.11 1.73 1.94
N VAL A 76 -5.91 1.49 0.91
CA VAL A 76 -6.55 2.58 0.17
C VAL A 76 -7.49 3.35 1.09
N ALA A 77 -8.20 2.62 1.94
CA ALA A 77 -9.12 3.22 2.90
C ALA A 77 -8.36 4.12 3.88
N ALA A 78 -7.17 3.68 4.27
CA ALA A 78 -6.33 4.46 5.18
C ALA A 78 -5.71 5.66 4.45
N SER A 79 -5.38 5.46 3.18
CA SER A 79 -4.79 6.52 2.37
C SER A 79 -5.81 7.65 2.14
N ARG A 80 -7.09 7.32 2.32
CA ARG A 80 -8.15 8.32 2.25
C ARG A 80 -7.98 9.34 3.36
N GLN A 81 -7.53 8.88 4.51
CA GLN A 81 -7.32 9.75 5.66
C GLN A 81 -6.09 10.63 5.45
N ALA A 82 -5.15 10.12 4.64
CA ALA A 82 -3.94 10.86 4.32
C ALA A 82 -4.20 11.87 3.20
N HIS A 83 -5.41 11.81 2.64
CA HIS A 83 -5.84 12.72 1.57
C HIS A 83 -5.01 12.51 0.31
N CYS A 84 -4.77 11.25 -0.04
CA CYS A 84 -3.97 10.92 -1.20
C CYS A 84 -4.47 9.61 -1.81
N LEU A 85 -5.38 9.72 -2.76
CA LEU A 85 -5.90 8.56 -3.44
C LEU A 85 -5.51 8.54 -4.90
N MET A 86 -4.92 7.43 -5.31
CA MET A 86 -4.61 7.17 -6.71
C MET A 86 -5.18 5.82 -7.11
N GLU A 87 -5.85 5.77 -8.24
CA GLU A 87 -6.47 4.54 -8.70
C GLU A 87 -5.55 3.78 -9.65
N ASP A 88 -5.87 2.52 -9.87
CA ASP A 88 -5.10 1.68 -10.78
C ASP A 88 -5.31 2.14 -12.23
N LYS A 89 -4.39 1.78 -13.11
CA LYS A 89 -4.45 2.23 -14.50
C LYS A 89 -5.45 1.44 -15.33
N ALA A 90 -6.24 0.61 -14.66
CA ALA A 90 -7.31 -0.11 -15.32
C ALA A 90 -8.37 0.85 -15.84
N GLU A 91 -8.91 0.55 -17.02
CA GLU A 91 -9.89 1.42 -17.66
C GLU A 91 -11.29 1.09 -17.16
N ALA A 92 -11.33 0.44 -16.01
CA ALA A 92 -12.56 0.06 -15.35
C ALA A 92 -12.26 -0.36 -13.91
N PRO A 93 -12.23 0.60 -12.99
CA PRO A 93 -11.93 0.34 -11.57
C PRO A 93 -12.93 -0.62 -10.94
N ASN A 94 -14.16 -0.62 -11.44
CA ASN A 94 -15.17 -1.55 -10.96
C ASN A 94 -14.94 -2.92 -11.60
N THR A 95 -14.32 -3.81 -10.85
CA THR A 95 -13.98 -5.14 -11.34
C THR A 95 -15.09 -6.13 -11.03
N ILE A 96 -14.98 -7.33 -11.59
CA ILE A 96 -15.98 -8.37 -11.36
C ILE A 96 -15.69 -9.10 -10.04
N ALA A 97 -15.74 -8.34 -8.96
CA ALA A 97 -15.53 -8.88 -7.62
C ALA A 97 -16.13 -7.91 -6.60
N SER A 98 -17.13 -8.38 -5.88
CA SER A 98 -17.82 -7.54 -4.94
C SER A 98 -18.15 -8.30 -3.66
N GLY A 99 -18.27 -7.58 -2.55
CA GLY A 99 -18.55 -8.20 -1.27
C GLY A 99 -17.31 -8.80 -0.65
N SER A 100 -17.43 -9.27 0.57
CA SER A 100 -16.33 -9.90 1.27
C SER A 100 -16.82 -11.10 2.07
N MET A 1 20.07 -12.13 21.54
CA MET A 1 18.73 -12.77 21.49
C MET A 1 17.76 -12.08 22.44
N GLU A 2 18.11 -10.86 22.83
CA GLU A 2 17.31 -10.12 23.80
C GLU A 2 16.36 -9.17 23.08
N VAL A 3 16.78 -8.73 21.90
CA VAL A 3 15.98 -7.80 21.11
C VAL A 3 14.77 -8.51 20.52
N GLN A 4 15.02 -9.71 19.98
CA GLN A 4 14.00 -10.50 19.30
C GLN A 4 13.51 -9.78 18.06
N SER A 5 14.27 -9.91 16.98
CA SER A 5 13.91 -9.32 15.71
C SER A 5 13.16 -10.35 14.85
N MET A 6 12.40 -9.88 13.88
CA MET A 6 11.60 -10.76 13.05
C MET A 6 12.02 -10.69 11.59
N LEU A 7 11.87 -11.80 10.89
CA LEU A 7 12.13 -11.86 9.47
C LEU A 7 10.82 -12.07 8.74
N LEU A 8 10.39 -11.05 8.01
CA LEU A 8 9.11 -11.10 7.31
C LEU A 8 9.29 -11.53 5.87
N ASN A 9 8.52 -12.52 5.46
CA ASN A 9 8.54 -12.99 4.07
C ASN A 9 7.77 -12.01 3.20
N ASP A 10 8.34 -11.61 2.08
CA ASP A 10 7.68 -10.67 1.18
C ASP A 10 6.57 -11.36 0.42
N VAL A 11 5.37 -11.26 0.98
CA VAL A 11 4.18 -11.77 0.32
C VAL A 11 3.73 -10.74 -0.71
N LYS A 12 3.77 -11.12 -1.97
CA LYS A 12 3.49 -10.17 -3.03
C LYS A 12 2.01 -10.06 -3.33
N TRP A 13 1.63 -8.90 -3.84
CA TRP A 13 0.23 -8.60 -4.11
C TRP A 13 -0.27 -9.28 -5.36
N GLU A 14 -1.57 -9.57 -5.37
CA GLU A 14 -2.19 -10.12 -6.55
C GLU A 14 -2.70 -8.96 -7.42
N LYS A 15 -3.14 -7.91 -6.74
CA LYS A 15 -3.43 -6.65 -7.41
C LYS A 15 -2.54 -5.56 -6.79
N PRO A 16 -1.43 -5.23 -7.47
CA PRO A 16 -0.42 -4.29 -6.95
C PRO A 16 -0.99 -2.91 -6.64
N VAL A 17 -0.44 -2.26 -5.62
CA VAL A 17 -0.91 -0.96 -5.19
C VAL A 17 0.02 0.13 -5.71
N THR A 18 -0.57 1.15 -6.32
CA THR A 18 0.20 2.28 -6.83
C THR A 18 -0.07 3.52 -5.98
N ILE A 19 0.90 3.89 -5.17
CA ILE A 19 0.77 5.04 -4.29
C ILE A 19 1.22 6.30 -5.04
N SER A 20 0.29 7.19 -5.28
CA SER A 20 0.60 8.39 -6.04
C SER A 20 1.18 9.45 -5.10
N LEU A 21 2.49 9.56 -5.11
CA LEU A 21 3.17 10.60 -4.34
C LEU A 21 3.15 11.89 -5.16
N GLN A 22 2.73 12.98 -4.51
CA GLN A 22 2.56 14.27 -5.18
C GLN A 22 3.73 14.61 -6.11
N ASN A 23 4.93 14.60 -5.56
CA ASN A 23 6.13 14.88 -6.33
C ASN A 23 7.04 13.65 -6.38
N GLY A 24 6.59 12.58 -5.74
CA GLY A 24 7.39 11.36 -5.70
C GLY A 24 6.92 10.32 -6.71
N ALA A 25 5.85 10.66 -7.43
CA ALA A 25 5.30 9.82 -8.51
C ALA A 25 4.55 8.62 -7.97
N PRO A 26 3.54 8.14 -8.72
CA PRO A 26 2.81 6.90 -8.41
C PRO A 26 3.74 5.69 -8.46
N ARG A 27 4.12 5.20 -7.30
CA ARG A 27 5.04 4.08 -7.21
C ARG A 27 4.26 2.79 -6.94
N ILE A 28 4.67 1.73 -7.61
CA ILE A 28 3.95 0.47 -7.55
C ILE A 28 4.58 -0.46 -6.52
N PHE A 29 3.78 -0.90 -5.57
CA PHE A 29 4.24 -1.87 -4.59
C PHE A 29 4.00 -3.29 -5.11
N ASN A 30 5.08 -4.03 -5.26
CA ASN A 30 5.01 -5.41 -5.72
C ASN A 30 4.68 -6.32 -4.57
N GLY A 31 5.25 -6.01 -3.41
CA GLY A 31 5.06 -6.83 -2.24
C GLY A 31 4.55 -6.04 -1.06
N VAL A 32 3.88 -6.73 -0.14
CA VAL A 32 3.37 -6.09 1.06
C VAL A 32 4.53 -5.64 1.94
N TYR A 33 5.63 -6.38 1.88
CA TYR A 33 6.83 -6.01 2.61
C TYR A 33 7.43 -4.74 2.04
N GLU A 34 7.34 -4.60 0.72
CA GLU A 34 7.83 -3.42 0.02
C GLU A 34 7.03 -2.19 0.44
N ALA A 35 5.72 -2.37 0.64
CA ALA A 35 4.87 -1.31 1.13
C ALA A 35 5.19 -0.98 2.59
N PHE A 36 5.30 -2.03 3.40
CA PHE A 36 5.67 -1.91 4.81
C PHE A 36 7.00 -1.16 4.94
N ASP A 37 7.94 -1.51 4.08
CA ASP A 37 9.24 -0.85 4.04
C ASP A 37 9.09 0.65 3.76
N PHE A 38 8.27 0.98 2.78
CA PHE A 38 8.00 2.37 2.42
C PHE A 38 7.37 3.12 3.59
N LEU A 39 6.46 2.45 4.29
CA LEU A 39 5.76 3.06 5.41
C LEU A 39 6.72 3.48 6.52
N GLN A 40 7.76 2.68 6.74
CA GLN A 40 8.74 2.99 7.77
C GLN A 40 9.82 3.93 7.23
N HIS A 41 9.90 4.04 5.91
CA HIS A 41 10.81 5.00 5.30
C HIS A 41 10.25 6.41 5.42
N GLU A 42 9.12 6.63 4.79
CA GLU A 42 8.43 7.90 4.85
C GLU A 42 7.10 7.82 4.12
N TRP A 43 6.05 7.50 4.86
CA TRP A 43 4.70 7.57 4.34
C TRP A 43 4.27 9.04 4.23
N PRO A 44 3.63 9.42 3.11
CA PRO A 44 3.12 10.78 2.91
C PRO A 44 2.06 11.18 3.93
N ALA A 45 2.45 12.10 4.82
CA ALA A 45 1.59 12.69 5.86
C ALA A 45 1.65 11.87 7.15
N ARG A 46 0.98 12.35 8.17
CA ARG A 46 1.05 11.75 9.49
C ARG A 46 -0.35 11.62 10.09
N GLY A 47 -0.41 11.16 11.32
CA GLY A 47 -1.67 11.10 12.04
C GLY A 47 -1.56 10.21 13.26
N ASP A 48 -2.00 8.97 13.12
CA ASP A 48 -1.89 7.99 14.20
C ASP A 48 -2.30 6.60 13.73
N ARG A 49 -3.59 6.36 13.64
CA ARG A 49 -4.12 5.03 13.41
C ARG A 49 -3.97 4.61 11.95
N ALA A 50 -3.92 5.59 11.06
CA ALA A 50 -3.67 5.31 9.64
C ALA A 50 -2.29 4.66 9.47
N HIS A 51 -1.34 5.12 10.26
CA HIS A 51 0.02 4.60 10.23
C HIS A 51 0.08 3.28 10.99
N GLU A 52 -0.62 3.25 12.13
CA GLU A 52 -0.66 2.06 12.99
C GLU A 52 -1.29 0.86 12.26
N GLN A 53 -2.47 1.05 11.73
CA GLN A 53 -3.20 -0.03 11.07
C GLN A 53 -2.46 -0.50 9.82
N ALA A 54 -1.84 0.43 9.12
CA ALA A 54 -1.09 0.11 7.91
C ALA A 54 0.00 -0.91 8.21
N LEU A 55 0.76 -0.67 9.27
CA LEU A 55 1.84 -1.57 9.67
C LEU A 55 1.28 -2.92 10.11
N ARG A 56 0.20 -2.86 10.89
CA ARG A 56 -0.44 -4.08 11.40
C ARG A 56 -0.96 -4.95 10.27
N LEU A 57 -1.64 -4.34 9.31
CA LEU A 57 -2.21 -5.07 8.18
C LEU A 57 -1.10 -5.66 7.31
N CYS A 58 -0.03 -4.90 7.12
CA CYS A 58 1.12 -5.39 6.36
C CYS A 58 1.76 -6.58 7.09
N ARG A 59 1.93 -6.44 8.40
CA ARG A 59 2.51 -7.51 9.21
C ARG A 59 1.68 -8.78 9.10
N ALA A 60 0.37 -8.65 9.26
CA ALA A 60 -0.53 -9.79 9.20
C ALA A 60 -0.46 -10.47 7.84
N SER A 61 -0.29 -9.68 6.78
CA SER A 61 -0.14 -10.22 5.44
C SER A 61 1.17 -10.99 5.32
N LEU A 62 2.23 -10.44 5.90
CA LEU A 62 3.55 -11.07 5.86
C LEU A 62 3.59 -12.31 6.75
N MET A 63 2.60 -12.43 7.62
CA MET A 63 2.48 -13.59 8.51
C MET A 63 1.50 -14.61 7.94
N GLY A 64 1.02 -14.35 6.73
CA GLY A 64 0.15 -15.28 6.05
C GLY A 64 -1.28 -15.23 6.55
N ASP A 65 -1.60 -14.25 7.39
CA ASP A 65 -2.93 -14.13 7.95
C ASP A 65 -3.83 -13.29 7.06
N VAL A 66 -3.20 -12.49 6.21
CA VAL A 66 -3.93 -11.69 5.23
C VAL A 66 -3.39 -11.99 3.83
N ALA A 67 -4.29 -12.15 2.87
CA ALA A 67 -3.90 -12.47 1.51
C ALA A 67 -3.26 -11.26 0.80
N GLY A 68 -3.71 -10.07 1.16
CA GLY A 68 -3.08 -8.88 0.65
C GLY A 68 -4.06 -7.81 0.23
N GLU A 69 -5.08 -8.20 -0.53
CA GLU A 69 -6.04 -7.24 -1.07
C GLU A 69 -6.82 -6.54 0.04
N ILE A 70 -7.02 -7.21 1.16
CA ILE A 70 -7.64 -6.59 2.32
C ILE A 70 -6.86 -5.36 2.76
N ALA A 71 -5.53 -5.52 2.81
CA ALA A 71 -4.64 -4.42 3.17
C ALA A 71 -4.58 -3.39 2.04
N ARG A 72 -4.74 -3.87 0.80
CA ARG A 72 -4.75 -3.00 -0.36
C ARG A 72 -5.88 -1.98 -0.30
N THR A 73 -7.10 -2.47 -0.10
CA THR A 73 -8.27 -1.61 -0.04
C THR A 73 -8.18 -0.68 1.17
N ALA A 74 -7.61 -1.19 2.26
CA ALA A 74 -7.44 -0.40 3.47
C ALA A 74 -6.35 0.66 3.29
N PHE A 75 -5.36 0.35 2.47
CA PHE A 75 -4.28 1.28 2.18
C PHE A 75 -4.84 2.53 1.51
N VAL A 76 -5.76 2.31 0.57
CA VAL A 76 -6.45 3.41 -0.11
C VAL A 76 -7.27 4.22 0.90
N ALA A 77 -7.92 3.51 1.82
CA ALA A 77 -8.72 4.16 2.85
C ALA A 77 -7.85 5.01 3.77
N ALA A 78 -6.67 4.49 4.10
CA ALA A 78 -5.74 5.23 4.95
C ALA A 78 -5.20 6.46 4.22
N SER A 79 -5.06 6.34 2.90
CA SER A 79 -4.56 7.43 2.08
C SER A 79 -5.57 8.58 2.02
N ARG A 80 -6.79 8.33 2.47
CA ARG A 80 -7.84 9.35 2.45
C ARG A 80 -7.53 10.47 3.46
N GLN A 81 -6.92 10.13 4.59
CA GLN A 81 -6.55 11.14 5.59
C GLN A 81 -5.49 12.07 5.02
N ALA A 82 -4.61 11.53 4.19
CA ALA A 82 -3.57 12.32 3.54
C ALA A 82 -4.14 13.00 2.30
N HIS A 83 -5.33 12.55 1.88
CA HIS A 83 -6.01 13.06 0.68
C HIS A 83 -5.16 12.77 -0.57
N CYS A 84 -4.25 11.81 -0.45
CA CYS A 84 -3.30 11.54 -1.51
C CYS A 84 -3.71 10.29 -2.28
N LEU A 85 -4.89 10.33 -2.88
CA LEU A 85 -5.41 9.20 -3.65
C LEU A 85 -4.94 9.30 -5.09
N MET A 86 -4.59 8.16 -5.68
CA MET A 86 -4.09 8.14 -7.05
C MET A 86 -5.18 8.54 -8.06
N GLU A 87 -6.40 8.07 -7.82
CA GLU A 87 -7.51 8.37 -8.71
C GLU A 87 -7.84 9.86 -8.64
N ASP A 88 -7.94 10.49 -9.82
CA ASP A 88 -8.08 11.94 -9.93
C ASP A 88 -9.33 12.45 -9.22
N LYS A 89 -10.32 11.58 -9.08
CA LYS A 89 -11.53 11.89 -8.32
C LYS A 89 -11.17 12.43 -6.93
N ALA A 90 -10.21 11.75 -6.29
CA ALA A 90 -9.83 12.03 -4.91
C ALA A 90 -11.04 11.97 -3.98
N GLU A 91 -11.61 13.13 -3.67
CA GLU A 91 -12.80 13.20 -2.84
C GLU A 91 -13.71 14.29 -3.36
N ALA A 92 -14.81 13.88 -3.99
CA ALA A 92 -15.75 14.82 -4.55
C ALA A 92 -16.64 15.42 -3.46
N PRO A 93 -16.76 16.74 -3.42
CA PRO A 93 -17.58 17.44 -2.42
C PRO A 93 -19.08 17.27 -2.68
N ASN A 94 -19.41 16.66 -3.81
CA ASN A 94 -20.80 16.40 -4.16
C ASN A 94 -20.92 15.03 -4.82
N THR A 95 -22.02 14.33 -4.55
CA THR A 95 -22.21 12.98 -5.05
C THR A 95 -22.41 12.96 -6.56
N ILE A 96 -23.47 13.61 -7.03
CA ILE A 96 -23.78 13.63 -8.45
C ILE A 96 -23.08 14.79 -9.14
N ALA A 97 -22.82 14.64 -10.43
CA ALA A 97 -22.24 15.72 -11.21
C ALA A 97 -23.32 16.69 -11.65
N SER A 98 -23.18 17.94 -11.25
CA SER A 98 -24.13 18.98 -11.63
C SER A 98 -24.11 19.19 -13.14
N GLY A 99 -25.30 19.23 -13.73
CA GLY A 99 -25.43 19.32 -15.16
C GLY A 99 -26.23 18.17 -15.72
N SER A 100 -26.67 17.30 -14.83
CA SER A 100 -27.45 16.14 -15.21
C SER A 100 -28.93 16.53 -15.34
N MET A 1 16.79 -13.59 15.73
CA MET A 1 16.13 -14.46 14.74
C MET A 1 16.99 -15.70 14.49
N GLU A 2 16.62 -16.79 15.13
CA GLU A 2 17.37 -18.04 15.03
C GLU A 2 17.36 -18.58 13.60
N VAL A 3 16.17 -18.76 13.04
CA VAL A 3 16.02 -19.27 11.70
C VAL A 3 15.14 -18.34 10.88
N GLN A 4 15.26 -18.43 9.56
CA GLN A 4 14.48 -17.57 8.67
C GLN A 4 13.47 -18.41 7.89
N SER A 5 12.20 -18.15 8.14
CA SER A 5 11.13 -18.88 7.49
C SER A 5 10.73 -18.17 6.19
N MET A 6 9.74 -18.73 5.50
CA MET A 6 9.28 -18.18 4.23
C MET A 6 8.48 -16.90 4.46
N LEU A 7 8.20 -16.60 5.72
CA LEU A 7 7.44 -15.41 6.09
C LEU A 7 8.31 -14.15 5.94
N LEU A 8 9.57 -14.35 5.58
CA LEU A 8 10.47 -13.23 5.34
C LEU A 8 10.52 -12.90 3.86
N ASN A 9 9.65 -13.54 3.09
CA ASN A 9 9.58 -13.30 1.66
C ASN A 9 8.59 -12.18 1.37
N ASP A 10 8.91 -11.34 0.38
CA ASP A 10 7.98 -10.32 -0.04
C ASP A 10 6.83 -10.97 -0.78
N VAL A 11 5.68 -11.00 -0.13
CA VAL A 11 4.51 -11.61 -0.72
C VAL A 11 3.86 -10.60 -1.65
N LYS A 12 3.91 -10.88 -2.94
CA LYS A 12 3.41 -9.96 -3.92
C LYS A 12 1.89 -9.81 -3.83
N TRP A 13 1.42 -8.59 -3.90
CA TRP A 13 -0.01 -8.32 -3.92
C TRP A 13 -0.60 -8.83 -5.22
N GLU A 14 -1.83 -9.34 -5.14
CA GLU A 14 -2.52 -9.84 -6.33
C GLU A 14 -2.64 -8.72 -7.34
N LYS A 15 -3.02 -7.54 -6.87
CA LYS A 15 -3.00 -6.36 -7.70
C LYS A 15 -2.30 -5.22 -6.97
N PRO A 16 -1.10 -4.88 -7.43
CA PRO A 16 -0.26 -3.80 -6.88
C PRO A 16 -1.01 -2.48 -6.70
N VAL A 17 -0.57 -1.69 -5.72
CA VAL A 17 -1.22 -0.43 -5.37
C VAL A 17 -0.41 0.77 -5.85
N THR A 18 -1.11 1.78 -6.37
CA THR A 18 -0.47 2.98 -6.88
C THR A 18 -0.58 4.12 -5.85
N ILE A 19 0.56 4.58 -5.38
CA ILE A 19 0.61 5.69 -4.44
C ILE A 19 1.08 6.97 -5.14
N SER A 20 0.29 8.02 -5.03
CA SER A 20 0.65 9.30 -5.64
C SER A 20 1.53 10.10 -4.70
N LEU A 21 2.84 10.02 -4.89
CA LEU A 21 3.77 10.73 -4.05
C LEU A 21 3.58 12.24 -4.20
N GLN A 22 3.86 12.97 -3.13
CA GLN A 22 3.69 14.42 -3.10
C GLN A 22 4.72 15.13 -3.98
N ASN A 23 5.47 14.35 -4.75
CA ASN A 23 6.44 14.90 -5.69
C ASN A 23 5.94 14.67 -7.11
N GLY A 24 4.69 14.24 -7.23
CA GLY A 24 4.10 13.99 -8.53
C GLY A 24 4.61 12.70 -9.14
N ALA A 25 4.57 11.63 -8.37
CA ALA A 25 5.08 10.35 -8.82
C ALA A 25 4.20 9.19 -8.37
N PRO A 26 3.56 8.49 -9.32
CA PRO A 26 2.76 7.30 -9.05
C PRO A 26 3.64 6.08 -8.79
N ARG A 27 3.92 5.82 -7.52
CA ARG A 27 4.75 4.71 -7.13
C ARG A 27 3.89 3.47 -6.90
N ILE A 28 4.11 2.45 -7.72
CA ILE A 28 3.33 1.23 -7.65
C ILE A 28 4.07 0.16 -6.86
N PHE A 29 3.46 -0.30 -5.78
CA PHE A 29 4.07 -1.31 -4.94
C PHE A 29 3.58 -2.69 -5.33
N ASN A 30 4.51 -3.56 -5.70
CA ASN A 30 4.17 -4.91 -6.16
C ASN A 30 3.91 -5.80 -4.96
N GLY A 31 4.79 -5.71 -3.97
CA GLY A 31 4.72 -6.59 -2.84
C GLY A 31 4.34 -5.90 -1.56
N VAL A 32 3.87 -6.67 -0.60
CA VAL A 32 3.42 -6.14 0.67
C VAL A 32 4.59 -5.58 1.47
N TYR A 33 5.77 -6.17 1.31
CA TYR A 33 6.94 -5.72 2.08
C TYR A 33 7.43 -4.39 1.54
N GLU A 34 7.37 -4.21 0.22
CA GLU A 34 7.77 -2.95 -0.39
C GLU A 34 6.98 -1.80 0.19
N ALA A 35 5.67 -2.00 0.30
CA ALA A 35 4.77 -1.00 0.85
C ALA A 35 5.05 -0.79 2.34
N PHE A 36 5.17 -1.90 3.07
CA PHE A 36 5.43 -1.87 4.51
C PHE A 36 6.73 -1.11 4.80
N ASP A 37 7.75 -1.37 4.00
CA ASP A 37 9.05 -0.71 4.16
C ASP A 37 8.94 0.78 3.85
N PHE A 38 8.22 1.08 2.79
CA PHE A 38 8.00 2.47 2.36
C PHE A 38 7.30 3.28 3.45
N LEU A 39 6.28 2.67 4.06
CA LEU A 39 5.49 3.33 5.09
C LEU A 39 6.37 3.77 6.26
N GLN A 40 7.45 3.05 6.48
CA GLN A 40 8.34 3.33 7.61
C GLN A 40 9.42 4.33 7.21
N HIS A 41 9.87 4.27 5.97
CA HIS A 41 10.92 5.17 5.51
C HIS A 41 10.39 6.57 5.28
N GLU A 42 9.63 6.77 4.22
CA GLU A 42 9.12 8.09 3.90
C GLU A 42 7.69 8.06 3.41
N TRP A 43 6.77 7.90 4.34
CA TRP A 43 5.36 8.10 4.06
C TRP A 43 5.03 9.58 4.25
N PRO A 44 4.49 10.23 3.19
CA PRO A 44 4.21 11.67 3.15
C PRO A 44 3.76 12.25 4.49
N ALA A 45 2.61 11.82 4.98
CA ALA A 45 2.08 12.29 6.25
C ALA A 45 1.54 11.12 7.05
N ARG A 46 2.23 10.76 8.13
CA ARG A 46 1.89 9.58 8.93
C ARG A 46 0.43 9.57 9.33
N GLY A 47 0.09 10.29 10.37
CA GLY A 47 -1.30 10.42 10.74
C GLY A 47 -1.56 10.02 12.18
N ASP A 48 -2.03 8.79 12.34
CA ASP A 48 -2.47 8.29 13.64
C ASP A 48 -2.68 6.77 13.56
N ARG A 49 -3.71 6.29 14.27
CA ARG A 49 -4.05 4.87 14.29
C ARG A 49 -4.20 4.31 12.87
N ALA A 50 -4.66 5.15 11.95
CA ALA A 50 -4.84 4.73 10.55
C ALA A 50 -3.52 4.32 9.93
N HIS A 51 -2.44 5.00 10.30
CA HIS A 51 -1.11 4.69 9.77
C HIS A 51 -0.59 3.42 10.41
N GLU A 52 -0.86 3.26 11.71
CA GLU A 52 -0.45 2.06 12.44
C GLU A 52 -1.18 0.84 11.90
N GLN A 53 -2.45 1.02 11.58
CA GLN A 53 -3.28 0.00 10.98
C GLN A 53 -2.65 -0.52 9.69
N ALA A 54 -2.26 0.41 8.82
CA ALA A 54 -1.63 0.06 7.55
C ALA A 54 -0.36 -0.76 7.77
N LEU A 55 0.39 -0.39 8.80
CA LEU A 55 1.61 -1.10 9.16
C LEU A 55 1.29 -2.52 9.60
N ARG A 56 0.32 -2.65 10.50
CA ARG A 56 -0.08 -3.96 11.01
C ARG A 56 -0.61 -4.86 9.91
N LEU A 57 -1.40 -4.29 9.01
CA LEU A 57 -1.95 -5.04 7.89
C LEU A 57 -0.84 -5.66 7.06
N CYS A 58 0.14 -4.86 6.70
CA CYS A 58 1.26 -5.34 5.89
C CYS A 58 2.11 -6.32 6.69
N ARG A 59 2.34 -5.99 7.95
CA ARG A 59 3.16 -6.81 8.84
C ARG A 59 2.55 -8.19 9.03
N ALA A 60 1.24 -8.24 9.27
CA ALA A 60 0.55 -9.50 9.49
C ALA A 60 0.30 -10.24 8.18
N SER A 61 0.29 -9.51 7.08
CA SER A 61 0.10 -10.12 5.76
C SER A 61 1.32 -10.97 5.41
N LEU A 62 2.49 -10.48 5.76
CA LEU A 62 3.74 -11.21 5.54
C LEU A 62 3.81 -12.44 6.43
N MET A 63 3.11 -12.37 7.56
CA MET A 63 3.05 -13.48 8.50
C MET A 63 2.05 -14.53 8.03
N GLY A 64 1.29 -14.18 7.00
CA GLY A 64 0.28 -15.10 6.48
C GLY A 64 -1.04 -14.98 7.22
N ASP A 65 -1.15 -13.96 8.06
CA ASP A 65 -2.37 -13.74 8.83
C ASP A 65 -3.38 -12.96 7.99
N VAL A 66 -2.92 -11.87 7.39
CA VAL A 66 -3.76 -11.09 6.50
C VAL A 66 -3.65 -11.63 5.08
N ALA A 67 -4.80 -11.91 4.47
CA ALA A 67 -4.85 -12.52 3.14
C ALA A 67 -4.50 -11.53 2.02
N GLY A 68 -3.82 -10.45 2.36
CA GLY A 68 -3.37 -9.50 1.36
C GLY A 68 -4.47 -8.59 0.84
N GLU A 69 -5.54 -9.19 0.34
CA GLU A 69 -6.66 -8.45 -0.24
C GLU A 69 -7.24 -7.43 0.73
N ILE A 70 -7.48 -7.87 1.96
CA ILE A 70 -8.04 -7.02 3.00
C ILE A 70 -7.12 -5.83 3.28
N ALA A 71 -5.81 -6.09 3.26
CA ALA A 71 -4.83 -5.05 3.51
C ALA A 71 -4.87 -3.98 2.42
N ARG A 72 -5.09 -4.41 1.18
CA ARG A 72 -5.14 -3.49 0.05
C ARG A 72 -6.26 -2.47 0.21
N THR A 73 -7.45 -2.98 0.50
CA THR A 73 -8.63 -2.14 0.67
C THR A 73 -8.42 -1.13 1.81
N ALA A 74 -7.98 -1.62 2.95
CA ALA A 74 -7.80 -0.77 4.12
C ALA A 74 -6.61 0.17 3.96
N PHE A 75 -5.65 -0.23 3.12
CA PHE A 75 -4.50 0.61 2.82
C PHE A 75 -4.97 1.86 2.09
N VAL A 76 -5.78 1.66 1.05
CA VAL A 76 -6.35 2.77 0.29
C VAL A 76 -7.22 3.63 1.20
N ALA A 77 -8.02 2.98 2.02
CA ALA A 77 -8.90 3.66 2.97
C ALA A 77 -8.10 4.58 3.91
N ALA A 78 -6.94 4.10 4.33
CA ALA A 78 -6.10 4.88 5.22
C ALA A 78 -5.41 6.02 4.47
N SER A 79 -4.97 5.73 3.24
CA SER A 79 -4.26 6.73 2.44
C SER A 79 -5.19 7.87 2.00
N ARG A 80 -6.50 7.69 2.17
CA ARG A 80 -7.46 8.74 1.84
C ARG A 80 -7.27 9.94 2.76
N GLN A 81 -6.88 9.66 4.00
CA GLN A 81 -6.66 10.70 5.00
C GLN A 81 -5.55 11.65 4.58
N ALA A 82 -4.49 11.09 4.00
CA ALA A 82 -3.37 11.88 3.55
C ALA A 82 -3.61 12.43 2.14
N HIS A 83 -4.69 11.97 1.52
CA HIS A 83 -5.04 12.35 0.14
C HIS A 83 -3.95 11.94 -0.84
N CYS A 84 -3.20 10.89 -0.47
CA CYS A 84 -2.11 10.39 -1.28
C CYS A 84 -2.64 9.33 -2.26
N LEU A 85 -3.92 9.45 -2.57
CA LEU A 85 -4.63 8.48 -3.38
C LEU A 85 -4.28 8.60 -4.86
N MET A 86 -4.42 7.49 -5.56
CA MET A 86 -4.41 7.50 -7.02
C MET A 86 -5.72 6.89 -7.47
N GLU A 87 -6.70 7.74 -7.75
CA GLU A 87 -8.06 7.28 -8.00
C GLU A 87 -8.88 8.37 -8.68
N ASP A 88 -9.05 9.48 -7.99
CA ASP A 88 -9.74 10.62 -8.56
C ASP A 88 -8.73 11.63 -9.09
N LYS A 89 -9.06 12.21 -10.23
CA LYS A 89 -8.20 13.21 -10.85
C LYS A 89 -8.32 14.52 -10.08
N ALA A 90 -9.55 14.98 -9.91
CA ALA A 90 -9.86 16.22 -9.19
C ALA A 90 -11.35 16.52 -9.29
N GLU A 91 -12.15 15.48 -9.50
CA GLU A 91 -13.54 15.66 -9.87
C GLU A 91 -14.47 14.87 -8.95
N ALA A 92 -14.02 14.66 -7.73
CA ALA A 92 -14.85 14.00 -6.73
C ALA A 92 -15.94 14.94 -6.25
N PRO A 93 -17.22 14.60 -6.52
CA PRO A 93 -18.36 15.47 -6.19
C PRO A 93 -18.70 15.45 -4.69
N ASN A 94 -17.81 14.88 -3.91
CA ASN A 94 -17.99 14.80 -2.47
C ASN A 94 -17.59 16.11 -1.81
N THR A 95 -16.46 16.64 -2.24
CA THR A 95 -15.96 17.89 -1.71
C THR A 95 -15.80 18.92 -2.82
N ILE A 96 -16.60 19.98 -2.75
CA ILE A 96 -16.57 21.03 -3.76
C ILE A 96 -16.37 22.38 -3.09
N ALA A 97 -15.65 23.28 -3.75
CA ALA A 97 -15.42 24.63 -3.23
C ALA A 97 -16.74 25.30 -2.86
N SER A 98 -17.75 25.07 -3.69
CA SER A 98 -19.10 25.52 -3.39
C SER A 98 -19.82 24.45 -2.58
N GLY A 99 -19.98 24.70 -1.29
CA GLY A 99 -20.50 23.69 -0.38
C GLY A 99 -21.94 23.31 -0.65
N SER A 100 -22.78 24.30 -0.89
CA SER A 100 -24.20 24.05 -1.10
C SER A 100 -24.80 25.13 -2.00
N MET A 1 18.27 -27.89 12.02
CA MET A 1 19.03 -27.37 10.85
C MET A 1 18.11 -26.55 9.96
N GLU A 2 18.68 -26.04 8.87
CA GLU A 2 17.98 -25.12 7.98
C GLU A 2 16.72 -25.72 7.38
N VAL A 3 15.58 -25.17 7.75
CA VAL A 3 14.32 -25.50 7.11
C VAL A 3 13.97 -24.40 6.12
N GLN A 4 13.31 -24.75 5.03
CA GLN A 4 12.94 -23.75 4.02
C GLN A 4 11.68 -23.03 4.43
N SER A 5 11.80 -22.18 5.43
CA SER A 5 10.73 -21.34 5.91
C SER A 5 11.31 -20.08 6.54
N MET A 6 11.25 -18.99 5.81
CA MET A 6 11.86 -17.74 6.24
C MET A 6 10.96 -17.02 7.24
N LEU A 7 11.57 -16.25 8.12
CA LEU A 7 10.83 -15.42 9.05
C LEU A 7 10.39 -14.14 8.36
N LEU A 8 11.25 -13.63 7.49
CA LEU A 8 10.95 -12.44 6.72
C LEU A 8 10.50 -12.85 5.32
N ASN A 9 9.25 -12.54 4.99
CA ASN A 9 8.68 -12.95 3.71
C ASN A 9 8.03 -11.77 3.02
N ASP A 10 8.49 -11.46 1.82
CA ASP A 10 7.86 -10.41 1.02
C ASP A 10 6.80 -11.01 0.10
N VAL A 11 5.55 -10.86 0.50
CA VAL A 11 4.44 -11.42 -0.24
C VAL A 11 3.97 -10.41 -1.27
N LYS A 12 3.74 -10.86 -2.49
CA LYS A 12 3.32 -9.96 -3.55
C LYS A 12 1.81 -9.79 -3.55
N TRP A 13 1.35 -8.62 -3.98
CA TRP A 13 -0.07 -8.32 -4.07
C TRP A 13 -0.64 -8.85 -5.38
N GLU A 14 -1.95 -9.04 -5.40
CA GLU A 14 -2.63 -9.45 -6.61
C GLU A 14 -2.86 -8.23 -7.48
N LYS A 15 -3.60 -7.27 -6.93
CA LYS A 15 -3.84 -6.01 -7.59
C LYS A 15 -2.81 -4.99 -7.15
N PRO A 16 -2.17 -4.33 -8.12
CA PRO A 16 -1.12 -3.33 -7.85
C PRO A 16 -1.61 -2.15 -7.02
N VAL A 17 -0.76 -1.65 -6.14
CA VAL A 17 -1.11 -0.53 -5.29
C VAL A 17 -0.34 0.72 -5.72
N THR A 18 -1.04 1.68 -6.29
CA THR A 18 -0.43 2.89 -6.79
C THR A 18 -0.57 4.04 -5.79
N ILE A 19 0.55 4.46 -5.23
CA ILE A 19 0.57 5.57 -4.30
C ILE A 19 1.03 6.84 -5.00
N SER A 20 0.14 7.82 -5.08
CA SER A 20 0.47 9.09 -5.68
C SER A 20 1.03 10.05 -4.63
N LEU A 21 2.35 10.09 -4.51
CA LEU A 21 2.98 10.94 -3.52
C LEU A 21 2.95 12.41 -3.96
N GLN A 22 3.17 13.30 -3.01
CA GLN A 22 3.01 14.73 -3.24
C GLN A 22 4.17 15.32 -4.04
N ASN A 23 5.01 14.45 -4.56
CA ASN A 23 6.08 14.86 -5.46
C ASN A 23 5.59 14.74 -6.90
N GLY A 24 4.39 14.21 -7.06
CA GLY A 24 3.87 13.93 -8.38
C GLY A 24 4.44 12.64 -8.93
N ALA A 25 4.41 11.61 -8.10
CA ALA A 25 4.97 10.33 -8.47
C ALA A 25 4.05 9.19 -8.05
N PRO A 26 3.45 8.50 -9.03
CA PRO A 26 2.64 7.31 -8.77
C PRO A 26 3.50 6.07 -8.60
N ARG A 27 3.82 5.75 -7.35
CA ARG A 27 4.65 4.60 -7.07
C ARG A 27 3.78 3.37 -6.88
N ILE A 28 3.94 2.41 -7.79
CA ILE A 28 3.14 1.20 -7.76
C ILE A 28 3.90 0.09 -7.06
N PHE A 29 3.37 -0.38 -5.94
CA PHE A 29 4.00 -1.43 -5.16
C PHE A 29 3.58 -2.80 -5.67
N ASN A 30 4.47 -3.77 -5.51
CA ASN A 30 4.19 -5.14 -5.92
C ASN A 30 4.17 -6.06 -4.71
N GLY A 31 5.01 -5.77 -3.74
CA GLY A 31 5.08 -6.59 -2.54
C GLY A 31 4.54 -5.88 -1.32
N VAL A 32 4.14 -6.64 -0.33
CA VAL A 32 3.59 -6.07 0.89
C VAL A 32 4.69 -5.54 1.80
N TYR A 33 5.83 -6.24 1.85
CA TYR A 33 6.89 -5.84 2.76
C TYR A 33 7.60 -4.59 2.26
N GLU A 34 7.77 -4.48 0.95
CA GLU A 34 8.37 -3.29 0.36
C GLU A 34 7.47 -2.08 0.61
N ALA A 35 6.18 -2.31 0.74
CA ALA A 35 5.25 -1.25 1.11
C ALA A 35 5.36 -0.93 2.59
N PHE A 36 5.44 -1.98 3.41
CA PHE A 36 5.65 -1.85 4.85
C PHE A 36 6.91 -1.04 5.13
N ASP A 37 7.99 -1.36 4.43
CA ASP A 37 9.26 -0.65 4.57
C ASP A 37 9.09 0.81 4.17
N PHE A 38 8.36 1.04 3.09
CA PHE A 38 8.05 2.38 2.61
C PHE A 38 7.32 3.18 3.70
N LEU A 39 6.33 2.54 4.31
CA LEU A 39 5.51 3.17 5.34
C LEU A 39 6.36 3.66 6.50
N GLN A 40 7.34 2.85 6.90
CA GLN A 40 8.21 3.21 8.01
C GLN A 40 9.10 4.38 7.65
N HIS A 41 9.66 4.36 6.45
CA HIS A 41 10.64 5.35 6.04
C HIS A 41 9.99 6.68 5.71
N GLU A 42 8.89 6.65 4.97
CA GLU A 42 8.28 7.89 4.53
C GLU A 42 6.81 7.71 4.16
N TRP A 43 5.98 7.64 5.17
CA TRP A 43 4.54 7.74 4.97
C TRP A 43 4.06 9.08 5.51
N PRO A 44 3.45 9.92 4.64
CA PRO A 44 3.02 11.27 4.98
C PRO A 44 2.26 11.38 6.31
N ALA A 45 1.49 10.35 6.64
CA ALA A 45 0.81 10.31 7.93
C ALA A 45 1.76 9.83 9.02
N ARG A 46 2.28 10.77 9.80
CA ARG A 46 3.31 10.46 10.79
C ARG A 46 2.72 10.32 12.19
N GLY A 47 2.18 9.15 12.51
CA GLY A 47 1.80 8.89 13.88
C GLY A 47 0.36 8.47 14.07
N ASP A 48 -0.50 8.83 13.12
CA ASP A 48 -1.92 8.59 13.25
C ASP A 48 -2.25 7.09 13.18
N ARG A 49 -3.45 6.74 13.62
CA ARG A 49 -3.95 5.37 13.54
C ARG A 49 -3.83 4.83 12.13
N ALA A 50 -4.06 5.71 11.14
CA ALA A 50 -3.93 5.32 9.74
C ALA A 50 -2.53 4.77 9.45
N HIS A 51 -1.53 5.36 10.09
CA HIS A 51 -0.16 4.91 9.97
C HIS A 51 0.01 3.57 10.69
N GLU A 52 -0.51 3.50 11.92
CA GLU A 52 -0.38 2.30 12.74
C GLU A 52 -1.03 1.09 12.06
N GLN A 53 -2.24 1.28 11.55
CA GLN A 53 -2.97 0.19 10.89
C GLN A 53 -2.19 -0.32 9.69
N ALA A 54 -1.73 0.61 8.86
CA ALA A 54 -1.03 0.27 7.62
C ALA A 54 0.12 -0.69 7.90
N LEU A 55 0.95 -0.35 8.86
CA LEU A 55 2.11 -1.18 9.22
C LEU A 55 1.69 -2.55 9.73
N ARG A 56 0.76 -2.55 10.68
CA ARG A 56 0.37 -3.79 11.35
C ARG A 56 -0.37 -4.72 10.40
N LEU A 57 -1.20 -4.15 9.54
CA LEU A 57 -1.96 -4.94 8.57
C LEU A 57 -1.03 -5.53 7.51
N CYS A 58 -0.02 -4.76 7.10
CA CYS A 58 0.97 -5.25 6.16
C CYS A 58 1.75 -6.40 6.79
N ARG A 59 2.09 -6.26 8.07
CA ARG A 59 2.77 -7.32 8.79
C ARG A 59 1.90 -8.56 8.87
N ALA A 60 0.61 -8.38 9.18
CA ALA A 60 -0.32 -9.50 9.27
C ALA A 60 -0.48 -10.18 7.90
N SER A 61 -0.28 -9.41 6.84
CA SER A 61 -0.31 -9.96 5.50
C SER A 61 0.94 -10.81 5.25
N LEU A 62 2.09 -10.30 5.71
CA LEU A 62 3.35 -11.02 5.60
C LEU A 62 3.30 -12.33 6.37
N MET A 63 2.65 -12.27 7.53
CA MET A 63 2.51 -13.45 8.40
C MET A 63 1.59 -14.48 7.77
N GLY A 64 0.76 -14.04 6.82
CA GLY A 64 -0.10 -14.96 6.10
C GLY A 64 -1.53 -14.96 6.59
N ASP A 65 -1.94 -13.89 7.24
CA ASP A 65 -3.31 -13.79 7.75
C ASP A 65 -4.15 -12.87 6.88
N VAL A 66 -3.56 -11.77 6.44
CA VAL A 66 -4.25 -10.86 5.53
C VAL A 66 -3.89 -11.20 4.09
N ALA A 67 -4.87 -11.62 3.32
CA ALA A 67 -4.62 -12.08 1.96
C ALA A 67 -4.95 -11.00 0.92
N GLY A 68 -3.93 -10.21 0.57
CA GLY A 68 -4.00 -9.32 -0.57
C GLY A 68 -5.10 -8.27 -0.51
N GLU A 69 -6.28 -8.64 -0.98
CA GLU A 69 -7.41 -7.72 -1.17
C GLU A 69 -7.71 -6.92 0.09
N ILE A 70 -7.72 -7.60 1.23
CA ILE A 70 -8.03 -6.95 2.51
C ILE A 70 -7.01 -5.85 2.81
N ALA A 71 -5.74 -6.17 2.61
CA ALA A 71 -4.67 -5.22 2.87
C ALA A 71 -4.71 -4.05 1.91
N ARG A 72 -5.03 -4.34 0.65
CA ARG A 72 -5.07 -3.31 -0.39
C ARG A 72 -6.14 -2.27 -0.06
N THR A 73 -7.32 -2.74 0.31
CA THR A 73 -8.44 -1.86 0.60
C THR A 73 -8.18 -1.01 1.84
N ALA A 74 -7.59 -1.63 2.86
CA ALA A 74 -7.26 -0.93 4.09
C ALA A 74 -6.16 0.10 3.84
N PHE A 75 -5.23 -0.24 2.95
CA PHE A 75 -4.15 0.67 2.58
C PHE A 75 -4.73 1.91 1.92
N VAL A 76 -5.63 1.71 0.97
CA VAL A 76 -6.29 2.81 0.27
C VAL A 76 -7.05 3.70 1.24
N ALA A 77 -7.68 3.08 2.25
CA ALA A 77 -8.42 3.82 3.26
C ALA A 77 -7.49 4.76 4.03
N ALA A 78 -6.26 4.33 4.24
CA ALA A 78 -5.25 5.16 4.89
C ALA A 78 -4.77 6.25 3.94
N SER A 79 -4.54 5.87 2.69
CA SER A 79 -4.10 6.79 1.66
C SER A 79 -5.12 7.91 1.43
N ARG A 80 -6.39 7.61 1.68
CA ARG A 80 -7.46 8.60 1.55
C ARG A 80 -7.22 9.80 2.46
N GLN A 81 -6.81 9.52 3.68
CA GLN A 81 -6.62 10.56 4.69
C GLN A 81 -5.36 11.37 4.39
N ALA A 82 -4.49 10.80 3.57
CA ALA A 82 -3.29 11.50 3.13
C ALA A 82 -3.51 12.11 1.75
N HIS A 83 -4.63 11.73 1.13
CA HIS A 83 -5.01 12.18 -0.21
C HIS A 83 -4.02 11.66 -1.27
N CYS A 84 -3.44 10.51 -1.00
CA CYS A 84 -2.51 9.89 -1.93
C CYS A 84 -3.19 8.73 -2.65
N LEU A 85 -4.19 9.07 -3.46
CA LEU A 85 -5.00 8.07 -4.14
C LEU A 85 -4.69 8.01 -5.63
N MET A 86 -4.67 6.81 -6.17
CA MET A 86 -4.47 6.59 -7.60
C MET A 86 -5.20 5.33 -8.04
N GLU A 87 -5.14 5.04 -9.32
CA GLU A 87 -5.84 3.90 -9.90
C GLU A 87 -4.91 3.16 -10.83
N ASP A 88 -5.39 2.06 -11.41
CA ASP A 88 -4.63 1.29 -12.40
C ASP A 88 -4.35 2.16 -13.62
N LYS A 89 -5.34 2.97 -14.00
CA LYS A 89 -5.20 3.87 -15.13
C LYS A 89 -4.57 5.18 -14.66
N ALA A 90 -3.59 5.67 -15.41
CA ALA A 90 -2.79 6.82 -15.00
C ALA A 90 -3.56 8.13 -15.10
N GLU A 91 -2.99 9.17 -14.48
CA GLU A 91 -3.59 10.49 -14.45
C GLU A 91 -3.43 11.15 -15.83
N ALA A 92 -4.53 11.64 -16.38
CA ALA A 92 -4.53 12.24 -17.71
C ALA A 92 -4.89 13.72 -17.62
N PRO A 93 -3.91 14.60 -17.86
CA PRO A 93 -4.08 16.06 -17.73
C PRO A 93 -5.17 16.63 -18.63
N ASN A 94 -4.89 16.71 -19.92
CA ASN A 94 -5.82 17.32 -20.87
C ASN A 94 -6.37 16.29 -21.83
N THR A 95 -7.67 16.39 -22.11
CA THR A 95 -8.33 15.50 -23.05
C THR A 95 -9.19 16.33 -24.00
N ILE A 96 -9.51 15.76 -25.15
CA ILE A 96 -10.28 16.47 -26.17
C ILE A 96 -11.78 16.22 -26.01
N ALA A 97 -12.57 16.80 -26.90
CA ALA A 97 -14.01 16.64 -26.86
C ALA A 97 -14.47 15.51 -27.77
N SER A 98 -15.28 14.62 -27.22
CA SER A 98 -15.82 13.51 -27.98
C SER A 98 -17.31 13.36 -27.65
N GLY A 99 -18.09 12.96 -28.63
CA GLY A 99 -19.52 12.79 -28.42
C GLY A 99 -20.08 11.62 -29.21
N SER A 100 -19.71 11.56 -30.47
CA SER A 100 -20.17 10.50 -31.34
C SER A 100 -18.99 9.93 -32.14
N MET A 1 16.46 -7.69 20.29
CA MET A 1 16.43 -9.08 20.78
C MET A 1 14.99 -9.52 21.02
N GLU A 2 14.49 -10.38 20.15
CA GLU A 2 13.13 -10.86 20.24
C GLU A 2 13.09 -12.38 20.12
N VAL A 3 12.81 -13.04 21.24
CA VAL A 3 12.88 -14.49 21.31
C VAL A 3 11.72 -15.12 20.57
N GLN A 4 12.03 -15.97 19.59
CA GLN A 4 11.04 -16.70 18.81
C GLN A 4 10.20 -15.75 17.96
N SER A 5 10.80 -14.61 17.60
CA SER A 5 10.13 -13.63 16.75
C SER A 5 9.75 -14.25 15.41
N MET A 6 8.53 -13.99 14.96
CA MET A 6 8.00 -14.60 13.75
C MET A 6 8.65 -14.01 12.52
N LEU A 7 8.71 -14.80 11.45
CA LEU A 7 9.38 -14.39 10.23
C LEU A 7 8.48 -13.50 9.39
N LEU A 8 8.98 -12.33 9.03
CA LEU A 8 8.30 -11.44 8.12
C LEU A 8 8.69 -11.78 6.68
N ASN A 9 7.86 -12.61 6.05
CA ASN A 9 8.15 -13.12 4.71
C ASN A 9 7.86 -12.05 3.67
N ASP A 10 8.58 -12.08 2.57
CA ASP A 10 8.34 -11.16 1.47
C ASP A 10 7.13 -11.62 0.67
N VAL A 11 5.99 -11.04 0.96
CA VAL A 11 4.75 -11.40 0.29
C VAL A 11 4.34 -10.32 -0.70
N LYS A 12 3.86 -10.74 -1.86
CA LYS A 12 3.42 -9.79 -2.88
C LYS A 12 1.92 -9.54 -2.80
N TRP A 13 1.50 -8.38 -3.26
CA TRP A 13 0.10 -8.00 -3.25
C TRP A 13 -0.59 -8.50 -4.50
N GLU A 14 -1.82 -8.96 -4.34
CA GLU A 14 -2.63 -9.38 -5.47
C GLU A 14 -3.05 -8.17 -6.29
N LYS A 15 -3.41 -7.10 -5.60
CA LYS A 15 -3.81 -5.87 -6.24
C LYS A 15 -2.75 -4.80 -6.04
N PRO A 16 -2.22 -4.25 -7.14
CA PRO A 16 -1.18 -3.21 -7.07
C PRO A 16 -1.69 -1.90 -6.49
N VAL A 17 -0.83 -1.24 -5.72
CA VAL A 17 -1.15 0.07 -5.18
C VAL A 17 -0.15 1.09 -5.71
N THR A 18 -0.63 2.13 -6.36
CA THR A 18 0.22 3.12 -6.98
C THR A 18 0.18 4.43 -6.20
N ILE A 19 1.15 4.63 -5.32
CA ILE A 19 1.17 5.80 -4.47
C ILE A 19 1.91 6.92 -5.17
N SER A 20 1.15 7.88 -5.68
CA SER A 20 1.73 9.03 -6.34
C SER A 20 2.05 10.10 -5.30
N LEU A 21 3.31 10.16 -4.92
CA LEU A 21 3.76 11.05 -3.86
C LEU A 21 3.85 12.48 -4.34
N GLN A 22 4.01 13.39 -3.38
CA GLN A 22 4.13 14.82 -3.66
C GLN A 22 5.42 15.11 -4.42
N ASN A 23 6.28 14.10 -4.49
CA ASN A 23 7.53 14.18 -5.25
C ASN A 23 7.22 14.17 -6.75
N GLY A 24 5.99 13.82 -7.10
CA GLY A 24 5.58 13.82 -8.48
C GLY A 24 5.83 12.48 -9.16
N ALA A 25 5.76 11.40 -8.38
CA ALA A 25 6.02 10.07 -8.91
C ALA A 25 5.12 9.02 -8.27
N PRO A 26 4.29 8.34 -9.07
CA PRO A 26 3.49 7.21 -8.62
C PRO A 26 4.32 5.94 -8.44
N ARG A 27 4.49 5.54 -7.19
CA ARG A 27 5.26 4.34 -6.87
C ARG A 27 4.32 3.16 -6.72
N ILE A 28 4.44 2.19 -7.61
CA ILE A 28 3.62 0.99 -7.58
C ILE A 28 4.21 -0.05 -6.64
N PHE A 29 3.45 -0.41 -5.62
CA PHE A 29 3.87 -1.44 -4.69
C PHE A 29 3.20 -2.76 -5.04
N ASN A 30 3.99 -3.70 -5.55
CA ASN A 30 3.48 -5.03 -5.82
C ASN A 30 3.91 -5.98 -4.71
N GLY A 31 4.80 -5.50 -3.85
CA GLY A 31 5.21 -6.27 -2.70
C GLY A 31 4.80 -5.60 -1.41
N VAL A 32 4.24 -6.37 -0.49
CA VAL A 32 3.75 -5.83 0.77
C VAL A 32 4.91 -5.37 1.65
N TYR A 33 6.01 -6.11 1.58
CA TYR A 33 7.18 -5.80 2.39
C TYR A 33 7.79 -4.47 1.96
N GLU A 34 7.76 -4.22 0.66
CA GLU A 34 8.25 -2.96 0.11
C GLU A 34 7.43 -1.78 0.64
N ALA A 35 6.12 -1.96 0.73
CA ALA A 35 5.23 -0.93 1.25
C ALA A 35 5.40 -0.80 2.76
N PHE A 36 5.65 -1.92 3.42
CA PHE A 36 5.88 -1.94 4.86
C PHE A 36 7.04 -1.01 5.24
N ASP A 37 8.17 -1.20 4.56
CA ASP A 37 9.34 -0.35 4.78
C ASP A 37 9.03 1.10 4.43
N PHE A 38 8.30 1.29 3.34
CA PHE A 38 7.92 2.62 2.87
C PHE A 38 7.14 3.37 3.95
N LEU A 39 6.17 2.69 4.57
CA LEU A 39 5.34 3.29 5.61
C LEU A 39 6.17 3.69 6.82
N GLN A 40 7.18 2.90 7.14
CA GLN A 40 8.02 3.16 8.30
C GLN A 40 9.05 4.24 8.02
N HIS A 41 9.58 4.25 6.81
CA HIS A 41 10.63 5.21 6.45
C HIS A 41 10.11 6.64 6.56
N GLU A 42 9.18 6.99 5.68
CA GLU A 42 8.60 8.32 5.74
C GLU A 42 7.32 8.41 4.93
N TRP A 43 6.21 8.12 5.58
CA TRP A 43 4.91 8.47 5.06
C TRP A 43 4.59 9.90 5.47
N PRO A 44 4.06 10.74 4.56
CA PRO A 44 3.80 12.16 4.83
C PRO A 44 2.68 12.41 5.87
N ALA A 45 2.32 11.37 6.60
CA ALA A 45 1.32 11.47 7.66
C ALA A 45 1.43 10.25 8.57
N ARG A 46 2.52 10.21 9.33
CA ARG A 46 2.79 9.08 10.21
C ARG A 46 2.48 9.44 11.66
N GLY A 47 1.86 8.51 12.37
CA GLY A 47 1.45 8.76 13.73
C GLY A 47 -0.02 8.51 13.92
N ASP A 48 -0.74 8.47 12.80
CA ASP A 48 -2.17 8.28 12.81
C ASP A 48 -2.52 6.79 12.80
N ARG A 49 -3.61 6.44 13.48
CA ARG A 49 -3.97 5.04 13.67
C ARG A 49 -4.47 4.38 12.39
N ALA A 50 -4.84 5.18 11.39
CA ALA A 50 -5.32 4.61 10.13
C ALA A 50 -4.14 4.21 9.28
N HIS A 51 -3.12 5.05 9.29
CA HIS A 51 -1.84 4.74 8.68
C HIS A 51 -1.25 3.50 9.32
N GLU A 52 -1.45 3.37 10.63
CA GLU A 52 -0.90 2.25 11.38
C GLU A 52 -1.74 0.99 11.14
N GLN A 53 -3.04 1.18 10.93
CA GLN A 53 -3.92 0.07 10.56
C GLN A 53 -3.39 -0.66 9.34
N ALA A 54 -3.00 0.11 8.33
CA ALA A 54 -2.41 -0.46 7.12
C ALA A 54 -1.06 -1.09 7.44
N LEU A 55 -0.26 -0.39 8.21
CA LEU A 55 1.08 -0.85 8.59
C LEU A 55 1.01 -2.19 9.35
N ARG A 56 0.09 -2.26 10.30
CA ARG A 56 -0.10 -3.48 11.09
C ARG A 56 -0.50 -4.64 10.19
N LEU A 57 -1.37 -4.36 9.22
CA LEU A 57 -1.82 -5.38 8.28
C LEU A 57 -0.70 -5.80 7.35
N CYS A 58 0.15 -4.85 6.96
CA CYS A 58 1.30 -5.15 6.13
C CYS A 58 2.22 -6.15 6.84
N ARG A 59 2.43 -5.93 8.13
CA ARG A 59 3.21 -6.84 8.95
C ARG A 59 2.55 -8.21 9.00
N ALA A 60 1.24 -8.20 9.23
CA ALA A 60 0.47 -9.43 9.32
C ALA A 60 0.41 -10.16 7.99
N SER A 61 0.53 -9.41 6.89
CA SER A 61 0.57 -10.01 5.56
C SER A 61 1.88 -10.75 5.37
N LEU A 62 2.95 -10.19 5.93
CA LEU A 62 4.27 -10.83 5.88
C LEU A 62 4.27 -12.10 6.73
N MET A 63 3.31 -12.16 7.65
CA MET A 63 3.12 -13.32 8.52
C MET A 63 2.20 -14.33 7.86
N GLY A 64 1.70 -13.98 6.68
CA GLY A 64 0.78 -14.86 5.97
C GLY A 64 -0.58 -14.90 6.61
N ASP A 65 -0.89 -13.91 7.44
CA ASP A 65 -2.15 -13.88 8.16
C ASP A 65 -3.19 -13.06 7.41
N VAL A 66 -2.71 -12.03 6.72
CA VAL A 66 -3.58 -11.17 5.93
C VAL A 66 -3.31 -11.37 4.44
N ALA A 67 -4.26 -11.97 3.74
CA ALA A 67 -4.07 -12.32 2.34
C ALA A 67 -4.42 -11.16 1.41
N GLY A 68 -3.42 -10.34 1.12
CA GLY A 68 -3.49 -9.38 0.03
C GLY A 68 -4.60 -8.34 0.14
N GLU A 69 -5.74 -8.64 -0.47
CA GLU A 69 -6.82 -7.66 -0.65
C GLU A 69 -7.33 -7.08 0.67
N ILE A 70 -7.25 -7.86 1.74
CA ILE A 70 -7.66 -7.37 3.05
C ILE A 70 -6.81 -6.15 3.45
N ALA A 71 -5.50 -6.32 3.34
CA ALA A 71 -4.57 -5.23 3.62
C ALA A 71 -4.77 -4.10 2.61
N ARG A 72 -5.05 -4.48 1.37
CA ARG A 72 -5.35 -3.53 0.31
C ARG A 72 -6.50 -2.61 0.71
N THR A 73 -7.60 -3.22 1.16
CA THR A 73 -8.81 -2.49 1.54
C THR A 73 -8.48 -1.41 2.58
N ALA A 74 -7.72 -1.80 3.60
CA ALA A 74 -7.36 -0.87 4.67
C ALA A 74 -6.28 0.09 4.23
N PHE A 75 -5.40 -0.36 3.34
CA PHE A 75 -4.32 0.49 2.84
C PHE A 75 -4.90 1.67 2.07
N VAL A 76 -5.90 1.39 1.25
CA VAL A 76 -6.60 2.42 0.50
C VAL A 76 -7.32 3.37 1.47
N ALA A 77 -7.89 2.81 2.52
CA ALA A 77 -8.54 3.61 3.56
C ALA A 77 -7.55 4.60 4.18
N ALA A 78 -6.35 4.13 4.45
CA ALA A 78 -5.30 4.98 5.02
C ALA A 78 -4.84 6.03 4.01
N SER A 79 -4.75 5.62 2.76
CA SER A 79 -4.30 6.50 1.68
C SER A 79 -5.34 7.60 1.40
N ARG A 80 -6.58 7.35 1.81
CA ARG A 80 -7.64 8.34 1.66
C ARG A 80 -7.29 9.63 2.38
N GLN A 81 -6.63 9.49 3.53
CA GLN A 81 -6.28 10.64 4.35
C GLN A 81 -5.17 11.46 3.70
N ALA A 82 -4.49 10.87 2.74
CA ALA A 82 -3.45 11.57 1.99
C ALA A 82 -4.05 12.28 0.79
N HIS A 83 -5.35 12.07 0.57
CA HIS A 83 -6.11 12.71 -0.50
C HIS A 83 -5.54 12.34 -1.87
N CYS A 84 -4.93 11.17 -1.95
CA CYS A 84 -4.34 10.71 -3.19
C CYS A 84 -4.58 9.22 -3.34
N LEU A 85 -5.73 8.88 -3.91
CA LEU A 85 -6.09 7.49 -4.13
C LEU A 85 -5.77 7.08 -5.55
N MET A 86 -4.96 6.04 -5.66
CA MET A 86 -4.52 5.53 -6.95
C MET A 86 -4.05 4.10 -6.80
N GLU A 87 -4.92 3.15 -7.13
CA GLU A 87 -4.54 1.75 -7.11
C GLU A 87 -3.92 1.39 -8.43
N ASP A 88 -4.74 1.43 -9.46
CA ASP A 88 -4.29 1.32 -10.83
C ASP A 88 -3.99 2.72 -11.36
N LYS A 89 -3.09 2.79 -12.33
CA LYS A 89 -2.70 4.08 -12.90
C LYS A 89 -3.78 4.64 -13.81
N ALA A 90 -3.66 5.92 -14.12
CA ALA A 90 -4.50 6.53 -15.14
C ALA A 90 -3.89 6.27 -16.52
N GLU A 91 -2.69 5.72 -16.50
CA GLU A 91 -2.02 5.28 -17.70
C GLU A 91 -2.52 3.90 -18.07
N ALA A 92 -3.47 3.84 -18.98
CA ALA A 92 -4.11 2.59 -19.34
C ALA A 92 -3.82 2.21 -20.79
N PRO A 93 -2.89 1.27 -21.01
CA PRO A 93 -2.60 0.73 -22.33
C PRO A 93 -3.72 -0.17 -22.82
N ASN A 94 -4.58 -0.55 -21.89
CA ASN A 94 -5.73 -1.40 -22.19
C ASN A 94 -6.84 -0.56 -22.82
N THR A 95 -6.68 -0.26 -24.09
CA THR A 95 -7.64 0.57 -24.79
C THR A 95 -8.52 -0.29 -25.70
N ILE A 96 -9.82 -0.04 -25.63
CA ILE A 96 -10.77 -0.77 -26.45
C ILE A 96 -10.93 -0.09 -27.80
N ALA A 97 -10.60 -0.80 -28.87
CA ALA A 97 -10.73 -0.25 -30.20
C ALA A 97 -12.13 -0.48 -30.75
N SER A 98 -13.03 0.45 -30.45
CA SER A 98 -14.40 0.35 -30.91
C SER A 98 -14.46 0.60 -32.42
N GLY A 99 -14.55 -0.48 -33.18
CA GLY A 99 -14.60 -0.38 -34.61
C GLY A 99 -15.09 -1.65 -35.27
N SER A 100 -16.09 -1.51 -36.13
CA SER A 100 -16.63 -2.63 -36.88
C SER A 100 -17.61 -2.13 -37.92
N MET A 1 17.11 -14.78 14.01
CA MET A 1 17.12 -16.17 13.52
C MET A 1 16.53 -17.10 14.58
N GLU A 2 15.85 -16.51 15.55
CA GLU A 2 15.26 -17.26 16.65
C GLU A 2 13.86 -16.73 16.91
N VAL A 3 13.28 -17.10 18.05
CA VAL A 3 11.98 -16.57 18.45
C VAL A 3 12.12 -15.08 18.78
N GLN A 4 13.28 -14.71 19.29
CA GLN A 4 13.61 -13.32 19.57
C GLN A 4 13.43 -12.46 18.32
N SER A 5 14.29 -12.68 17.33
CA SER A 5 14.20 -11.98 16.06
C SER A 5 13.81 -12.97 14.97
N MET A 6 12.58 -12.87 14.48
CA MET A 6 12.04 -13.84 13.53
C MET A 6 12.26 -13.39 12.10
N LEU A 7 12.06 -14.30 11.16
CA LEU A 7 12.24 -14.00 9.74
C LEU A 7 10.96 -13.40 9.17
N LEU A 8 11.11 -12.40 8.31
CA LEU A 8 9.97 -11.76 7.68
C LEU A 8 9.68 -12.40 6.34
N ASN A 9 8.42 -12.79 6.13
CA ASN A 9 8.03 -13.47 4.91
C ASN A 9 7.73 -12.47 3.81
N ASP A 10 8.41 -12.63 2.69
CA ASP A 10 8.17 -11.78 1.53
C ASP A 10 6.94 -12.26 0.77
N VAL A 11 5.90 -11.46 0.83
CA VAL A 11 4.64 -11.81 0.20
C VAL A 11 4.45 -11.02 -1.09
N LYS A 12 4.41 -11.72 -2.21
CA LYS A 12 4.20 -11.09 -3.50
C LYS A 12 2.80 -10.53 -3.58
N TRP A 13 2.68 -9.27 -3.95
CA TRP A 13 1.38 -8.63 -3.99
C TRP A 13 0.74 -8.81 -5.36
N GLU A 14 -0.23 -9.72 -5.42
CA GLU A 14 -0.91 -10.04 -6.67
C GLU A 14 -1.70 -8.84 -7.15
N LYS A 15 -2.52 -8.29 -6.27
CA LYS A 15 -3.25 -7.06 -6.54
C LYS A 15 -2.71 -5.96 -5.64
N PRO A 16 -1.62 -5.30 -6.06
CA PRO A 16 -0.87 -4.37 -5.24
C PRO A 16 -1.47 -2.98 -5.23
N VAL A 17 -0.76 -2.06 -4.59
CA VAL A 17 -1.19 -0.68 -4.53
C VAL A 17 -0.24 0.22 -5.30
N THR A 18 -0.78 0.90 -6.29
CA THR A 18 -0.06 1.94 -6.98
C THR A 18 -0.30 3.26 -6.25
N ILE A 19 0.63 3.59 -5.36
CA ILE A 19 0.43 4.71 -4.46
C ILE A 19 0.94 5.99 -5.10
N SER A 20 0.02 6.87 -5.41
CA SER A 20 0.35 8.13 -6.02
C SER A 20 0.76 9.13 -4.96
N LEU A 21 2.07 9.30 -4.78
CA LEU A 21 2.59 10.25 -3.82
C LEU A 21 2.15 11.67 -4.16
N GLN A 22 2.10 12.53 -3.16
CA GLN A 22 1.69 13.92 -3.34
C GLN A 22 2.60 14.65 -4.33
N ASN A 23 3.76 14.05 -4.60
CA ASN A 23 4.73 14.59 -5.54
C ASN A 23 4.35 14.25 -6.97
N GLY A 24 3.20 13.61 -7.14
CA GLY A 24 2.73 13.24 -8.47
C GLY A 24 3.45 12.03 -9.02
N ALA A 25 3.75 11.08 -8.13
CA ALA A 25 4.49 9.90 -8.52
C ALA A 25 3.84 8.63 -7.96
N PRO A 26 3.24 7.81 -8.85
CA PRO A 26 2.64 6.54 -8.47
C PRO A 26 3.69 5.43 -8.34
N ARG A 27 3.89 4.96 -7.12
CA ARG A 27 4.81 3.85 -6.88
C ARG A 27 4.04 2.55 -6.78
N ILE A 28 4.38 1.62 -7.67
CA ILE A 28 3.76 0.31 -7.67
C ILE A 28 4.52 -0.65 -6.75
N PHE A 29 3.84 -1.14 -5.73
CA PHE A 29 4.44 -2.10 -4.81
C PHE A 29 4.48 -3.48 -5.44
N ASN A 30 5.65 -4.10 -5.43
CA ASN A 30 5.83 -5.43 -6.02
C ASN A 30 5.47 -6.49 -4.99
N GLY A 31 5.63 -6.14 -3.73
CA GLY A 31 5.32 -7.05 -2.65
C GLY A 31 4.79 -6.30 -1.45
N VAL A 32 4.17 -7.01 -0.53
CA VAL A 32 3.57 -6.38 0.63
C VAL A 32 4.64 -5.82 1.56
N TYR A 33 5.82 -6.44 1.56
CA TYR A 33 6.90 -5.97 2.42
C TYR A 33 7.39 -4.60 1.94
N GLU A 34 7.41 -4.42 0.62
CA GLU A 34 7.85 -3.17 0.03
C GLU A 34 6.94 -2.02 0.48
N ALA A 35 5.66 -2.32 0.61
CA ALA A 35 4.70 -1.34 1.11
C ALA A 35 4.97 -1.02 2.58
N PHE A 36 5.11 -2.07 3.37
CA PHE A 36 5.40 -1.94 4.80
C PHE A 36 6.66 -1.12 5.03
N ASP A 37 7.69 -1.44 4.25
CA ASP A 37 8.98 -0.74 4.36
C ASP A 37 8.84 0.72 3.94
N PHE A 38 8.14 0.97 2.85
CA PHE A 38 7.94 2.33 2.35
C PHE A 38 7.25 3.20 3.39
N LEU A 39 6.30 2.61 4.12
CA LEU A 39 5.57 3.32 5.15
C LEU A 39 6.49 3.77 6.28
N GLN A 40 7.55 3.00 6.51
CA GLN A 40 8.52 3.33 7.54
C GLN A 40 9.55 4.32 7.00
N HIS A 41 9.68 4.37 5.68
CA HIS A 41 10.62 5.28 5.03
C HIS A 41 10.05 6.69 4.97
N GLU A 42 9.09 6.91 4.09
CA GLU A 42 8.52 8.23 3.89
C GLU A 42 7.04 8.16 3.54
N TRP A 43 6.22 7.90 4.54
CA TRP A 43 4.78 7.99 4.38
C TRP A 43 4.34 9.43 4.65
N PRO A 44 3.61 10.05 3.70
CA PRO A 44 3.18 11.45 3.76
C PRO A 44 2.84 11.96 5.17
N ALA A 45 1.84 11.34 5.80
CA ALA A 45 1.42 11.77 7.12
C ALA A 45 1.67 10.67 8.16
N ARG A 46 2.80 10.76 8.83
CA ARG A 46 3.17 9.76 9.84
C ARG A 46 2.84 10.26 11.23
N GLY A 47 2.41 9.36 12.09
CA GLY A 47 2.10 9.71 13.46
C GLY A 47 0.69 9.33 13.87
N ASP A 48 -0.23 9.36 12.91
CA ASP A 48 -1.64 9.12 13.22
C ASP A 48 -2.00 7.64 13.08
N ARG A 49 -3.28 7.36 13.17
CA ARG A 49 -3.80 6.00 13.15
C ARG A 49 -3.63 5.39 11.77
N ALA A 50 -3.73 6.22 10.73
CA ALA A 50 -3.62 5.75 9.36
C ALA A 50 -2.29 5.06 9.12
N HIS A 51 -1.20 5.77 9.44
CA HIS A 51 0.14 5.20 9.31
C HIS A 51 0.29 3.95 10.17
N GLU A 52 -0.25 4.01 11.38
CA GLU A 52 -0.14 2.89 12.32
C GLU A 52 -0.83 1.64 11.79
N GLN A 53 -2.10 1.76 11.44
CA GLN A 53 -2.89 0.62 11.00
C GLN A 53 -2.39 0.11 9.65
N ALA A 54 -1.89 1.01 8.81
CA ALA A 54 -1.32 0.63 7.53
C ALA A 54 -0.13 -0.31 7.75
N LEU A 55 0.65 -0.03 8.80
CA LEU A 55 1.76 -0.88 9.17
C LEU A 55 1.24 -2.25 9.61
N ARG A 56 0.24 -2.24 10.48
CA ARG A 56 -0.36 -3.49 10.98
C ARG A 56 -0.87 -4.35 9.84
N LEU A 57 -1.57 -3.73 8.90
CA LEU A 57 -2.13 -4.44 7.75
C LEU A 57 -1.04 -5.17 6.97
N CYS A 58 0.02 -4.45 6.65
CA CYS A 58 1.13 -5.03 5.90
C CYS A 58 1.89 -6.05 6.76
N ARG A 59 2.10 -5.71 8.02
CA ARG A 59 2.80 -6.57 8.96
C ARG A 59 2.09 -7.91 9.11
N ALA A 60 0.78 -7.86 9.31
CA ALA A 60 -0.01 -9.07 9.44
C ALA A 60 -0.01 -9.88 8.14
N SER A 61 -0.01 -9.16 7.02
CA SER A 61 0.00 -9.79 5.72
C SER A 61 1.32 -10.56 5.52
N LEU A 62 2.39 -10.04 6.10
CA LEU A 62 3.71 -10.68 6.01
C LEU A 62 3.77 -11.92 6.89
N MET A 63 2.80 -12.04 7.79
CA MET A 63 2.69 -13.23 8.63
C MET A 63 1.72 -14.21 8.00
N GLY A 64 1.11 -13.80 6.91
CA GLY A 64 0.14 -14.63 6.22
C GLY A 64 -1.27 -14.45 6.75
N ASP A 65 -1.47 -13.41 7.54
CA ASP A 65 -2.78 -13.15 8.13
C ASP A 65 -3.70 -12.48 7.12
N VAL A 66 -3.11 -11.64 6.27
CA VAL A 66 -3.87 -10.93 5.26
C VAL A 66 -3.58 -11.52 3.87
N ALA A 67 -4.63 -11.78 3.11
CA ALA A 67 -4.50 -12.39 1.79
C ALA A 67 -4.13 -11.35 0.71
N GLY A 68 -3.44 -10.29 1.11
CA GLY A 68 -2.97 -9.30 0.15
C GLY A 68 -4.05 -8.33 -0.32
N GLU A 69 -5.13 -8.88 -0.88
CA GLU A 69 -6.21 -8.06 -1.44
C GLU A 69 -6.81 -7.13 -0.37
N ILE A 70 -7.04 -7.68 0.81
CA ILE A 70 -7.60 -6.90 1.92
C ILE A 70 -6.66 -5.75 2.30
N ALA A 71 -5.36 -6.00 2.19
CA ALA A 71 -4.36 -5.00 2.52
C ALA A 71 -4.48 -3.80 1.59
N ARG A 72 -4.73 -4.06 0.30
CA ARG A 72 -4.90 -2.99 -0.68
C ARG A 72 -6.07 -2.10 -0.31
N THR A 73 -7.23 -2.71 -0.10
CA THR A 73 -8.45 -1.97 0.18
C THR A 73 -8.31 -1.10 1.42
N ALA A 74 -7.85 -1.71 2.51
CA ALA A 74 -7.71 -1.01 3.78
C ALA A 74 -6.60 0.04 3.72
N PHE A 75 -5.62 -0.19 2.85
CA PHE A 75 -4.52 0.76 2.67
C PHE A 75 -5.03 2.04 2.02
N VAL A 76 -5.86 1.88 0.99
CA VAL A 76 -6.44 3.03 0.29
C VAL A 76 -7.29 3.86 1.26
N ALA A 77 -8.01 3.18 2.14
CA ALA A 77 -8.82 3.85 3.14
C ALA A 77 -7.94 4.68 4.08
N ALA A 78 -6.79 4.13 4.44
CA ALA A 78 -5.84 4.83 5.31
C ALA A 78 -5.17 5.98 4.57
N SER A 79 -4.90 5.75 3.29
CA SER A 79 -4.26 6.77 2.44
C SER A 79 -5.14 8.02 2.33
N ARG A 80 -6.44 7.85 2.51
CA ARG A 80 -7.37 8.96 2.45
C ARG A 80 -7.08 9.98 3.55
N GLN A 81 -6.69 9.50 4.71
CA GLN A 81 -6.44 10.35 5.86
C GLN A 81 -5.17 11.18 5.66
N ALA A 82 -4.38 10.79 4.66
CA ALA A 82 -3.17 11.53 4.30
C ALA A 82 -3.37 12.27 2.99
N HIS A 83 -4.59 12.17 2.44
CA HIS A 83 -4.94 12.81 1.17
C HIS A 83 -4.08 12.30 0.01
N CYS A 84 -3.49 11.13 0.20
CA CYS A 84 -2.65 10.54 -0.82
C CYS A 84 -3.45 9.50 -1.60
N LEU A 85 -4.49 9.97 -2.26
CA LEU A 85 -5.45 9.09 -2.90
C LEU A 85 -5.28 9.02 -4.41
N MET A 86 -5.25 7.81 -4.92
CA MET A 86 -5.41 7.57 -6.34
C MET A 86 -6.86 7.16 -6.59
N GLU A 87 -7.51 7.75 -7.59
CA GLU A 87 -8.93 7.51 -7.82
C GLU A 87 -9.21 6.09 -8.34
N ASP A 88 -8.17 5.27 -8.47
CA ASP A 88 -8.27 3.91 -9.01
C ASP A 88 -8.49 3.94 -10.52
N LYS A 89 -9.19 4.97 -10.99
CA LYS A 89 -9.48 5.16 -12.41
C LYS A 89 -8.19 5.30 -13.23
N ALA A 90 -7.12 5.75 -12.56
CA ALA A 90 -5.83 5.92 -13.21
C ALA A 90 -5.26 4.60 -13.69
N GLU A 91 -5.66 3.52 -13.02
CA GLU A 91 -5.21 2.18 -13.37
C GLU A 91 -6.36 1.20 -13.17
N ALA A 92 -7.12 1.01 -14.23
CA ALA A 92 -8.40 0.31 -14.15
C ALA A 92 -8.24 -1.21 -14.18
N PRO A 93 -8.68 -1.89 -13.11
CA PRO A 93 -8.70 -3.35 -13.05
C PRO A 93 -9.98 -3.92 -13.66
N ASN A 94 -10.77 -3.06 -14.29
CA ASN A 94 -12.04 -3.46 -14.89
C ASN A 94 -11.81 -4.16 -16.22
N THR A 95 -10.55 -4.20 -16.64
CA THR A 95 -10.16 -4.86 -17.87
C THR A 95 -10.46 -6.35 -17.83
N ILE A 96 -10.34 -6.91 -16.64
CA ILE A 96 -10.66 -8.32 -16.42
C ILE A 96 -12.17 -8.55 -16.51
N ALA A 97 -12.92 -7.62 -15.94
CA ALA A 97 -14.38 -7.71 -15.94
C ALA A 97 -14.93 -7.50 -17.34
N SER A 98 -15.87 -8.36 -17.74
CA SER A 98 -16.46 -8.28 -19.07
C SER A 98 -17.31 -7.02 -19.19
N GLY A 99 -18.24 -6.85 -18.26
CA GLY A 99 -19.12 -5.71 -18.31
C GLY A 99 -18.83 -4.71 -17.21
N SER A 100 -18.52 -3.48 -17.61
CA SER A 100 -18.27 -2.41 -16.67
C SER A 100 -19.43 -1.43 -16.66
N MET A 1 26.17 -12.30 5.24
CA MET A 1 27.18 -12.55 4.20
C MET A 1 26.56 -12.41 2.81
N GLU A 2 25.82 -13.42 2.40
CA GLU A 2 25.13 -13.39 1.12
C GLU A 2 23.76 -12.75 1.25
N VAL A 3 23.15 -12.93 2.42
CA VAL A 3 21.83 -12.37 2.68
C VAL A 3 21.87 -11.46 3.90
N GLN A 4 21.64 -10.18 3.68
CA GLN A 4 21.63 -9.20 4.78
C GLN A 4 20.30 -9.23 5.51
N SER A 5 19.22 -9.02 4.77
CA SER A 5 17.90 -8.94 5.37
C SER A 5 17.21 -10.31 5.39
N MET A 6 17.06 -10.88 6.59
CA MET A 6 16.36 -12.13 6.75
C MET A 6 14.87 -11.88 6.94
N LEU A 7 14.13 -11.89 5.83
CA LEU A 7 12.69 -11.74 5.89
C LEU A 7 12.05 -13.12 6.00
N LEU A 8 11.05 -13.25 6.86
CA LEU A 8 10.41 -14.54 7.10
C LEU A 8 9.63 -14.99 5.88
N ASN A 9 8.63 -14.21 5.51
CA ASN A 9 7.77 -14.55 4.39
C ASN A 9 7.53 -13.33 3.51
N ASP A 10 8.13 -13.34 2.32
CA ASP A 10 7.95 -12.24 1.39
C ASP A 10 6.63 -12.40 0.65
N VAL A 11 5.59 -11.81 1.21
CA VAL A 11 4.25 -11.91 0.65
C VAL A 11 4.02 -10.78 -0.33
N LYS A 12 3.90 -11.13 -1.60
CA LYS A 12 3.70 -10.13 -2.63
C LYS A 12 2.24 -10.04 -3.04
N TRP A 13 1.89 -8.91 -3.63
CA TRP A 13 0.51 -8.65 -4.04
C TRP A 13 0.25 -9.17 -5.45
N GLU A 14 -0.96 -8.88 -5.95
CA GLU A 14 -1.32 -9.23 -7.31
C GLU A 14 -0.36 -8.59 -8.30
N LYS A 15 -0.39 -7.26 -8.33
CA LYS A 15 0.43 -6.48 -9.26
C LYS A 15 0.08 -4.98 -9.17
N PRO A 16 -1.20 -4.58 -9.39
CA PRO A 16 -1.59 -3.17 -9.41
C PRO A 16 -1.76 -2.57 -8.01
N VAL A 17 -0.66 -2.24 -7.37
CA VAL A 17 -0.70 -1.53 -6.11
C VAL A 17 -0.04 -0.17 -6.27
N THR A 18 -0.83 0.80 -6.69
CA THR A 18 -0.33 2.14 -7.00
C THR A 18 -0.64 3.12 -5.89
N ILE A 19 0.39 3.57 -5.20
CA ILE A 19 0.23 4.54 -4.14
C ILE A 19 0.66 5.92 -4.64
N SER A 20 -0.11 6.93 -4.28
CA SER A 20 0.19 8.28 -4.72
C SER A 20 0.46 9.18 -3.52
N LEU A 21 1.47 10.02 -3.63
CA LEU A 21 1.86 10.91 -2.53
C LEU A 21 1.69 12.37 -2.94
N GLN A 22 1.85 13.27 -1.97
CA GLN A 22 1.76 14.71 -2.22
C GLN A 22 2.92 15.17 -3.11
N ASN A 23 3.93 14.32 -3.23
CA ASN A 23 5.09 14.60 -4.07
C ASN A 23 4.75 14.34 -5.53
N GLY A 24 3.53 13.88 -5.80
CA GLY A 24 3.10 13.61 -7.15
C GLY A 24 3.84 12.43 -7.76
N ALA A 25 3.91 11.34 -7.03
CA ALA A 25 4.61 10.15 -7.52
C ALA A 25 3.85 8.88 -7.18
N PRO A 26 3.13 8.32 -8.17
CA PRO A 26 2.45 7.04 -8.04
C PRO A 26 3.41 5.87 -8.22
N ARG A 27 3.58 5.08 -7.19
CA ARG A 27 4.48 3.94 -7.23
C ARG A 27 3.73 2.63 -7.14
N ILE A 28 4.21 1.64 -7.85
CA ILE A 28 3.62 0.31 -7.84
C ILE A 28 4.40 -0.60 -6.89
N PHE A 29 3.73 -1.05 -5.85
CA PHE A 29 4.32 -2.02 -4.94
C PHE A 29 4.12 -3.43 -5.46
N ASN A 30 5.18 -4.22 -5.44
CA ASN A 30 5.11 -5.58 -5.93
C ASN A 30 4.63 -6.48 -4.80
N GLY A 31 5.04 -6.13 -3.59
CA GLY A 31 4.64 -6.90 -2.44
C GLY A 31 4.36 -6.03 -1.24
N VAL A 32 3.96 -6.66 -0.14
CA VAL A 32 3.55 -5.94 1.04
C VAL A 32 4.76 -5.42 1.83
N TYR A 33 5.90 -6.07 1.67
CA TYR A 33 7.09 -5.67 2.39
C TYR A 33 7.58 -4.31 1.92
N GLU A 34 7.58 -4.11 0.61
CA GLU A 34 7.95 -2.83 0.01
C GLU A 34 7.03 -1.72 0.53
N ALA A 35 5.76 -2.07 0.67
CA ALA A 35 4.77 -1.13 1.19
C ALA A 35 5.09 -0.74 2.63
N PHE A 36 5.32 -1.75 3.47
CA PHE A 36 5.65 -1.52 4.87
C PHE A 36 6.95 -0.76 5.01
N ASP A 37 7.96 -1.18 4.24
CA ASP A 37 9.27 -0.55 4.27
C ASP A 37 9.16 0.91 3.88
N PHE A 38 8.36 1.19 2.85
CA PHE A 38 8.13 2.55 2.39
C PHE A 38 7.50 3.40 3.49
N LEU A 39 6.46 2.85 4.13
CA LEU A 39 5.75 3.54 5.19
C LEU A 39 6.69 3.85 6.35
N GLN A 40 7.46 2.86 6.78
CA GLN A 40 8.38 3.01 7.89
C GLN A 40 9.51 3.97 7.53
N HIS A 41 9.99 3.88 6.29
CA HIS A 41 11.08 4.72 5.83
C HIS A 41 10.65 6.18 5.74
N GLU A 42 9.67 6.46 4.91
CA GLU A 42 9.22 7.82 4.71
C GLU A 42 7.80 7.87 4.17
N TRP A 43 6.84 7.84 5.09
CA TRP A 43 5.45 8.13 4.78
C TRP A 43 5.16 9.56 5.23
N PRO A 44 4.95 10.47 4.28
CA PRO A 44 4.81 11.92 4.55
C PRO A 44 3.47 12.30 5.18
N ALA A 45 2.93 11.41 5.99
CA ALA A 45 1.68 11.66 6.68
C ALA A 45 1.70 10.98 8.04
N ARG A 46 1.30 11.72 9.06
CA ARG A 46 1.29 11.20 10.42
C ARG A 46 0.01 11.61 11.12
N GLY A 47 -0.36 10.87 12.15
CA GLY A 47 -1.59 11.16 12.87
C GLY A 47 -1.76 10.27 14.08
N ASP A 48 -2.55 9.22 13.94
CA ASP A 48 -2.83 8.34 15.06
C ASP A 48 -3.07 6.90 14.59
N ARG A 49 -4.32 6.46 14.56
CA ARG A 49 -4.64 5.06 14.30
C ARG A 49 -4.56 4.71 12.83
N ALA A 50 -4.85 5.66 11.95
CA ALA A 50 -4.77 5.42 10.51
C ALA A 50 -3.35 5.05 10.10
N HIS A 51 -2.38 5.61 10.82
CA HIS A 51 -0.98 5.31 10.58
C HIS A 51 -0.62 3.95 11.17
N GLU A 52 -1.12 3.71 12.38
CA GLU A 52 -0.89 2.43 13.08
C GLU A 52 -1.48 1.26 12.29
N GLN A 53 -2.73 1.42 11.85
CA GLN A 53 -3.40 0.38 11.09
C GLN A 53 -2.64 0.01 9.83
N ALA A 54 -2.15 1.02 9.12
CA ALA A 54 -1.38 0.80 7.91
C ALA A 54 -0.18 -0.11 8.17
N LEU A 55 0.51 0.15 9.27
CA LEU A 55 1.66 -0.66 9.65
C LEU A 55 1.23 -2.08 10.04
N ARG A 56 0.12 -2.16 10.77
CA ARG A 56 -0.40 -3.45 11.23
C ARG A 56 -0.85 -4.32 10.06
N LEU A 57 -1.61 -3.72 9.15
CA LEU A 57 -2.14 -4.44 7.99
C LEU A 57 -1.00 -5.02 7.15
N CYS A 58 0.06 -4.26 6.99
CA CYS A 58 1.21 -4.70 6.20
C CYS A 58 1.90 -5.90 6.85
N ARG A 59 2.17 -5.81 8.15
CA ARG A 59 2.88 -6.88 8.84
C ARG A 59 2.01 -8.13 8.97
N ALA A 60 0.71 -7.92 9.12
CA ALA A 60 -0.22 -9.04 9.19
C ALA A 60 -0.22 -9.83 7.89
N SER A 61 -0.22 -9.12 6.77
CA SER A 61 -0.20 -9.74 5.46
C SER A 61 1.09 -10.53 5.26
N LEU A 62 2.19 -10.01 5.81
CA LEU A 62 3.50 -10.68 5.70
C LEU A 62 3.54 -11.99 6.48
N MET A 63 2.59 -12.17 7.38
CA MET A 63 2.50 -13.41 8.14
C MET A 63 1.47 -14.34 7.53
N GLY A 64 0.73 -13.85 6.56
CA GLY A 64 -0.28 -14.65 5.90
C GLY A 64 -1.67 -14.43 6.47
N ASP A 65 -1.79 -13.46 7.37
CA ASP A 65 -3.06 -13.15 8.01
C ASP A 65 -4.07 -12.60 7.02
N VAL A 66 -3.55 -11.92 5.99
CA VAL A 66 -4.38 -11.31 4.99
C VAL A 66 -4.03 -11.85 3.61
N ALA A 67 -5.06 -12.20 2.83
CA ALA A 67 -4.87 -12.79 1.51
C ALA A 67 -4.59 -11.73 0.45
N GLY A 68 -4.12 -10.57 0.88
CA GLY A 68 -3.79 -9.51 -0.06
C GLY A 68 -4.96 -8.59 -0.37
N GLU A 69 -6.13 -9.19 -0.62
CA GLU A 69 -7.33 -8.43 -0.97
C GLU A 69 -7.66 -7.37 0.06
N ILE A 70 -7.95 -7.81 1.28
CA ILE A 70 -8.31 -6.91 2.38
C ILE A 70 -7.23 -5.86 2.59
N ALA A 71 -5.99 -6.26 2.43
CA ALA A 71 -4.86 -5.36 2.63
C ALA A 71 -4.82 -4.29 1.54
N ARG A 72 -5.17 -4.67 0.32
CA ARG A 72 -5.10 -3.74 -0.81
C ARG A 72 -6.10 -2.61 -0.64
N THR A 73 -7.34 -2.95 -0.31
CA THR A 73 -8.40 -1.96 -0.15
C THR A 73 -8.16 -1.11 1.10
N ALA A 74 -7.78 -1.76 2.18
CA ALA A 74 -7.54 -1.07 3.44
C ALA A 74 -6.33 -0.13 3.34
N PHE A 75 -5.33 -0.54 2.57
CA PHE A 75 -4.14 0.27 2.37
C PHE A 75 -4.50 1.57 1.67
N VAL A 76 -5.33 1.47 0.63
CA VAL A 76 -5.79 2.64 -0.11
C VAL A 76 -6.55 3.59 0.83
N ALA A 77 -7.35 3.02 1.72
CA ALA A 77 -8.11 3.81 2.68
C ALA A 77 -7.19 4.56 3.64
N ALA A 78 -6.16 3.89 4.13
CA ALA A 78 -5.21 4.49 5.06
C ALA A 78 -4.37 5.55 4.37
N SER A 79 -4.10 5.34 3.08
CA SER A 79 -3.25 6.25 2.31
C SER A 79 -3.99 7.54 1.97
N ARG A 80 -5.26 7.65 2.35
CA ARG A 80 -6.04 8.85 2.06
C ARG A 80 -5.49 10.06 2.81
N GLN A 81 -4.59 9.80 3.77
CA GLN A 81 -3.90 10.85 4.49
C GLN A 81 -3.16 11.78 3.53
N ALA A 82 -2.62 11.19 2.47
CA ALA A 82 -1.85 11.93 1.49
C ALA A 82 -2.75 12.82 0.63
N HIS A 83 -4.06 12.55 0.67
CA HIS A 83 -5.05 13.29 -0.12
C HIS A 83 -4.74 13.19 -1.61
N CYS A 84 -4.25 12.03 -2.02
CA CYS A 84 -3.92 11.80 -3.42
C CYS A 84 -3.85 10.31 -3.67
N LEU A 85 -4.92 9.77 -4.22
CA LEU A 85 -4.98 8.36 -4.57
C LEU A 85 -5.27 8.20 -6.05
N MET A 86 -5.33 6.98 -6.55
CA MET A 86 -5.77 6.75 -7.92
C MET A 86 -7.25 7.12 -8.06
N GLU A 87 -8.00 6.92 -6.99
CA GLU A 87 -9.38 7.40 -6.93
C GLU A 87 -9.41 8.75 -6.21
N ASP A 88 -8.87 9.76 -6.86
CA ASP A 88 -8.81 11.10 -6.30
C ASP A 88 -9.09 12.12 -7.37
N LYS A 89 -9.95 13.06 -7.06
CA LYS A 89 -10.31 14.11 -8.00
C LYS A 89 -9.58 15.39 -7.69
N ALA A 90 -8.78 15.87 -8.65
CA ALA A 90 -8.11 17.15 -8.53
C ALA A 90 -9.13 18.28 -8.52
N GLU A 91 -10.28 18.00 -9.12
CA GLU A 91 -11.40 18.94 -9.12
C GLU A 91 -12.01 18.99 -7.74
N ALA A 92 -12.61 20.11 -7.38
CA ALA A 92 -13.23 20.26 -6.07
C ALA A 92 -14.74 20.36 -6.19
N PRO A 93 -15.44 19.26 -5.94
CA PRO A 93 -16.91 19.23 -5.95
C PRO A 93 -17.49 19.88 -4.71
N ASN A 94 -18.68 20.43 -4.85
CA ASN A 94 -19.35 21.07 -3.72
C ASN A 94 -20.40 20.13 -3.14
N THR A 95 -21.04 19.37 -4.01
CA THR A 95 -21.98 18.36 -3.59
C THR A 95 -21.32 16.99 -3.63
N ILE A 96 -21.13 16.40 -2.46
CA ILE A 96 -20.39 15.14 -2.36
C ILE A 96 -21.24 14.08 -1.69
N ALA A 97 -21.74 13.15 -2.50
CA ALA A 97 -22.50 12.02 -1.97
C ALA A 97 -21.55 10.93 -1.50
N SER A 98 -21.27 10.94 -0.20
CA SER A 98 -20.31 10.01 0.37
C SER A 98 -20.90 8.60 0.45
N GLY A 99 -20.25 7.67 -0.24
CA GLY A 99 -20.71 6.30 -0.22
C GLY A 99 -19.56 5.32 -0.07
N SER A 100 -19.58 4.27 -0.88
CA SER A 100 -18.53 3.27 -0.89
C SER A 100 -18.45 2.56 0.47
N MET A 1 -0.12 -13.42 12.78
CA MET A 1 -0.51 -13.89 14.13
C MET A 1 0.37 -13.21 15.16
N GLU A 2 0.12 -13.50 16.42
CA GLU A 2 0.94 -12.97 17.51
C GLU A 2 2.38 -13.46 17.36
N VAL A 3 2.52 -14.74 17.08
CA VAL A 3 3.83 -15.33 16.85
C VAL A 3 4.29 -15.06 15.42
N GLN A 4 5.33 -14.25 15.28
CA GLN A 4 5.91 -13.99 13.98
C GLN A 4 7.30 -14.57 13.91
N SER A 5 7.68 -15.00 12.72
CA SER A 5 9.00 -15.55 12.48
C SER A 5 10.02 -14.43 12.41
N MET A 6 11.25 -14.70 12.84
CA MET A 6 12.31 -13.71 12.78
C MET A 6 12.65 -13.43 11.31
N LEU A 7 12.39 -14.42 10.46
CA LEU A 7 12.53 -14.26 9.03
C LEU A 7 11.22 -13.76 8.45
N LEU A 8 11.27 -12.59 7.82
CA LEU A 8 10.08 -12.01 7.19
C LEU A 8 9.83 -12.66 5.84
N ASN A 9 8.56 -12.83 5.50
CA ASN A 9 8.18 -13.53 4.29
C ASN A 9 7.87 -12.54 3.16
N ASP A 10 8.28 -12.89 1.95
CA ASP A 10 8.01 -12.05 0.79
C ASP A 10 6.61 -12.30 0.28
N VAL A 11 5.68 -11.48 0.71
CA VAL A 11 4.29 -11.64 0.31
C VAL A 11 3.97 -10.70 -0.84
N LYS A 12 3.75 -11.28 -2.01
CA LYS A 12 3.38 -10.52 -3.18
C LYS A 12 1.88 -10.23 -3.17
N TRP A 13 1.50 -9.07 -3.67
CA TRP A 13 0.10 -8.69 -3.74
C TRP A 13 -0.56 -9.33 -4.96
N GLU A 14 -1.83 -9.71 -4.80
CA GLU A 14 -2.61 -10.23 -5.90
C GLU A 14 -2.73 -9.16 -6.98
N LYS A 15 -3.11 -7.98 -6.55
CA LYS A 15 -3.22 -6.82 -7.41
C LYS A 15 -2.43 -5.67 -6.81
N PRO A 16 -1.25 -5.40 -7.39
CA PRO A 16 -0.32 -4.37 -6.89
C PRO A 16 -0.99 -3.00 -6.68
N VAL A 17 -0.50 -2.25 -5.70
CA VAL A 17 -1.13 -1.00 -5.31
C VAL A 17 -0.29 0.20 -5.74
N THR A 18 -0.93 1.12 -6.46
CA THR A 18 -0.28 2.34 -6.91
C THR A 18 -0.42 3.45 -5.86
N ILE A 19 0.71 3.87 -5.29
CA ILE A 19 0.74 4.93 -4.29
C ILE A 19 1.60 6.10 -4.78
N SER A 20 1.12 7.32 -4.58
CA SER A 20 1.86 8.50 -4.99
C SER A 20 2.64 9.07 -3.81
N LEU A 21 3.96 9.07 -3.93
CA LEU A 21 4.81 9.63 -2.89
C LEU A 21 4.69 11.16 -2.89
N GLN A 22 5.17 11.80 -1.83
CA GLN A 22 5.07 13.25 -1.68
C GLN A 22 5.76 13.99 -2.83
N ASN A 23 6.73 13.33 -3.47
CA ASN A 23 7.45 13.92 -4.59
C ASN A 23 6.57 13.99 -5.83
N GLY A 24 5.46 13.27 -5.81
CA GLY A 24 4.59 13.22 -6.98
C GLY A 24 5.00 12.10 -7.91
N ALA A 25 5.01 10.89 -7.40
CA ALA A 25 5.40 9.72 -8.18
C ALA A 25 4.59 8.51 -7.78
N PRO A 26 3.76 7.99 -8.70
CA PRO A 26 2.94 6.81 -8.46
C PRO A 26 3.75 5.52 -8.58
N ARG A 27 4.10 4.96 -7.43
CA ARG A 27 4.81 3.70 -7.39
C ARG A 27 3.84 2.56 -7.18
N ILE A 28 3.96 1.55 -8.01
CA ILE A 28 3.12 0.37 -7.89
C ILE A 28 3.84 -0.69 -7.04
N PHE A 29 3.28 -0.96 -5.87
CA PHE A 29 3.87 -1.94 -4.96
C PHE A 29 3.43 -3.34 -5.35
N ASN A 30 4.39 -4.17 -5.71
CA ASN A 30 4.12 -5.52 -6.16
C ASN A 30 3.96 -6.45 -4.96
N GLY A 31 4.59 -6.07 -3.87
CA GLY A 31 4.55 -6.88 -2.67
C GLY A 31 4.37 -6.03 -1.44
N VAL A 32 3.90 -6.66 -0.37
CA VAL A 32 3.64 -5.95 0.89
C VAL A 32 4.92 -5.34 1.45
N TYR A 33 6.04 -6.01 1.21
CA TYR A 33 7.32 -5.55 1.73
C TYR A 33 7.69 -4.17 1.20
N GLU A 34 7.42 -3.94 -0.09
CA GLU A 34 7.71 -2.65 -0.71
C GLU A 34 6.92 -1.55 -0.03
N ALA A 35 5.66 -1.84 0.26
CA ALA A 35 4.77 -0.90 0.90
C ALA A 35 5.14 -0.69 2.35
N PHE A 36 5.40 -1.78 3.07
CA PHE A 36 5.76 -1.71 4.48
C PHE A 36 7.04 -0.90 4.68
N ASP A 37 8.02 -1.14 3.81
CA ASP A 37 9.25 -0.35 3.82
C ASP A 37 8.93 1.12 3.57
N PHE A 38 8.18 1.37 2.52
CA PHE A 38 7.77 2.73 2.15
C PHE A 38 7.12 3.45 3.34
N LEU A 39 6.26 2.73 4.05
CA LEU A 39 5.55 3.27 5.20
C LEU A 39 6.52 3.82 6.25
N GLN A 40 7.56 3.05 6.55
CA GLN A 40 8.51 3.43 7.59
C GLN A 40 9.47 4.51 7.11
N HIS A 41 9.57 4.68 5.80
CA HIS A 41 10.43 5.72 5.24
C HIS A 41 9.69 7.05 5.20
N GLU A 42 8.61 7.12 4.43
CA GLU A 42 7.90 8.38 4.27
C GLU A 42 6.45 8.14 3.84
N TRP A 43 5.61 7.79 4.81
CA TRP A 43 4.18 7.65 4.57
C TRP A 43 3.48 8.99 4.80
N PRO A 44 2.93 9.58 3.72
CA PRO A 44 2.27 10.90 3.76
C PRO A 44 1.24 11.06 4.88
N ALA A 45 0.48 10.01 5.17
CA ALA A 45 -0.54 10.08 6.21
C ALA A 45 0.08 9.87 7.59
N ARG A 46 0.58 10.95 8.17
CA ARG A 46 1.24 10.90 9.45
C ARG A 46 0.32 11.37 10.57
N GLY A 47 0.51 10.81 11.75
CA GLY A 47 -0.31 11.15 12.89
C GLY A 47 -0.21 10.10 13.97
N ASP A 48 -1.17 9.19 14.02
CA ASP A 48 -1.12 8.08 14.95
C ASP A 48 -1.87 6.87 14.41
N ARG A 49 -3.19 6.89 14.55
CA ARG A 49 -4.03 5.73 14.25
C ARG A 49 -4.06 5.43 12.75
N ALA A 50 -4.01 6.47 11.93
CA ALA A 50 -4.01 6.29 10.48
C ALA A 50 -2.68 5.69 10.02
N HIS A 51 -1.61 6.16 10.62
CA HIS A 51 -0.28 5.65 10.34
C HIS A 51 -0.13 4.24 10.89
N GLU A 52 -0.58 4.07 12.13
CA GLU A 52 -0.57 2.80 12.83
C GLU A 52 -1.24 1.71 12.00
N GLN A 53 -2.49 1.94 11.63
CA GLN A 53 -3.28 0.96 10.90
C GLN A 53 -2.54 0.46 9.66
N ALA A 54 -2.00 1.39 8.89
CA ALA A 54 -1.28 1.05 7.66
C ALA A 54 -0.15 0.06 7.93
N LEU A 55 0.66 0.34 8.95
CA LEU A 55 1.78 -0.53 9.27
C LEU A 55 1.32 -1.84 9.90
N ARG A 56 0.28 -1.76 10.73
CA ARG A 56 -0.26 -2.95 11.39
C ARG A 56 -0.79 -3.96 10.38
N LEU A 57 -1.43 -3.45 9.34
CA LEU A 57 -1.96 -4.29 8.27
C LEU A 57 -0.83 -4.98 7.51
N CYS A 58 0.17 -4.19 7.13
CA CYS A 58 1.30 -4.70 6.37
C CYS A 58 2.13 -5.69 7.20
N ARG A 59 2.22 -5.45 8.50
CA ARG A 59 2.94 -6.35 9.39
C ARG A 59 2.29 -7.73 9.41
N ALA A 60 0.96 -7.75 9.43
CA ALA A 60 0.22 -9.00 9.44
C ALA A 60 0.24 -9.65 8.05
N SER A 61 0.20 -8.82 7.02
CA SER A 61 0.20 -9.31 5.65
C SER A 61 1.51 -10.04 5.32
N LEU A 62 2.62 -9.60 5.92
CA LEU A 62 3.92 -10.23 5.69
C LEU A 62 4.00 -11.62 6.31
N MET A 63 2.99 -11.98 7.10
CA MET A 63 2.93 -13.31 7.70
C MET A 63 1.86 -14.15 7.03
N GLY A 64 1.11 -13.52 6.12
CA GLY A 64 0.06 -14.22 5.41
C GLY A 64 -1.25 -14.23 6.17
N ASP A 65 -1.39 -13.32 7.12
CA ASP A 65 -2.62 -13.20 7.89
C ASP A 65 -3.72 -12.54 7.07
N VAL A 66 -3.32 -11.55 6.29
CA VAL A 66 -4.26 -10.79 5.48
C VAL A 66 -4.11 -11.17 4.01
N ALA A 67 -5.20 -11.65 3.41
CA ALA A 67 -5.16 -12.14 2.04
C ALA A 67 -5.18 -11.01 1.01
N GLY A 68 -3.98 -10.56 0.65
CA GLY A 68 -3.79 -9.69 -0.50
C GLY A 68 -4.70 -8.48 -0.56
N GLU A 69 -5.75 -8.57 -1.38
CA GLU A 69 -6.64 -7.46 -1.67
C GLU A 69 -7.28 -6.89 -0.41
N ILE A 70 -7.43 -7.71 0.62
CA ILE A 70 -8.00 -7.24 1.88
C ILE A 70 -7.13 -6.14 2.47
N ALA A 71 -5.82 -6.37 2.49
CA ALA A 71 -4.87 -5.37 2.97
C ALA A 71 -4.84 -4.19 2.00
N ARG A 72 -4.95 -4.49 0.72
CA ARG A 72 -4.96 -3.48 -0.33
C ARG A 72 -6.12 -2.51 -0.13
N THR A 73 -7.31 -3.03 0.08
CA THR A 73 -8.50 -2.21 0.25
C THR A 73 -8.42 -1.40 1.54
N ALA A 74 -7.95 -2.03 2.61
CA ALA A 74 -7.79 -1.34 3.89
C ALA A 74 -6.71 -0.27 3.81
N PHE A 75 -5.70 -0.53 3.00
CA PHE A 75 -4.62 0.43 2.78
C PHE A 75 -5.17 1.65 2.05
N VAL A 76 -6.11 1.42 1.14
CA VAL A 76 -6.80 2.50 0.45
C VAL A 76 -7.55 3.38 1.45
N ALA A 77 -8.16 2.76 2.44
CA ALA A 77 -8.88 3.48 3.48
C ALA A 77 -7.94 4.40 4.26
N ALA A 78 -6.72 3.93 4.51
CA ALA A 78 -5.73 4.74 5.21
C ALA A 78 -5.21 5.85 4.32
N SER A 79 -5.04 5.54 3.04
CA SER A 79 -4.54 6.49 2.06
C SER A 79 -5.55 7.61 1.81
N ARG A 80 -6.79 7.36 2.22
CA ARG A 80 -7.87 8.32 2.02
C ARG A 80 -7.60 9.62 2.77
N GLN A 81 -6.99 9.51 3.95
CA GLN A 81 -6.70 10.68 4.77
C GLN A 81 -5.75 11.64 4.05
N ALA A 82 -4.74 11.08 3.41
CA ALA A 82 -3.75 11.89 2.71
C ALA A 82 -4.18 12.17 1.28
N HIS A 83 -5.35 11.63 0.91
CA HIS A 83 -5.89 11.77 -0.45
C HIS A 83 -4.90 11.19 -1.46
N CYS A 84 -4.20 10.14 -1.06
CA CYS A 84 -3.21 9.49 -1.91
C CYS A 84 -3.89 8.41 -2.76
N LEU A 85 -5.14 8.66 -3.11
CA LEU A 85 -5.93 7.68 -3.84
C LEU A 85 -5.72 7.83 -5.34
N MET A 86 -5.29 6.74 -5.94
CA MET A 86 -5.10 6.68 -7.38
C MET A 86 -5.56 5.34 -7.91
N GLU A 87 -5.94 5.33 -9.17
CA GLU A 87 -6.24 4.09 -9.87
C GLU A 87 -4.93 3.47 -10.34
N ASP A 88 -4.87 2.15 -10.35
CA ASP A 88 -3.68 1.47 -10.82
C ASP A 88 -3.56 1.62 -12.33
N LYS A 89 -2.35 1.85 -12.81
CA LYS A 89 -2.09 2.10 -14.22
C LYS A 89 -2.83 3.36 -14.68
N ALA A 90 -2.98 4.32 -13.76
CA ALA A 90 -3.70 5.56 -14.04
C ALA A 90 -3.05 6.34 -15.19
N GLU A 91 -1.74 6.25 -15.30
CA GLU A 91 -1.03 6.90 -16.38
C GLU A 91 -0.77 5.89 -17.50
N ALA A 92 -1.61 5.93 -18.52
CA ALA A 92 -1.55 4.96 -19.60
C ALA A 92 -1.21 5.63 -20.92
N PRO A 93 -0.16 5.15 -21.59
CA PRO A 93 0.24 5.67 -22.90
C PRO A 93 -0.67 5.19 -24.03
N ASN A 94 -0.49 5.77 -25.21
CA ASN A 94 -1.29 5.44 -26.40
C ASN A 94 -2.78 5.64 -26.13
N THR A 95 -3.20 6.88 -26.07
CA THR A 95 -4.60 7.21 -25.84
C THR A 95 -5.21 7.82 -27.10
N ILE A 96 -6.51 7.63 -27.27
CA ILE A 96 -7.20 8.16 -28.43
C ILE A 96 -8.42 8.99 -28.01
N ALA A 97 -8.28 10.31 -28.11
CA ALA A 97 -9.35 11.21 -27.74
C ALA A 97 -9.62 12.19 -28.87
N SER A 98 -8.75 13.18 -29.01
CA SER A 98 -8.88 14.15 -30.08
C SER A 98 -7.56 14.26 -30.85
N GLY A 99 -7.56 13.74 -32.07
CA GLY A 99 -6.37 13.80 -32.90
C GLY A 99 -6.20 15.17 -33.55
N SER A 100 -6.16 16.19 -32.72
CA SER A 100 -5.98 17.55 -33.18
C SER A 100 -4.85 18.21 -32.40
N MET A 1 11.39 -11.50 -13.20
CA MET A 1 11.93 -12.88 -13.30
C MET A 1 11.20 -13.79 -12.34
N GLU A 2 10.60 -14.85 -12.87
CA GLU A 2 9.77 -15.73 -12.06
C GLU A 2 10.61 -16.47 -11.03
N VAL A 3 10.18 -16.41 -9.78
CA VAL A 3 10.86 -17.12 -8.70
C VAL A 3 9.93 -18.17 -8.11
N GLN A 4 10.41 -19.40 -8.03
CA GLN A 4 9.61 -20.51 -7.52
C GLN A 4 9.41 -20.41 -6.01
N SER A 5 10.46 -19.98 -5.31
CA SER A 5 10.40 -19.94 -3.86
C SER A 5 9.78 -18.62 -3.38
N MET A 6 8.47 -18.66 -3.16
CA MET A 6 7.77 -17.54 -2.57
C MET A 6 7.12 -17.99 -1.27
N LEU A 7 7.59 -17.43 -0.17
CA LEU A 7 7.17 -17.87 1.16
C LEU A 7 5.85 -17.23 1.55
N LEU A 8 5.25 -17.73 2.63
CA LEU A 8 3.98 -17.21 3.13
C LEU A 8 4.16 -15.80 3.69
N ASN A 9 5.38 -15.49 4.10
CA ASN A 9 5.69 -14.16 4.61
C ASN A 9 6.29 -13.30 3.51
N ASP A 10 6.41 -13.88 2.33
CA ASP A 10 6.79 -13.15 1.14
C ASP A 10 5.54 -12.96 0.28
N VAL A 11 4.68 -12.07 0.72
CA VAL A 11 3.37 -11.91 0.14
C VAL A 11 3.38 -10.76 -0.87
N LYS A 12 2.94 -11.07 -2.08
CA LYS A 12 2.92 -10.10 -3.14
C LYS A 12 1.48 -9.76 -3.49
N TRP A 13 1.25 -8.63 -4.11
CA TRP A 13 -0.09 -8.17 -4.37
C TRP A 13 -0.63 -8.69 -5.69
N GLU A 14 -1.87 -9.15 -5.64
CA GLU A 14 -2.59 -9.60 -6.82
C GLU A 14 -2.95 -8.40 -7.68
N LYS A 15 -3.13 -7.28 -7.00
CA LYS A 15 -3.35 -6.00 -7.65
C LYS A 15 -2.40 -4.98 -7.04
N PRO A 16 -1.31 -4.65 -7.76
CA PRO A 16 -0.28 -3.73 -7.28
C PRO A 16 -0.85 -2.39 -6.84
N VAL A 17 -0.25 -1.81 -5.81
CA VAL A 17 -0.68 -0.52 -5.29
C VAL A 17 0.28 0.56 -5.76
N THR A 18 -0.26 1.59 -6.38
CA THR A 18 0.55 2.69 -6.86
C THR A 18 0.24 3.95 -6.07
N ILE A 19 1.20 4.36 -5.25
CA ILE A 19 1.02 5.54 -4.39
C ILE A 19 1.84 6.70 -4.91
N SER A 20 1.18 7.82 -5.17
CA SER A 20 1.87 9.01 -5.62
C SER A 20 2.38 9.81 -4.43
N LEU A 21 3.70 9.93 -4.33
CA LEU A 21 4.32 10.69 -3.26
C LEU A 21 4.11 12.19 -3.41
N GLN A 22 4.68 12.96 -2.48
CA GLN A 22 4.50 14.41 -2.44
C GLN A 22 5.12 15.04 -3.69
N ASN A 23 6.19 14.42 -4.18
CA ASN A 23 6.86 14.89 -5.40
C ASN A 23 6.09 14.47 -6.64
N GLY A 24 4.92 13.87 -6.44
CA GLY A 24 4.13 13.40 -7.56
C GLY A 24 4.75 12.19 -8.21
N ALA A 25 5.39 11.36 -7.40
CA ALA A 25 6.04 10.16 -7.89
C ALA A 25 5.29 8.92 -7.43
N PRO A 26 4.56 8.29 -8.35
CA PRO A 26 3.80 7.07 -8.07
C PRO A 26 4.70 5.84 -8.00
N ARG A 27 4.82 5.28 -6.80
CA ARG A 27 5.61 4.07 -6.61
C ARG A 27 4.70 2.85 -6.72
N ILE A 28 5.07 1.91 -7.58
CA ILE A 28 4.28 0.70 -7.77
C ILE A 28 4.74 -0.38 -6.80
N PHE A 29 3.93 -0.65 -5.80
CA PHE A 29 4.23 -1.68 -4.82
C PHE A 29 3.64 -3.00 -5.29
N ASN A 30 4.51 -3.98 -5.49
CA ASN A 30 4.09 -5.27 -5.98
C ASN A 30 4.10 -6.28 -4.84
N GLY A 31 4.75 -5.88 -3.74
CA GLY A 31 4.80 -6.71 -2.57
C GLY A 31 4.38 -5.92 -1.34
N VAL A 32 3.78 -6.61 -0.38
CA VAL A 32 3.31 -5.95 0.83
C VAL A 32 4.47 -5.44 1.67
N TYR A 33 5.61 -6.12 1.57
CA TYR A 33 6.79 -5.71 2.33
C TYR A 33 7.28 -4.35 1.84
N GLU A 34 7.15 -4.11 0.55
CA GLU A 34 7.57 -2.85 -0.05
C GLU A 34 6.72 -1.70 0.50
N ALA A 35 5.43 -1.97 0.63
CA ALA A 35 4.50 -0.99 1.15
C ALA A 35 4.78 -0.71 2.63
N PHE A 36 5.05 -1.77 3.38
CA PHE A 36 5.41 -1.64 4.79
C PHE A 36 6.65 -0.77 4.95
N ASP A 37 7.65 -1.03 4.11
CA ASP A 37 8.89 -0.26 4.11
C ASP A 37 8.60 1.20 3.76
N PHE A 38 7.77 1.37 2.74
CA PHE A 38 7.37 2.70 2.27
C PHE A 38 6.78 3.55 3.39
N LEU A 39 5.88 2.94 4.18
CA LEU A 39 5.17 3.64 5.24
C LEU A 39 6.10 4.16 6.33
N GLN A 40 7.30 3.61 6.40
CA GLN A 40 8.26 4.04 7.41
C GLN A 40 9.26 5.03 6.85
N HIS A 41 9.57 4.90 5.57
CA HIS A 41 10.59 5.75 4.97
C HIS A 41 10.03 7.10 4.55
N GLU A 42 8.81 7.12 4.01
CA GLU A 42 8.22 8.36 3.56
C GLU A 42 6.71 8.21 3.37
N TRP A 43 5.96 8.36 4.46
CA TRP A 43 4.51 8.35 4.39
C TRP A 43 3.96 9.70 4.86
N PRO A 44 3.42 10.50 3.92
CA PRO A 44 2.93 11.87 4.21
C PRO A 44 1.76 11.93 5.19
N ALA A 45 0.90 10.92 5.16
CA ALA A 45 -0.29 10.91 6.01
C ALA A 45 0.08 10.59 7.46
N ARG A 46 0.00 11.61 8.30
CA ARG A 46 0.41 11.46 9.69
C ARG A 46 -0.80 11.30 10.59
N GLY A 47 -0.54 11.15 11.89
CA GLY A 47 -1.61 10.88 12.83
C GLY A 47 -1.28 9.71 13.72
N ASP A 48 -0.31 8.91 13.26
CA ASP A 48 0.20 7.75 14.00
C ASP A 48 -0.81 6.61 14.09
N ARG A 49 -2.01 6.90 14.57
CA ARG A 49 -3.04 5.87 14.72
C ARG A 49 -3.40 5.26 13.37
N ALA A 50 -3.65 6.10 12.38
CA ALA A 50 -3.93 5.63 11.02
C ALA A 50 -2.66 5.03 10.40
N HIS A 51 -1.51 5.56 10.82
CA HIS A 51 -0.22 5.08 10.33
C HIS A 51 0.05 3.67 10.84
N GLU A 52 -0.19 3.45 12.12
CA GLU A 52 0.01 2.17 12.76
C GLU A 52 -0.95 1.13 12.19
N GLN A 53 -2.15 1.59 11.86
CA GLN A 53 -3.16 0.72 11.25
C GLN A 53 -2.65 0.12 9.95
N ALA A 54 -2.16 0.99 9.07
CA ALA A 54 -1.63 0.56 7.79
C ALA A 54 -0.44 -0.38 7.98
N LEU A 55 0.40 -0.06 8.96
CA LEU A 55 1.55 -0.89 9.30
C LEU A 55 1.10 -2.27 9.76
N ARG A 56 0.08 -2.29 10.61
CA ARG A 56 -0.42 -3.54 11.17
C ARG A 56 -0.96 -4.44 10.07
N LEU A 57 -1.66 -3.85 9.11
CA LEU A 57 -2.20 -4.58 7.97
C LEU A 57 -1.07 -5.24 7.18
N CYS A 58 0.01 -4.49 6.96
CA CYS A 58 1.16 -5.01 6.25
C CYS A 58 1.84 -6.10 7.06
N ARG A 59 1.97 -5.88 8.37
CA ARG A 59 2.61 -6.85 9.25
C ARG A 59 1.86 -8.18 9.25
N ALA A 60 0.54 -8.12 9.32
CA ALA A 60 -0.29 -9.33 9.32
C ALA A 60 -0.11 -10.11 8.03
N SER A 61 -0.01 -9.39 6.92
CA SER A 61 0.20 -10.01 5.62
C SER A 61 1.56 -10.71 5.60
N LEU A 62 2.54 -10.07 6.21
CA LEU A 62 3.89 -10.62 6.28
C LEU A 62 4.03 -11.55 7.47
N MET A 63 2.92 -11.88 8.11
CA MET A 63 2.94 -12.70 9.31
C MET A 63 2.29 -14.05 9.05
N GLY A 64 1.05 -14.05 8.58
CA GLY A 64 0.35 -15.31 8.40
C GLY A 64 -0.82 -15.25 7.44
N ASP A 65 -1.87 -14.52 7.80
CA ASP A 65 -3.14 -14.66 7.12
C ASP A 65 -3.76 -13.32 6.74
N VAL A 66 -3.41 -12.85 5.56
CA VAL A 66 -4.12 -11.76 4.90
C VAL A 66 -4.19 -12.07 3.39
N ALA A 67 -5.41 -12.09 2.86
CA ALA A 67 -5.62 -12.44 1.47
C ALA A 67 -5.44 -11.27 0.52
N GLY A 68 -4.17 -10.98 0.19
CA GLY A 68 -3.80 -10.06 -0.89
C GLY A 68 -4.72 -8.86 -1.11
N GLU A 69 -5.72 -9.04 -1.99
CA GLU A 69 -6.64 -7.98 -2.38
C GLU A 69 -7.27 -7.28 -1.16
N ILE A 70 -7.51 -8.04 -0.10
CA ILE A 70 -8.09 -7.48 1.12
C ILE A 70 -7.18 -6.39 1.69
N ALA A 71 -5.89 -6.69 1.78
CA ALA A 71 -4.90 -5.73 2.24
C ALA A 71 -4.86 -4.50 1.34
N ARG A 72 -5.08 -4.72 0.04
CA ARG A 72 -5.06 -3.62 -0.92
C ARG A 72 -6.16 -2.61 -0.62
N THR A 73 -7.38 -3.10 -0.51
CA THR A 73 -8.52 -2.23 -0.22
C THR A 73 -8.36 -1.58 1.15
N ALA A 74 -7.83 -2.32 2.11
CA ALA A 74 -7.57 -1.80 3.44
C ALA A 74 -6.49 -0.72 3.40
N PHE A 75 -5.52 -0.91 2.50
CA PHE A 75 -4.45 0.06 2.33
C PHE A 75 -5.00 1.34 1.71
N VAL A 76 -5.97 1.19 0.81
CA VAL A 76 -6.64 2.34 0.21
C VAL A 76 -7.44 3.10 1.28
N ALA A 77 -8.05 2.35 2.20
CA ALA A 77 -8.79 2.94 3.30
C ALA A 77 -7.86 3.69 4.24
N ALA A 78 -6.63 3.22 4.33
CA ALA A 78 -5.61 3.87 5.15
C ALA A 78 -5.02 5.09 4.43
N SER A 79 -4.75 4.93 3.15
CA SER A 79 -4.17 6.00 2.35
C SER A 79 -5.20 7.09 2.06
N ARG A 80 -6.47 6.82 2.37
CA ARG A 80 -7.52 7.82 2.22
C ARG A 80 -7.22 8.99 3.15
N GLN A 81 -6.48 8.72 4.23
CA GLN A 81 -6.10 9.75 5.18
C GLN A 81 -5.07 10.70 4.58
N ALA A 82 -4.52 10.34 3.42
CA ALA A 82 -3.58 11.20 2.72
C ALA A 82 -4.35 12.19 1.84
N HIS A 83 -5.67 11.96 1.73
CA HIS A 83 -6.57 12.85 0.99
C HIS A 83 -6.23 12.88 -0.50
N CYS A 84 -5.61 11.81 -1.00
CA CYS A 84 -5.25 11.72 -2.40
C CYS A 84 -5.14 10.26 -2.82
N LEU A 85 -6.23 9.71 -3.34
CA LEU A 85 -6.25 8.34 -3.81
C LEU A 85 -6.01 8.29 -5.32
N MET A 86 -5.26 7.30 -5.77
CA MET A 86 -4.95 7.18 -7.19
C MET A 86 -6.18 6.76 -7.97
N GLU A 87 -7.02 5.93 -7.38
CA GLU A 87 -8.20 5.42 -8.06
C GLU A 87 -9.32 6.46 -8.00
N ASP A 88 -10.02 6.61 -9.13
CA ASP A 88 -11.02 7.66 -9.30
C ASP A 88 -10.41 9.02 -9.01
N LYS A 89 -9.45 9.40 -9.84
CA LYS A 89 -8.70 10.63 -9.65
C LYS A 89 -8.71 11.45 -10.95
N ALA A 90 -9.45 10.98 -11.94
CA ALA A 90 -9.55 11.65 -13.23
C ALA A 90 -10.55 12.79 -13.16
N GLU A 91 -10.48 13.56 -12.07
CA GLU A 91 -11.39 14.67 -11.79
C GLU A 91 -12.78 14.15 -11.45
N ALA A 92 -13.30 14.60 -10.32
CA ALA A 92 -14.60 14.16 -9.84
C ALA A 92 -15.64 15.27 -9.96
N PRO A 93 -16.54 15.16 -10.94
CA PRO A 93 -17.62 16.13 -11.14
C PRO A 93 -18.81 15.88 -10.22
N ASN A 94 -18.93 14.64 -9.76
CA ASN A 94 -20.03 14.24 -8.88
C ASN A 94 -19.49 13.41 -7.72
N THR A 95 -20.11 13.54 -6.56
CA THR A 95 -19.72 12.76 -5.40
C THR A 95 -20.68 11.60 -5.19
N ILE A 96 -20.37 10.73 -4.23
CA ILE A 96 -21.24 9.59 -3.94
C ILE A 96 -22.54 10.06 -3.28
N ALA A 97 -22.57 11.32 -2.87
CA ALA A 97 -23.74 11.89 -2.22
C ALA A 97 -24.82 12.27 -3.24
N SER A 98 -24.47 12.24 -4.51
CA SER A 98 -25.43 12.53 -5.57
C SER A 98 -26.23 11.28 -5.89
N GLY A 99 -27.47 11.24 -5.45
CA GLY A 99 -28.29 10.07 -5.66
C GLY A 99 -29.59 10.40 -6.35
N SER A 100 -29.68 11.62 -6.87
CA SER A 100 -30.86 12.06 -7.60
C SER A 100 -30.45 12.86 -8.82
#